data_1O41
# 
_entry.id   1O41 
# 
_audit_conform.dict_name       mmcif_pdbx.dic 
_audit_conform.dict_version    5.397 
_audit_conform.dict_location   http://mmcif.pdb.org/dictionaries/ascii/mmcif_pdbx.dic 
# 
loop_
_database_2.database_id 
_database_2.database_code 
_database_2.pdbx_database_accession 
_database_2.pdbx_DOI 
PDB   1O41         pdb_00001o41 10.2210/pdb1o41/pdb 
RCSB  RCSB001776   ?            ?                   
WWPDB D_1000001776 ?            ?                   
# 
loop_
_pdbx_audit_revision_history.ordinal 
_pdbx_audit_revision_history.data_content_type 
_pdbx_audit_revision_history.major_revision 
_pdbx_audit_revision_history.minor_revision 
_pdbx_audit_revision_history.revision_date 
1 'Structure model' 1 0 2004-02-17 
2 'Structure model' 1 1 2008-04-26 
3 'Structure model' 1 2 2011-07-13 
4 'Structure model' 1 3 2023-08-16 
5 'Structure model' 1 4 2024-10-16 
# 
_pdbx_audit_revision_details.ordinal             1 
_pdbx_audit_revision_details.revision_ordinal    1 
_pdbx_audit_revision_details.data_content_type   'Structure model' 
_pdbx_audit_revision_details.provider            repository 
_pdbx_audit_revision_details.type                'Initial release' 
_pdbx_audit_revision_details.description         ? 
_pdbx_audit_revision_details.details             ? 
# 
loop_
_pdbx_audit_revision_group.ordinal 
_pdbx_audit_revision_group.revision_ordinal 
_pdbx_audit_revision_group.data_content_type 
_pdbx_audit_revision_group.group 
1 2 'Structure model' 'Version format compliance' 
2 3 'Structure model' 'Version format compliance' 
3 4 'Structure model' 'Data collection'           
4 4 'Structure model' 'Database references'       
5 4 'Structure model' 'Derived calculations'      
6 4 'Structure model' 'Refinement description'    
7 5 'Structure model' 'Structure summary'         
# 
loop_
_pdbx_audit_revision_category.ordinal 
_pdbx_audit_revision_category.revision_ordinal 
_pdbx_audit_revision_category.data_content_type 
_pdbx_audit_revision_category.category 
1 4 'Structure model' chem_comp_atom                
2 4 'Structure model' chem_comp_bond                
3 4 'Structure model' database_2                    
4 4 'Structure model' pdbx_initial_refinement_model 
5 4 'Structure model' struct_conn                   
6 4 'Structure model' struct_site                   
7 5 'Structure model' pdbx_entry_details            
8 5 'Structure model' pdbx_modification_feature     
# 
loop_
_pdbx_audit_revision_item.ordinal 
_pdbx_audit_revision_item.revision_ordinal 
_pdbx_audit_revision_item.data_content_type 
_pdbx_audit_revision_item.item 
1 4 'Structure model' '_database_2.pdbx_DOI'                
2 4 'Structure model' '_database_2.pdbx_database_accession' 
3 4 'Structure model' '_struct_conn.pdbx_leaving_atom_flag' 
4 4 'Structure model' '_struct_site.pdbx_auth_asym_id'      
5 4 'Structure model' '_struct_site.pdbx_auth_comp_id'      
6 4 'Structure model' '_struct_site.pdbx_auth_seq_id'       
# 
_pdbx_database_status.status_code                     REL 
_pdbx_database_status.entry_id                        1O41 
_pdbx_database_status.recvd_initial_deposition_date   2003-06-15 
_pdbx_database_status.deposit_site                    RCSB 
_pdbx_database_status.process_site                    RCSB 
_pdbx_database_status.SG_entry                        . 
_pdbx_database_status.pdb_format_compatible           Y 
_pdbx_database_status.status_code_mr                  ? 
_pdbx_database_status.status_code_sf                  ? 
_pdbx_database_status.status_code_cs                  ? 
_pdbx_database_status.status_code_nmr_data            ? 
_pdbx_database_status.methods_development_category    ? 
# 
loop_
_audit_author.name 
_audit_author.pdbx_ordinal 
'Lange, G.'  1 
'Loenze, P.' 2 
'Liesum, A.' 3 
# 
_citation.id                        primary 
_citation.title                     
;Requirements for specific binding of low affinity inhibitor fragments to the SH2 domain of (pp60)Src are identical to those for high affinity binding of full length inhibitors.
;
_citation.journal_abbrev            J.Med.Chem. 
_citation.journal_volume            46 
_citation.page_first                5184 
_citation.page_last                 5195 
_citation.year                      2003 
_citation.journal_id_ASTM           JMCMAR 
_citation.country                   US 
_citation.journal_id_ISSN           0022-2623 
_citation.journal_id_CSD            0151 
_citation.book_publisher            ? 
_citation.pdbx_database_id_PubMed   14613321 
_citation.pdbx_database_id_DOI      10.1021/jm020970s 
# 
loop_
_citation_author.citation_id 
_citation_author.name 
_citation_author.ordinal 
_citation_author.identifier_ORCID 
primary 'Lange, G.'       1  ? 
primary 'Lesuisse, D.'    2  ? 
primary 'Deprez, P.'      3  ? 
primary 'Schoot, B.'      4  ? 
primary 'Loenze, P.'      5  ? 
primary 'Benard, D.'      6  ? 
primary 'Marquette, J.P.' 7  ? 
primary 'Broto, P.'       8  ? 
primary 'Sarubbi, E.'     9  ? 
primary 'Mandine, E.'     10 ? 
# 
loop_
_entity.id 
_entity.type 
_entity.src_method 
_entity.pdbx_description 
_entity.formula_weight 
_entity.pdbx_number_of_molecules 
_entity.pdbx_ec 
_entity.pdbx_mutation 
_entity.pdbx_fragment 
_entity.details 
1 polymer     man 'PROTO-ONCOGENE TYROSINE-PROTEIN KINASE SRC'    12374.964 1   2.7.1.112 ? 'SH2 DOMAIN' ? 
2 non-polymer syn '2-FORMYL-6-METHOXYPHENYL DIHYDROGEN PHOSPHATE' 232.127   1   ?         ? ?            ? 
3 water       nat water                                           18.015    143 ?         ? ?            ? 
# 
_entity_name_com.entity_id   1 
_entity_name_com.name        'P60-SRC, C-SRC' 
# 
_entity_poly.entity_id                      1 
_entity_poly.type                           'polypeptide(L)' 
_entity_poly.nstd_linkage                   no 
_entity_poly.nstd_monomer                   no 
_entity_poly.pdbx_seq_one_letter_code       
;SIQAEEWYFGKITRRESERLLLNAENPRGTFLVRESETTKGAYCLSVSDFDNAKGLNVKHYKIRKLDSGGFYITSRTQFN
SLQQLVAYYSKHADGLCHRLTTVCPTSK
;
_entity_poly.pdbx_seq_one_letter_code_can   
;SIQAEEWYFGKITRRESERLLLNAENPRGTFLVRESETTKGAYCLSVSDFDNAKGLNVKHYKIRKLDSGGFYITSRTQFN
SLQQLVAYYSKHADGLCHRLTTVCPTSK
;
_entity_poly.pdbx_strand_id                 A 
_entity_poly.pdbx_target_identifier         ? 
# 
loop_
_pdbx_entity_nonpoly.entity_id 
_pdbx_entity_nonpoly.name 
_pdbx_entity_nonpoly.comp_id 
2 '2-FORMYL-6-METHOXYPHENYL DIHYDROGEN PHOSPHATE' 300 
3 water                                           HOH 
# 
loop_
_entity_poly_seq.entity_id 
_entity_poly_seq.num 
_entity_poly_seq.mon_id 
_entity_poly_seq.hetero 
1 1   SER n 
1 2   ILE n 
1 3   GLN n 
1 4   ALA n 
1 5   GLU n 
1 6   GLU n 
1 7   TRP n 
1 8   TYR n 
1 9   PHE n 
1 10  GLY n 
1 11  LYS n 
1 12  ILE n 
1 13  THR n 
1 14  ARG n 
1 15  ARG n 
1 16  GLU n 
1 17  SER n 
1 18  GLU n 
1 19  ARG n 
1 20  LEU n 
1 21  LEU n 
1 22  LEU n 
1 23  ASN n 
1 24  ALA n 
1 25  GLU n 
1 26  ASN n 
1 27  PRO n 
1 28  ARG n 
1 29  GLY n 
1 30  THR n 
1 31  PHE n 
1 32  LEU n 
1 33  VAL n 
1 34  ARG n 
1 35  GLU n 
1 36  SER n 
1 37  GLU n 
1 38  THR n 
1 39  THR n 
1 40  LYS n 
1 41  GLY n 
1 42  ALA n 
1 43  TYR n 
1 44  CYS n 
1 45  LEU n 
1 46  SER n 
1 47  VAL n 
1 48  SER n 
1 49  ASP n 
1 50  PHE n 
1 51  ASP n 
1 52  ASN n 
1 53  ALA n 
1 54  LYS n 
1 55  GLY n 
1 56  LEU n 
1 57  ASN n 
1 58  VAL n 
1 59  LYS n 
1 60  HIS n 
1 61  TYR n 
1 62  LYS n 
1 63  ILE n 
1 64  ARG n 
1 65  LYS n 
1 66  LEU n 
1 67  ASP n 
1 68  SER n 
1 69  GLY n 
1 70  GLY n 
1 71  PHE n 
1 72  TYR n 
1 73  ILE n 
1 74  THR n 
1 75  SER n 
1 76  ARG n 
1 77  THR n 
1 78  GLN n 
1 79  PHE n 
1 80  ASN n 
1 81  SER n 
1 82  LEU n 
1 83  GLN n 
1 84  GLN n 
1 85  LEU n 
1 86  VAL n 
1 87  ALA n 
1 88  TYR n 
1 89  TYR n 
1 90  SER n 
1 91  LYS n 
1 92  HIS n 
1 93  ALA n 
1 94  ASP n 
1 95  GLY n 
1 96  LEU n 
1 97  CYS n 
1 98  HIS n 
1 99  ARG n 
1 100 LEU n 
1 101 THR n 
1 102 THR n 
1 103 VAL n 
1 104 CYS n 
1 105 PRO n 
1 106 THR n 
1 107 SER n 
1 108 LYS n 
# 
_entity_src_gen.entity_id                          1 
_entity_src_gen.pdbx_src_id                        1 
_entity_src_gen.pdbx_alt_source_flag               sample 
_entity_src_gen.pdbx_seq_type                      ? 
_entity_src_gen.pdbx_beg_seq_num                   ? 
_entity_src_gen.pdbx_end_seq_num                   ? 
_entity_src_gen.gene_src_common_name               human 
_entity_src_gen.gene_src_genus                     Homo 
_entity_src_gen.pdbx_gene_src_gene                 SRC 
_entity_src_gen.gene_src_species                   ? 
_entity_src_gen.gene_src_strain                    ? 
_entity_src_gen.gene_src_tissue                    ? 
_entity_src_gen.gene_src_tissue_fraction           ? 
_entity_src_gen.gene_src_details                   ? 
_entity_src_gen.pdbx_gene_src_fragment             ? 
_entity_src_gen.pdbx_gene_src_scientific_name      'Homo sapiens' 
_entity_src_gen.pdbx_gene_src_ncbi_taxonomy_id     9606 
_entity_src_gen.pdbx_gene_src_variant              ? 
_entity_src_gen.pdbx_gene_src_cell_line            ? 
_entity_src_gen.pdbx_gene_src_atcc                 ? 
_entity_src_gen.pdbx_gene_src_organ                ? 
_entity_src_gen.pdbx_gene_src_organelle            ? 
_entity_src_gen.pdbx_gene_src_cell                 ? 
_entity_src_gen.pdbx_gene_src_cellular_location    ? 
_entity_src_gen.host_org_common_name               ? 
_entity_src_gen.pdbx_host_org_scientific_name      'Escherichia coli' 
_entity_src_gen.pdbx_host_org_ncbi_taxonomy_id     562 
_entity_src_gen.host_org_genus                     Escherichia 
_entity_src_gen.pdbx_host_org_gene                 ? 
_entity_src_gen.pdbx_host_org_organ                ? 
_entity_src_gen.host_org_species                   ? 
_entity_src_gen.pdbx_host_org_tissue               ? 
_entity_src_gen.pdbx_host_org_tissue_fraction      ? 
_entity_src_gen.pdbx_host_org_strain               ? 
_entity_src_gen.pdbx_host_org_variant              ? 
_entity_src_gen.pdbx_host_org_cell_line            ? 
_entity_src_gen.pdbx_host_org_atcc                 ? 
_entity_src_gen.pdbx_host_org_culture_collection   ? 
_entity_src_gen.pdbx_host_org_cell                 ? 
_entity_src_gen.pdbx_host_org_organelle            ? 
_entity_src_gen.pdbx_host_org_cellular_location    ? 
_entity_src_gen.pdbx_host_org_vector_type          ? 
_entity_src_gen.pdbx_host_org_vector               ? 
_entity_src_gen.host_org_details                   ? 
_entity_src_gen.expression_system_id               ? 
_entity_src_gen.plasmid_name                       'BL21 (DE3)' 
_entity_src_gen.plasmid_details                    ? 
_entity_src_gen.pdbx_description                   ? 
# 
loop_
_chem_comp.id 
_chem_comp.type 
_chem_comp.mon_nstd_flag 
_chem_comp.name 
_chem_comp.pdbx_synonyms 
_chem_comp.formula 
_chem_comp.formula_weight 
300 non-polymer         . '2-FORMYL-6-METHOXYPHENYL DIHYDROGEN PHOSPHATE' RU78300 'C8 H9 O6 P'     232.127 
ALA 'L-peptide linking' y ALANINE                                         ?       'C3 H7 N O2'     89.093  
ARG 'L-peptide linking' y ARGININE                                        ?       'C6 H15 N4 O2 1' 175.209 
ASN 'L-peptide linking' y ASPARAGINE                                      ?       'C4 H8 N2 O3'    132.118 
ASP 'L-peptide linking' y 'ASPARTIC ACID'                                 ?       'C4 H7 N O4'     133.103 
CYS 'L-peptide linking' y CYSTEINE                                        ?       'C3 H7 N O2 S'   121.158 
GLN 'L-peptide linking' y GLUTAMINE                                       ?       'C5 H10 N2 O3'   146.144 
GLU 'L-peptide linking' y 'GLUTAMIC ACID'                                 ?       'C5 H9 N O4'     147.129 
GLY 'peptide linking'   y GLYCINE                                         ?       'C2 H5 N O2'     75.067  
HIS 'L-peptide linking' y HISTIDINE                                       ?       'C6 H10 N3 O2 1' 156.162 
HOH non-polymer         . WATER                                           ?       'H2 O'           18.015  
ILE 'L-peptide linking' y ISOLEUCINE                                      ?       'C6 H13 N O2'    131.173 
LEU 'L-peptide linking' y LEUCINE                                         ?       'C6 H13 N O2'    131.173 
LYS 'L-peptide linking' y LYSINE                                          ?       'C6 H15 N2 O2 1' 147.195 
PHE 'L-peptide linking' y PHENYLALANINE                                   ?       'C9 H11 N O2'    165.189 
PRO 'L-peptide linking' y PROLINE                                         ?       'C5 H9 N O2'     115.130 
SER 'L-peptide linking' y SERINE                                          ?       'C3 H7 N O3'     105.093 
THR 'L-peptide linking' y THREONINE                                       ?       'C4 H9 N O3'     119.119 
TRP 'L-peptide linking' y TRYPTOPHAN                                      ?       'C11 H12 N2 O2'  204.225 
TYR 'L-peptide linking' y TYROSINE                                        ?       'C9 H11 N O3'    181.189 
VAL 'L-peptide linking' y VALINE                                          ?       'C5 H11 N O2'    117.146 
# 
loop_
_pdbx_poly_seq_scheme.asym_id 
_pdbx_poly_seq_scheme.entity_id 
_pdbx_poly_seq_scheme.seq_id 
_pdbx_poly_seq_scheme.mon_id 
_pdbx_poly_seq_scheme.ndb_seq_num 
_pdbx_poly_seq_scheme.pdb_seq_num 
_pdbx_poly_seq_scheme.auth_seq_num 
_pdbx_poly_seq_scheme.pdb_mon_id 
_pdbx_poly_seq_scheme.auth_mon_id 
_pdbx_poly_seq_scheme.pdb_strand_id 
_pdbx_poly_seq_scheme.pdb_ins_code 
_pdbx_poly_seq_scheme.hetero 
A 1 1   SER 1   1   1   SER SER A . n 
A 1 2   ILE 2   2   2   ILE ILE A . n 
A 1 3   GLN 3   3   3   GLN GLN A . n 
A 1 4   ALA 4   4   4   ALA ALA A . n 
A 1 5   GLU 5   5   5   GLU GLU A . n 
A 1 6   GLU 6   6   6   GLU GLU A . n 
A 1 7   TRP 7   7   7   TRP TRP A . n 
A 1 8   TYR 8   8   8   TYR TYR A . n 
A 1 9   PHE 9   9   9   PHE PHE A . n 
A 1 10  GLY 10  10  10  GLY GLY A . n 
A 1 11  LYS 11  11  11  LYS LYS A . n 
A 1 12  ILE 12  12  12  ILE ILE A . n 
A 1 13  THR 13  13  13  THR THR A . n 
A 1 14  ARG 14  14  14  ARG ARG A . n 
A 1 15  ARG 15  15  15  ARG ARG A . n 
A 1 16  GLU 16  16  16  GLU GLU A . n 
A 1 17  SER 17  17  17  SER SER A . n 
A 1 18  GLU 18  18  18  GLU GLU A . n 
A 1 19  ARG 19  19  19  ARG ARG A . n 
A 1 20  LEU 20  20  20  LEU LEU A . n 
A 1 21  LEU 21  21  21  LEU LEU A . n 
A 1 22  LEU 22  22  22  LEU LEU A . n 
A 1 23  ASN 23  23  23  ASN ASN A . n 
A 1 24  ALA 24  24  24  ALA ALA A . n 
A 1 25  GLU 25  25  25  GLU GLU A . n 
A 1 26  ASN 26  26  26  ASN ASN A . n 
A 1 27  PRO 27  27  27  PRO PRO A . n 
A 1 28  ARG 28  28  28  ARG ARG A . n 
A 1 29  GLY 29  29  29  GLY GLY A . n 
A 1 30  THR 30  30  30  THR THR A . n 
A 1 31  PHE 31  31  31  PHE PHE A . n 
A 1 32  LEU 32  32  32  LEU LEU A . n 
A 1 33  VAL 33  33  33  VAL VAL A . n 
A 1 34  ARG 34  34  34  ARG ARG A . n 
A 1 35  GLU 35  35  35  GLU GLU A . n 
A 1 36  SER 36  36  36  SER SER A . n 
A 1 37  GLU 37  37  37  GLU GLU A . n 
A 1 38  THR 38  38  38  THR THR A . n 
A 1 39  THR 39  39  39  THR THR A . n 
A 1 40  LYS 40  40  40  LYS LYS A . n 
A 1 41  GLY 41  41  41  GLY GLY A . n 
A 1 42  ALA 42  42  42  ALA ALA A . n 
A 1 43  TYR 43  43  43  TYR TYR A . n 
A 1 44  CYS 44  44  44  CYS CYS A . n 
A 1 45  LEU 45  45  45  LEU LEU A . n 
A 1 46  SER 46  46  46  SER SER A . n 
A 1 47  VAL 47  47  47  VAL VAL A . n 
A 1 48  SER 48  48  48  SER SER A . n 
A 1 49  ASP 49  49  49  ASP ASP A . n 
A 1 50  PHE 50  50  50  PHE PHE A . n 
A 1 51  ASP 51  51  51  ASP ASP A . n 
A 1 52  ASN 52  52  52  ASN ASN A . n 
A 1 53  ALA 53  53  53  ALA ALA A . n 
A 1 54  LYS 54  54  54  LYS LYS A . n 
A 1 55  GLY 55  55  55  GLY GLY A . n 
A 1 56  LEU 56  56  56  LEU LEU A . n 
A 1 57  ASN 57  57  57  ASN ASN A . n 
A 1 58  VAL 58  58  58  VAL VAL A . n 
A 1 59  LYS 59  59  59  LYS LYS A . n 
A 1 60  HIS 60  60  60  HIS HIS A . n 
A 1 61  TYR 61  61  61  TYR TYR A . n 
A 1 62  LYS 62  62  62  LYS LYS A . n 
A 1 63  ILE 63  63  63  ILE ILE A . n 
A 1 64  ARG 64  64  64  ARG ARG A . n 
A 1 65  LYS 65  65  65  LYS LYS A . n 
A 1 66  LEU 66  66  66  LEU LEU A . n 
A 1 67  ASP 67  67  67  ASP ASP A . n 
A 1 68  SER 68  68  68  SER SER A . n 
A 1 69  GLY 69  69  69  GLY GLY A . n 
A 1 70  GLY 70  70  70  GLY GLY A . n 
A 1 71  PHE 71  71  71  PHE PHE A . n 
A 1 72  TYR 72  72  72  TYR TYR A . n 
A 1 73  ILE 73  73  73  ILE ILE A . n 
A 1 74  THR 74  74  74  THR THR A . n 
A 1 75  SER 75  75  75  SER SER A . n 
A 1 76  ARG 76  76  76  ARG ARG A . n 
A 1 77  THR 77  77  77  THR THR A . n 
A 1 78  GLN 78  78  78  GLN GLN A . n 
A 1 79  PHE 79  79  79  PHE PHE A . n 
A 1 80  ASN 80  80  80  ASN ASN A . n 
A 1 81  SER 81  81  81  SER SER A . n 
A 1 82  LEU 82  82  82  LEU LEU A . n 
A 1 83  GLN 83  83  83  GLN GLN A . n 
A 1 84  GLN 84  84  84  GLN GLN A . n 
A 1 85  LEU 85  85  85  LEU LEU A . n 
A 1 86  VAL 86  86  86  VAL VAL A . n 
A 1 87  ALA 87  87  87  ALA ALA A . n 
A 1 88  TYR 88  88  88  TYR TYR A . n 
A 1 89  TYR 89  89  89  TYR TYR A . n 
A 1 90  SER 90  90  90  SER SER A . n 
A 1 91  LYS 91  91  91  LYS LYS A . n 
A 1 92  HIS 92  92  92  HIS HIS A . n 
A 1 93  ALA 93  93  93  ALA ALA A . n 
A 1 94  ASP 94  94  94  ASP ASP A . n 
A 1 95  GLY 95  95  95  GLY GLY A . n 
A 1 96  LEU 96  96  96  LEU LEU A . n 
A 1 97  CYS 97  97  97  CYS CYS A . n 
A 1 98  HIS 98  98  98  HIS HIS A . n 
A 1 99  ARG 99  99  99  ARG ARG A . n 
A 1 100 LEU 100 100 100 LEU LEU A . n 
A 1 101 THR 101 101 101 THR THR A . n 
A 1 102 THR 102 102 102 THR THR A . n 
A 1 103 VAL 103 103 103 VAL VAL A . n 
A 1 104 CYS 104 104 104 CYS CYS A . n 
A 1 105 PRO 105 105 105 PRO PRO A . n 
A 1 106 THR 106 106 106 THR THR A . n 
A 1 107 SER 107 107 ?   ?   ?   A . n 
A 1 108 LYS 108 108 ?   ?   ?   A . n 
# 
loop_
_pdbx_nonpoly_scheme.asym_id 
_pdbx_nonpoly_scheme.entity_id 
_pdbx_nonpoly_scheme.mon_id 
_pdbx_nonpoly_scheme.ndb_seq_num 
_pdbx_nonpoly_scheme.pdb_seq_num 
_pdbx_nonpoly_scheme.auth_seq_num 
_pdbx_nonpoly_scheme.pdb_mon_id 
_pdbx_nonpoly_scheme.auth_mon_id 
_pdbx_nonpoly_scheme.pdb_strand_id 
_pdbx_nonpoly_scheme.pdb_ins_code 
B 2 300 1   300 1   300 INH A . 
C 3 HOH 1   301 1   HOH HOH A . 
C 3 HOH 2   302 2   HOH HOH A . 
C 3 HOH 3   303 3   HOH HOH A . 
C 3 HOH 4   304 4   HOH HOH A . 
C 3 HOH 5   305 5   HOH HOH A . 
C 3 HOH 6   306 6   HOH HOH A . 
C 3 HOH 7   307 7   HOH HOH A . 
C 3 HOH 8   308 8   HOH HOH A . 
C 3 HOH 9   309 9   HOH HOH A . 
C 3 HOH 10  310 10  HOH HOH A . 
C 3 HOH 11  311 11  HOH HOH A . 
C 3 HOH 12  312 12  HOH HOH A . 
C 3 HOH 13  313 13  HOH HOH A . 
C 3 HOH 14  314 14  HOH HOH A . 
C 3 HOH 15  315 15  HOH HOH A . 
C 3 HOH 16  316 16  HOH HOH A . 
C 3 HOH 17  317 17  HOH HOH A . 
C 3 HOH 18  318 18  HOH HOH A . 
C 3 HOH 19  319 19  HOH HOH A . 
C 3 HOH 20  320 20  HOH HOH A . 
C 3 HOH 21  321 21  HOH HOH A . 
C 3 HOH 22  322 22  HOH HOH A . 
C 3 HOH 23  323 23  HOH HOH A . 
C 3 HOH 24  324 24  HOH HOH A . 
C 3 HOH 25  325 25  HOH HOH A . 
C 3 HOH 26  326 26  HOH HOH A . 
C 3 HOH 27  327 28  HOH HOH A . 
C 3 HOH 28  328 29  HOH HOH A . 
C 3 HOH 29  329 30  HOH HOH A . 
C 3 HOH 30  330 31  HOH HOH A . 
C 3 HOH 31  331 32  HOH HOH A . 
C 3 HOH 32  332 34  HOH HOH A . 
C 3 HOH 33  333 37  HOH HOH A . 
C 3 HOH 34  334 38  HOH HOH A . 
C 3 HOH 35  335 39  HOH HOH A . 
C 3 HOH 36  336 40  HOH HOH A . 
C 3 HOH 37  337 41  HOH HOH A . 
C 3 HOH 38  338 42  HOH HOH A . 
C 3 HOH 39  339 43  HOH HOH A . 
C 3 HOH 40  340 44  HOH HOH A . 
C 3 HOH 41  341 45  HOH HOH A . 
C 3 HOH 42  342 46  HOH HOH A . 
C 3 HOH 43  343 47  HOH HOH A . 
C 3 HOH 44  344 48  HOH HOH A . 
C 3 HOH 45  345 49  HOH HOH A . 
C 3 HOH 46  346 50  HOH HOH A . 
C 3 HOH 47  347 51  HOH HOH A . 
C 3 HOH 48  348 54  HOH HOH A . 
C 3 HOH 49  349 55  HOH HOH A . 
C 3 HOH 50  350 56  HOH HOH A . 
C 3 HOH 51  351 57  HOH HOH A . 
C 3 HOH 52  352 58  HOH HOH A . 
C 3 HOH 53  353 59  HOH HOH A . 
C 3 HOH 54  354 60  HOH HOH A . 
C 3 HOH 55  355 61  HOH HOH A . 
C 3 HOH 56  356 62  HOH HOH A . 
C 3 HOH 57  357 63  HOH HOH A . 
C 3 HOH 58  358 65  HOH HOH A . 
C 3 HOH 59  359 66  HOH HOH A . 
C 3 HOH 60  360 68  HOH HOH A . 
C 3 HOH 61  361 69  HOH HOH A . 
C 3 HOH 62  362 70  HOH HOH A . 
C 3 HOH 63  363 71  HOH HOH A . 
C 3 HOH 64  364 72  HOH HOH A . 
C 3 HOH 65  365 74  HOH HOH A . 
C 3 HOH 66  366 76  HOH HOH A . 
C 3 HOH 67  367 77  HOH HOH A . 
C 3 HOH 68  368 78  HOH HOH A . 
C 3 HOH 69  369 80  HOH HOH A . 
C 3 HOH 70  370 81  HOH HOH A . 
C 3 HOH 71  371 82  HOH HOH A . 
C 3 HOH 72  372 83  HOH HOH A . 
C 3 HOH 73  373 84  HOH HOH A . 
C 3 HOH 74  374 85  HOH HOH A . 
C 3 HOH 75  375 87  HOH HOH A . 
C 3 HOH 76  376 89  HOH HOH A . 
C 3 HOH 77  377 90  HOH HOH A . 
C 3 HOH 78  378 91  HOH HOH A . 
C 3 HOH 79  379 92  HOH HOH A . 
C 3 HOH 80  380 93  HOH HOH A . 
C 3 HOH 81  381 94  HOH HOH A . 
C 3 HOH 82  382 96  HOH HOH A . 
C 3 HOH 83  383 98  HOH HOH A . 
C 3 HOH 84  384 99  HOH HOH A . 
C 3 HOH 85  385 100 HOH HOH A . 
C 3 HOH 86  386 101 HOH HOH A . 
C 3 HOH 87  387 102 HOH HOH A . 
C 3 HOH 88  388 103 HOH HOH A . 
C 3 HOH 89  389 104 HOH HOH A . 
C 3 HOH 90  390 105 HOH HOH A . 
C 3 HOH 91  391 107 HOH HOH A . 
C 3 HOH 92  392 108 HOH HOH A . 
C 3 HOH 93  393 109 HOH HOH A . 
C 3 HOH 94  394 110 HOH HOH A . 
C 3 HOH 95  395 111 HOH HOH A . 
C 3 HOH 96  396 112 HOH HOH A . 
C 3 HOH 97  397 113 HOH HOH A . 
C 3 HOH 98  398 114 HOH HOH A . 
C 3 HOH 99  399 116 HOH HOH A . 
C 3 HOH 100 400 118 HOH HOH A . 
C 3 HOH 101 401 120 HOH HOH A . 
C 3 HOH 102 402 122 HOH HOH A . 
C 3 HOH 103 403 123 HOH HOH A . 
C 3 HOH 104 404 126 HOH HOH A . 
C 3 HOH 105 405 128 HOH HOH A . 
C 3 HOH 106 406 132 HOH HOH A . 
C 3 HOH 107 407 133 HOH HOH A . 
C 3 HOH 108 408 134 HOH HOH A . 
C 3 HOH 109 409 137 HOH HOH A . 
C 3 HOH 110 410 148 HOH HOH A . 
C 3 HOH 111 411 149 HOH HOH A . 
C 3 HOH 112 412 150 HOH HOH A . 
C 3 HOH 113 413 151 HOH HOH A . 
C 3 HOH 114 414 152 HOH HOH A . 
C 3 HOH 115 415 154 HOH HOH A . 
C 3 HOH 116 416 156 HOH HOH A . 
C 3 HOH 117 417 162 HOH HOH A . 
C 3 HOH 118 418 163 HOH HOH A . 
C 3 HOH 119 419 164 HOH HOH A . 
C 3 HOH 120 420 166 HOH HOH A . 
C 3 HOH 121 421 169 HOH HOH A . 
C 3 HOH 122 422 170 HOH HOH A . 
C 3 HOH 123 423 173 HOH HOH A . 
C 3 HOH 124 424 174 HOH HOH A . 
C 3 HOH 125 425 175 HOH HOH A . 
C 3 HOH 126 426 177 HOH HOH A . 
C 3 HOH 127 427 181 HOH HOH A . 
C 3 HOH 128 428 182 HOH HOH A . 
C 3 HOH 129 429 184 HOH HOH A . 
C 3 HOH 130 430 186 HOH HOH A . 
C 3 HOH 131 431 187 HOH HOH A . 
C 3 HOH 132 432 188 HOH HOH A . 
C 3 HOH 133 433 189 HOH HOH A . 
C 3 HOH 134 434 190 HOH HOH A . 
C 3 HOH 135 435 191 HOH HOH A . 
C 3 HOH 136 436 192 HOH HOH A . 
C 3 HOH 137 437 193 HOH HOH A . 
C 3 HOH 138 438 194 HOH HOH A . 
C 3 HOH 139 439 195 HOH HOH A . 
C 3 HOH 140 440 196 HOH HOH A . 
C 3 HOH 141 441 197 HOH HOH A . 
C 3 HOH 142 442 198 HOH HOH A . 
C 3 HOH 143 443 199 HOH HOH A . 
# 
loop_
_software.name 
_software.classification 
_software.version 
_software.citation_id 
_software.pdbx_ordinal 
XDS    'data scaling'   .     ? 1 
XDS    'data reduction' .     ? 2 
X-PLOR 'model building' 3.851 ? 3 
X-PLOR refinement       3.851 ? 4 
X-PLOR phasing          3.851 ? 5 
# 
_cell.entry_id           1O41 
_cell.length_a           26.409 
_cell.length_b           58.987 
_cell.length_c           64.223 
_cell.angle_alpha        90.00 
_cell.angle_beta         90.00 
_cell.angle_gamma        90.00 
_cell.Z_PDB              4 
_cell.pdbx_unique_axis   ? 
# 
_symmetry.entry_id                         1O41 
_symmetry.space_group_name_H-M             'P 21 21 21' 
_symmetry.pdbx_full_space_group_name_H-M   ? 
_symmetry.cell_setting                     ? 
_symmetry.Int_Tables_number                19 
# 
_exptl.entry_id          1O41 
_exptl.method            'X-RAY DIFFRACTION' 
_exptl.crystals_number   1 
# 
_exptl_crystal.id                    1 
_exptl_crystal.density_meas          ? 
_exptl_crystal.density_Matthews      2.2 
_exptl_crystal.density_percent_sol   41.9 
_exptl_crystal.description           ? 
# 
_exptl_crystal_grow.crystal_id      1 
_exptl_crystal_grow.method          ? 
_exptl_crystal_grow.temp            ? 
_exptl_crystal_grow.temp_details    ? 
_exptl_crystal_grow.pH              5.50 
_exptl_crystal_grow.pdbx_pH_range   ? 
_exptl_crystal_grow.pdbx_details    'pH 5.50' 
# 
_diffrn.id                     1 
_diffrn.ambient_temp           100.0 
_diffrn.ambient_temp_details   ? 
_diffrn.crystal_id             1 
# 
_diffrn_detector.diffrn_id              1 
_diffrn_detector.detector               'IMAGE PLATE' 
_diffrn_detector.type                   'MAR scanner 345 mm plate' 
_diffrn_detector.pdbx_collection_date   1998-03-18 
_diffrn_detector.details                ? 
# 
_diffrn_radiation.diffrn_id                        1 
_diffrn_radiation.wavelength_id                    1 
_diffrn_radiation.pdbx_monochromatic_or_laue_m_l   M 
_diffrn_radiation.monochromator                    GRAPHITE 
_diffrn_radiation.pdbx_diffrn_protocol             'SINGLE WAVELENGTH' 
_diffrn_radiation.pdbx_scattering_type             x-ray 
# 
_diffrn_radiation_wavelength.id           1 
_diffrn_radiation_wavelength.wavelength   1.5418 
_diffrn_radiation_wavelength.wt           1.0 
# 
_diffrn_source.diffrn_id                   1 
_diffrn_source.source                      'ROTATING ANODE' 
_diffrn_source.type                        'ELLIOTT GX-21' 
_diffrn_source.pdbx_synchrotron_site       ? 
_diffrn_source.pdbx_synchrotron_beamline   ? 
_diffrn_source.pdbx_wavelength             1.5418 
_diffrn_source.pdbx_wavelength_list        ? 
# 
_reflns.entry_id                     1O41 
_reflns.observed_criterion_sigma_I   -3.000 
_reflns.observed_criterion_sigma_F   ? 
_reflns.d_resolution_low             40.000 
_reflns.d_resolution_high            1.70 
_reflns.number_obs                   10710 
_reflns.number_all                   ? 
_reflns.percent_possible_obs         97.1 
_reflns.pdbx_Rmerge_I_obs            0.02 
_reflns.pdbx_Rsym_value              ? 
_reflns.pdbx_netI_over_sigmaI        20 
_reflns.B_iso_Wilson_estimate        ? 
_reflns.pdbx_redundancy              ? 
_reflns.pdbx_diffrn_id               1 
_reflns.pdbx_ordinal                 1 
# 
_reflns_shell.d_res_high             1.70 
_reflns_shell.d_res_low              1.75 
_reflns_shell.percent_possible_all   97.5 
_reflns_shell.Rmerge_I_obs           0.206 
_reflns_shell.pdbx_Rsym_value        ? 
_reflns_shell.meanI_over_sigI_obs    7 
_reflns_shell.pdbx_redundancy        ? 
_reflns_shell.pdbx_diffrn_id         ? 
_reflns_shell.pdbx_ordinal           1 
# 
_refine.entry_id                                 1O41 
_refine.ls_number_reflns_obs                     10710 
_refine.ls_number_reflns_all                     ? 
_refine.pdbx_ls_sigma_I                          ? 
_refine.pdbx_ls_sigma_F                          ? 
_refine.pdbx_data_cutoff_high_absF               1000000.000 
_refine.pdbx_data_cutoff_low_absF                0.1000 
_refine.pdbx_data_cutoff_high_rms_absF           ? 
_refine.ls_d_res_low                             8.00 
_refine.ls_d_res_high                            1.70 
_refine.ls_percent_reflns_obs                    97.1 
_refine.ls_R_factor_obs                          0.209 
_refine.ls_R_factor_all                          ? 
_refine.ls_R_factor_R_work                       0.209 
_refine.ls_R_factor_R_free                       ? 
_refine.ls_R_factor_R_free_error                 ? 
_refine.ls_R_factor_R_free_error_details         ? 
_refine.ls_percent_reflns_R_free                 ? 
_refine.ls_number_reflns_R_free                  ? 
_refine.ls_number_parameters                     ? 
_refine.ls_number_restraints                     ? 
_refine.occupancy_min                            ? 
_refine.occupancy_max                            ? 
_refine.correlation_coeff_Fo_to_Fc               ? 
_refine.correlation_coeff_Fo_to_Fc_free          ? 
_refine.B_iso_mean                               19.6 
_refine.aniso_B[1][1]                            ? 
_refine.aniso_B[2][2]                            ? 
_refine.aniso_B[3][3]                            ? 
_refine.aniso_B[1][2]                            ? 
_refine.aniso_B[1][3]                            ? 
_refine.aniso_B[2][3]                            ? 
_refine.solvent_model_details                    ? 
_refine.solvent_model_param_ksol                 ? 
_refine.solvent_model_param_bsol                 ? 
_refine.pdbx_solvent_vdw_probe_radii             ? 
_refine.pdbx_solvent_ion_probe_radii             ? 
_refine.pdbx_solvent_shrinkage_radii             ? 
_refine.pdbx_ls_cross_valid_method               ? 
_refine.details                                  ? 
_refine.pdbx_starting_model                      1SHD 
_refine.pdbx_method_to_determine_struct          MR 
_refine.pdbx_isotropic_thermal_model             ? 
_refine.pdbx_stereochemistry_target_values       ? 
_refine.pdbx_stereochem_target_val_spec_case     ? 
_refine.pdbx_R_Free_selection_details            ? 
_refine.pdbx_overall_ESU_R                       ? 
_refine.pdbx_overall_ESU_R_Free                  ? 
_refine.overall_SU_ML                            ? 
_refine.overall_SU_B                             ? 
_refine.pdbx_refine_id                           'X-RAY DIFFRACTION' 
_refine.pdbx_diffrn_id                           1 
_refine.pdbx_TLS_residual_ADP_flag               ? 
_refine.pdbx_overall_phase_error                 ? 
_refine.overall_SU_R_Cruickshank_DPI             ? 
_refine.pdbx_overall_SU_R_free_Cruickshank_DPI   ? 
_refine.pdbx_overall_SU_R_Blow_DPI               ? 
_refine.pdbx_overall_SU_R_free_Blow_DPI          ? 
# 
_refine_hist.pdbx_refine_id                   'X-RAY DIFFRACTION' 
_refine_hist.cycle_id                         LAST 
_refine_hist.pdbx_number_atoms_protein        856 
_refine_hist.pdbx_number_atoms_nucleic_acid   0 
_refine_hist.pdbx_number_atoms_ligand         15 
_refine_hist.number_atoms_solvent             143 
_refine_hist.number_atoms_total               1014 
_refine_hist.d_res_high                       1.70 
_refine_hist.d_res_low                        8.00 
# 
loop_
_refine_ls_restr.type 
_refine_ls_restr.dev_ideal 
_refine_ls_restr.dev_ideal_target 
_refine_ls_restr.weight 
_refine_ls_restr.number 
_refine_ls_restr.pdbx_refine_id 
_refine_ls_restr.pdbx_restraint_function 
x_bond_d                0.010 ? ? ? 'X-RAY DIFFRACTION' ? 
x_bond_d_na             ?     ? ? ? 'X-RAY DIFFRACTION' ? 
x_bond_d_prot           ?     ? ? ? 'X-RAY DIFFRACTION' ? 
x_angle_d               ?     ? ? ? 'X-RAY DIFFRACTION' ? 
x_angle_d_na            ?     ? ? ? 'X-RAY DIFFRACTION' ? 
x_angle_d_prot          ?     ? ? ? 'X-RAY DIFFRACTION' ? 
x_angle_deg             1.4   ? ? ? 'X-RAY DIFFRACTION' ? 
x_angle_deg_na          ?     ? ? ? 'X-RAY DIFFRACTION' ? 
x_angle_deg_prot        ?     ? ? ? 'X-RAY DIFFRACTION' ? 
x_dihedral_angle_d      ?     ? ? ? 'X-RAY DIFFRACTION' ? 
x_dihedral_angle_d_na   ?     ? ? ? 'X-RAY DIFFRACTION' ? 
x_dihedral_angle_d_prot ?     ? ? ? 'X-RAY DIFFRACTION' ? 
x_improper_angle_d      ?     ? ? ? 'X-RAY DIFFRACTION' ? 
x_improper_angle_d_na   ?     ? ? ? 'X-RAY DIFFRACTION' ? 
x_improper_angle_d_prot ?     ? ? ? 'X-RAY DIFFRACTION' ? 
x_mcbond_it             ?     ? ? ? 'X-RAY DIFFRACTION' ? 
x_mcangle_it            ?     ? ? ? 'X-RAY DIFFRACTION' ? 
x_scbond_it             ?     ? ? ? 'X-RAY DIFFRACTION' ? 
x_scangle_it            ?     ? ? ? 'X-RAY DIFFRACTION' ? 
# 
_struct.entry_id                  1O41 
_struct.title                     'CRYSTAL STRUCTURE OF SH2 IN COMPLEX WITH RU78300.' 
_struct.pdbx_model_details        ? 
_struct.pdbx_CASP_flag            ? 
_struct.pdbx_model_type_details   ? 
# 
_struct_keywords.entry_id        1O41 
_struct_keywords.pdbx_keywords   'SIGNALING PROTEIN' 
_struct_keywords.text            'SH2 DOMAIN FRAGMENT APPROACH, SIGNALING PROTEIN' 
# 
loop_
_struct_asym.id 
_struct_asym.pdbx_blank_PDB_chainid_flag 
_struct_asym.pdbx_modified 
_struct_asym.entity_id 
_struct_asym.details 
A N N 1 ? 
B N N 2 ? 
C N N 3 ? 
# 
_struct_ref.id                         1 
_struct_ref.db_name                    UNP 
_struct_ref.db_code                    SRC_HUMAN 
_struct_ref.pdbx_db_accession          P12931 
_struct_ref.entity_id                  1 
_struct_ref.pdbx_seq_one_letter_code   
;SIQAEEWYFGKITRRESERLLLNAENPRGTFLVRESETTKGAYCLSVSDFDNAKGLNVKHYKIRKLDSGGFYITSRTQFN
SLQQLVAYYSKHADGLCHRLTTVCPTSK
;
_struct_ref.pdbx_align_begin           144 
_struct_ref.pdbx_db_isoform            ? 
# 
_struct_ref_seq.align_id                      1 
_struct_ref_seq.ref_id                        1 
_struct_ref_seq.pdbx_PDB_id_code              1O41 
_struct_ref_seq.pdbx_strand_id                A 
_struct_ref_seq.seq_align_beg                 1 
_struct_ref_seq.pdbx_seq_align_beg_ins_code   ? 
_struct_ref_seq.seq_align_end                 108 
_struct_ref_seq.pdbx_seq_align_end_ins_code   ? 
_struct_ref_seq.pdbx_db_accession             P12931 
_struct_ref_seq.db_align_beg                  144 
_struct_ref_seq.pdbx_db_align_beg_ins_code    ? 
_struct_ref_seq.db_align_end                  251 
_struct_ref_seq.pdbx_db_align_end_ins_code    ? 
_struct_ref_seq.pdbx_auth_seq_align_beg       1 
_struct_ref_seq.pdbx_auth_seq_align_end       108 
# 
_pdbx_struct_assembly.id                   1 
_pdbx_struct_assembly.details              author_defined_assembly 
_pdbx_struct_assembly.method_details       ? 
_pdbx_struct_assembly.oligomeric_details   monomeric 
_pdbx_struct_assembly.oligomeric_count     1 
# 
_pdbx_struct_assembly_gen.assembly_id       1 
_pdbx_struct_assembly_gen.oper_expression   1 
_pdbx_struct_assembly_gen.asym_id_list      A,B,C 
# 
_pdbx_struct_oper_list.id                   1 
_pdbx_struct_oper_list.type                 'identity operation' 
_pdbx_struct_oper_list.name                 1_555 
_pdbx_struct_oper_list.symmetry_operation   x,y,z 
_pdbx_struct_oper_list.matrix[1][1]         1.0000000000 
_pdbx_struct_oper_list.matrix[1][2]         0.0000000000 
_pdbx_struct_oper_list.matrix[1][3]         0.0000000000 
_pdbx_struct_oper_list.vector[1]            0.0000000000 
_pdbx_struct_oper_list.matrix[2][1]         0.0000000000 
_pdbx_struct_oper_list.matrix[2][2]         1.0000000000 
_pdbx_struct_oper_list.matrix[2][3]         0.0000000000 
_pdbx_struct_oper_list.vector[2]            0.0000000000 
_pdbx_struct_oper_list.matrix[3][1]         0.0000000000 
_pdbx_struct_oper_list.matrix[3][2]         0.0000000000 
_pdbx_struct_oper_list.matrix[3][3]         1.0000000000 
_pdbx_struct_oper_list.vector[3]            0.0000000000 
# 
_struct_biol.id   1 
# 
loop_
_struct_conf.conf_type_id 
_struct_conf.id 
_struct_conf.pdbx_PDB_helix_id 
_struct_conf.beg_label_comp_id 
_struct_conf.beg_label_asym_id 
_struct_conf.beg_label_seq_id 
_struct_conf.pdbx_beg_PDB_ins_code 
_struct_conf.end_label_comp_id 
_struct_conf.end_label_asym_id 
_struct_conf.end_label_seq_id 
_struct_conf.pdbx_end_PDB_ins_code 
_struct_conf.beg_auth_comp_id 
_struct_conf.beg_auth_asym_id 
_struct_conf.beg_auth_seq_id 
_struct_conf.end_auth_comp_id 
_struct_conf.end_auth_asym_id 
_struct_conf.end_auth_seq_id 
_struct_conf.pdbx_PDB_helix_class 
_struct_conf.details 
_struct_conf.pdbx_PDB_helix_length 
HELX_P HELX_P1 1 THR A 13 ? LEU A 22 ? THR A 13 LEU A 22 1 ? 10 
HELX_P HELX_P2 2 SER A 81 ? SER A 90 ? SER A 81 SER A 90 1 ? 10 
# 
_struct_conf_type.id          HELX_P 
_struct_conf_type.criteria    ? 
_struct_conf_type.reference   ? 
# 
_struct_conn.id                            covale1 
_struct_conn.conn_type_id                  covale 
_struct_conn.pdbx_leaving_atom_flag        none 
_struct_conn.pdbx_PDB_id                   ? 
_struct_conn.ptnr1_label_asym_id           A 
_struct_conn.ptnr1_label_comp_id           CYS 
_struct_conn.ptnr1_label_seq_id            44 
_struct_conn.ptnr1_label_atom_id           SG 
_struct_conn.pdbx_ptnr1_label_alt_id       ? 
_struct_conn.pdbx_ptnr1_PDB_ins_code       ? 
_struct_conn.pdbx_ptnr1_standard_comp_id   ? 
_struct_conn.ptnr1_symmetry                1_555 
_struct_conn.ptnr2_label_asym_id           B 
_struct_conn.ptnr2_label_comp_id           300 
_struct_conn.ptnr2_label_seq_id            . 
_struct_conn.ptnr2_label_atom_id           C10 
_struct_conn.pdbx_ptnr2_label_alt_id       ? 
_struct_conn.pdbx_ptnr2_PDB_ins_code       ? 
_struct_conn.ptnr1_auth_asym_id            A 
_struct_conn.ptnr1_auth_comp_id            CYS 
_struct_conn.ptnr1_auth_seq_id             44 
_struct_conn.ptnr2_auth_asym_id            A 
_struct_conn.ptnr2_auth_comp_id            300 
_struct_conn.ptnr2_auth_seq_id             300 
_struct_conn.ptnr2_symmetry                1_555 
_struct_conn.pdbx_ptnr3_label_atom_id      ? 
_struct_conn.pdbx_ptnr3_label_seq_id       ? 
_struct_conn.pdbx_ptnr3_label_comp_id      ? 
_struct_conn.pdbx_ptnr3_label_asym_id      ? 
_struct_conn.pdbx_ptnr3_label_alt_id       ? 
_struct_conn.pdbx_ptnr3_PDB_ins_code       ? 
_struct_conn.details                       ? 
_struct_conn.pdbx_dist_value               1.856 
_struct_conn.pdbx_value_order              ? 
_struct_conn.pdbx_role                     ? 
# 
_struct_conn_type.id          covale 
_struct_conn_type.criteria    ? 
_struct_conn_type.reference   ? 
# 
_pdbx_modification_feature.ordinal                            1 
_pdbx_modification_feature.label_comp_id                      300 
_pdbx_modification_feature.label_asym_id                      B 
_pdbx_modification_feature.label_seq_id                       . 
_pdbx_modification_feature.label_alt_id                       ? 
_pdbx_modification_feature.modified_residue_label_comp_id     CYS 
_pdbx_modification_feature.modified_residue_label_asym_id     A 
_pdbx_modification_feature.modified_residue_label_seq_id      44 
_pdbx_modification_feature.modified_residue_label_alt_id      ? 
_pdbx_modification_feature.auth_comp_id                       300 
_pdbx_modification_feature.auth_asym_id                       A 
_pdbx_modification_feature.auth_seq_id                        300 
_pdbx_modification_feature.PDB_ins_code                       ? 
_pdbx_modification_feature.symmetry                           1_555 
_pdbx_modification_feature.modified_residue_auth_comp_id      CYS 
_pdbx_modification_feature.modified_residue_auth_asym_id      A 
_pdbx_modification_feature.modified_residue_auth_seq_id       44 
_pdbx_modification_feature.modified_residue_PDB_ins_code      ? 
_pdbx_modification_feature.modified_residue_symmetry          1_555 
_pdbx_modification_feature.comp_id_linking_atom               C10 
_pdbx_modification_feature.modified_residue_id_linking_atom   SG 
_pdbx_modification_feature.modified_residue_id                CYS 
_pdbx_modification_feature.ref_pcm_id                         1 
_pdbx_modification_feature.ref_comp_id                        300 
_pdbx_modification_feature.type                               None 
_pdbx_modification_feature.category                           'Covalent chemical modification' 
# 
_struct_sheet.id               A 
_struct_sheet.type             ? 
_struct_sheet.number_strands   5 
_struct_sheet.details          ? 
# 
loop_
_struct_sheet_order.sheet_id 
_struct_sheet_order.range_id_1 
_struct_sheet_order.range_id_2 
_struct_sheet_order.offset 
_struct_sheet_order.sense 
A 1 2 ? parallel      
A 2 3 ? anti-parallel 
A 3 4 ? anti-parallel 
A 4 5 ? anti-parallel 
# 
loop_
_struct_sheet_range.sheet_id 
_struct_sheet_range.id 
_struct_sheet_range.beg_label_comp_id 
_struct_sheet_range.beg_label_asym_id 
_struct_sheet_range.beg_label_seq_id 
_struct_sheet_range.pdbx_beg_PDB_ins_code 
_struct_sheet_range.end_label_comp_id 
_struct_sheet_range.end_label_asym_id 
_struct_sheet_range.end_label_seq_id 
_struct_sheet_range.pdbx_end_PDB_ins_code 
_struct_sheet_range.beg_auth_comp_id 
_struct_sheet_range.beg_auth_asym_id 
_struct_sheet_range.beg_auth_seq_id 
_struct_sheet_range.end_auth_comp_id 
_struct_sheet_range.end_auth_asym_id 
_struct_sheet_range.end_auth_seq_id 
A 1 TYR A 8  ? GLY A 10 ? TYR A 8  GLY A 10 
A 2 PHE A 31 ? GLU A 35 ? PHE A 31 GLU A 35 
A 3 TYR A 43 ? ASP A 51 ? TYR A 43 ASP A 51 
A 4 GLY A 55 ? LYS A 65 ? GLY A 55 LYS A 65 
A 5 PHE A 71 ? TYR A 72 ? PHE A 71 TYR A 72 
# 
loop_
_pdbx_struct_sheet_hbond.sheet_id 
_pdbx_struct_sheet_hbond.range_id_1 
_pdbx_struct_sheet_hbond.range_id_2 
_pdbx_struct_sheet_hbond.range_1_label_atom_id 
_pdbx_struct_sheet_hbond.range_1_label_comp_id 
_pdbx_struct_sheet_hbond.range_1_label_asym_id 
_pdbx_struct_sheet_hbond.range_1_label_seq_id 
_pdbx_struct_sheet_hbond.range_1_PDB_ins_code 
_pdbx_struct_sheet_hbond.range_1_auth_atom_id 
_pdbx_struct_sheet_hbond.range_1_auth_comp_id 
_pdbx_struct_sheet_hbond.range_1_auth_asym_id 
_pdbx_struct_sheet_hbond.range_1_auth_seq_id 
_pdbx_struct_sheet_hbond.range_2_label_atom_id 
_pdbx_struct_sheet_hbond.range_2_label_comp_id 
_pdbx_struct_sheet_hbond.range_2_label_asym_id 
_pdbx_struct_sheet_hbond.range_2_label_seq_id 
_pdbx_struct_sheet_hbond.range_2_PDB_ins_code 
_pdbx_struct_sheet_hbond.range_2_auth_atom_id 
_pdbx_struct_sheet_hbond.range_2_auth_comp_id 
_pdbx_struct_sheet_hbond.range_2_auth_asym_id 
_pdbx_struct_sheet_hbond.range_2_auth_seq_id 
A 1 2 N GLY A 10 ? N GLY A 10 O GLU A 35 ? O GLU A 35 
A 2 3 N ARG A 34 ? N ARG A 34 O CYS A 44 ? O CYS A 44 
A 3 4 N VAL A 47 ? N VAL A 47 O LYS A 59 ? O LYS A 59 
A 4 5 N ARG A 64 ? N ARG A 64 O TYR A 72 ? O TYR A 72 
# 
_struct_site.id                   AC1 
_struct_site.pdbx_evidence_code   Software 
_struct_site.pdbx_auth_asym_id    A 
_struct_site.pdbx_auth_comp_id    300 
_struct_site.pdbx_auth_seq_id     300 
_struct_site.pdbx_auth_ins_code   ? 
_struct_site.pdbx_num_residues    12 
_struct_site.details              'BINDING SITE FOR RESIDUE 300 A 300' 
# 
loop_
_struct_site_gen.id 
_struct_site_gen.site_id 
_struct_site_gen.pdbx_num_res 
_struct_site_gen.label_comp_id 
_struct_site_gen.label_asym_id 
_struct_site_gen.label_seq_id 
_struct_site_gen.pdbx_auth_ins_code 
_struct_site_gen.auth_comp_id 
_struct_site_gen.auth_asym_id 
_struct_site_gen.auth_seq_id 
_struct_site_gen.label_atom_id 
_struct_site_gen.label_alt_id 
_struct_site_gen.symmetry 
_struct_site_gen.details 
1  AC1 12 ARG A 14 ? ARG A 14  . ? 1_555 ? 
2  AC1 12 ARG A 34 ? ARG A 34  . ? 1_555 ? 
3  AC1 12 SER A 36 ? SER A 36  . ? 1_555 ? 
4  AC1 12 GLU A 37 ? GLU A 37  . ? 1_555 ? 
5  AC1 12 CYS A 44 ? CYS A 44  . ? 1_555 ? 
6  AC1 12 HIS A 60 ? HIS A 60  . ? 1_555 ? 
7  AC1 12 LYS A 62 ? LYS A 62  . ? 1_555 ? 
8  AC1 12 HOH C .  ? HOH A 434 . ? 1_555 ? 
9  AC1 12 HOH C .  ? HOH A 435 . ? 1_555 ? 
10 AC1 12 HOH C .  ? HOH A 437 . ? 1_555 ? 
11 AC1 12 HOH C .  ? HOH A 438 . ? 1_555 ? 
12 AC1 12 HOH C .  ? HOH A 439 . ? 1_555 ? 
# 
_pdbx_entry_details.entry_id                   1O41 
_pdbx_entry_details.compound_details           ? 
_pdbx_entry_details.source_details             ? 
_pdbx_entry_details.nonpolymer_details         ? 
_pdbx_entry_details.sequence_details           ? 
_pdbx_entry_details.has_ligand_of_interest     ? 
_pdbx_entry_details.has_protein_modification   Y 
# 
_pdbx_validate_rmsd_angle.id                         1 
_pdbx_validate_rmsd_angle.PDB_model_num              1 
_pdbx_validate_rmsd_angle.auth_atom_id_1             NE 
_pdbx_validate_rmsd_angle.auth_asym_id_1             A 
_pdbx_validate_rmsd_angle.auth_comp_id_1             ARG 
_pdbx_validate_rmsd_angle.auth_seq_id_1              76 
_pdbx_validate_rmsd_angle.PDB_ins_code_1             ? 
_pdbx_validate_rmsd_angle.label_alt_id_1             ? 
_pdbx_validate_rmsd_angle.auth_atom_id_2             CZ 
_pdbx_validate_rmsd_angle.auth_asym_id_2             A 
_pdbx_validate_rmsd_angle.auth_comp_id_2             ARG 
_pdbx_validate_rmsd_angle.auth_seq_id_2              76 
_pdbx_validate_rmsd_angle.PDB_ins_code_2             ? 
_pdbx_validate_rmsd_angle.label_alt_id_2             ? 
_pdbx_validate_rmsd_angle.auth_atom_id_3             NH2 
_pdbx_validate_rmsd_angle.auth_asym_id_3             A 
_pdbx_validate_rmsd_angle.auth_comp_id_3             ARG 
_pdbx_validate_rmsd_angle.auth_seq_id_3              76 
_pdbx_validate_rmsd_angle.PDB_ins_code_3             ? 
_pdbx_validate_rmsd_angle.label_alt_id_3             ? 
_pdbx_validate_rmsd_angle.angle_value                117.13 
_pdbx_validate_rmsd_angle.angle_target_value         120.30 
_pdbx_validate_rmsd_angle.angle_deviation            -3.17 
_pdbx_validate_rmsd_angle.angle_standard_deviation   0.50 
_pdbx_validate_rmsd_angle.linker_flag                N 
# 
loop_
_pdbx_validate_torsion.id 
_pdbx_validate_torsion.PDB_model_num 
_pdbx_validate_torsion.auth_comp_id 
_pdbx_validate_torsion.auth_asym_id 
_pdbx_validate_torsion.auth_seq_id 
_pdbx_validate_torsion.PDB_ins_code 
_pdbx_validate_torsion.label_alt_id 
_pdbx_validate_torsion.phi 
_pdbx_validate_torsion.psi 
1 1 LEU A 22  ? ? -85.97  41.58   
2 1 ASP A 94  ? ? 45.90   -118.98 
3 1 THR A 101 ? ? -112.12 -71.06  
# 
loop_
_pdbx_unobs_or_zero_occ_residues.id 
_pdbx_unobs_or_zero_occ_residues.PDB_model_num 
_pdbx_unobs_or_zero_occ_residues.polymer_flag 
_pdbx_unobs_or_zero_occ_residues.occupancy_flag 
_pdbx_unobs_or_zero_occ_residues.auth_asym_id 
_pdbx_unobs_or_zero_occ_residues.auth_comp_id 
_pdbx_unobs_or_zero_occ_residues.auth_seq_id 
_pdbx_unobs_or_zero_occ_residues.PDB_ins_code 
_pdbx_unobs_or_zero_occ_residues.label_asym_id 
_pdbx_unobs_or_zero_occ_residues.label_comp_id 
_pdbx_unobs_or_zero_occ_residues.label_seq_id 
1 1 Y 1 A SER 107 ? A SER 107 
2 1 Y 1 A LYS 108 ? A LYS 108 
# 
loop_
_chem_comp_atom.comp_id 
_chem_comp_atom.atom_id 
_chem_comp_atom.type_symbol 
_chem_comp_atom.pdbx_aromatic_flag 
_chem_comp_atom.pdbx_stereo_config 
_chem_comp_atom.pdbx_ordinal 
300 C1   C Y N 1   
300 C2   C Y N 2   
300 C3   C Y N 3   
300 C4   C Y N 4   
300 C5   C Y N 5   
300 C6   C Y N 6   
300 C10  C N N 7   
300 O11  O N N 8   
300 O12  O N N 9   
300 C13  C N N 10  
300 P17  P N N 11  
300 O18  O N N 12  
300 O19  O N N 13  
300 O20  O N N 14  
300 O21  O N N 15  
300 H1   H N N 16  
300 H2   H N N 17  
300 H3   H N N 18  
300 H10  H N N 19  
300 H131 H N N 20  
300 H132 H N N 21  
300 H133 H N N 22  
300 H18  H N N 23  
300 H20  H N N 24  
ALA N    N N N 25  
ALA CA   C N S 26  
ALA C    C N N 27  
ALA O    O N N 28  
ALA CB   C N N 29  
ALA OXT  O N N 30  
ALA H    H N N 31  
ALA H2   H N N 32  
ALA HA   H N N 33  
ALA HB1  H N N 34  
ALA HB2  H N N 35  
ALA HB3  H N N 36  
ALA HXT  H N N 37  
ARG N    N N N 38  
ARG CA   C N S 39  
ARG C    C N N 40  
ARG O    O N N 41  
ARG CB   C N N 42  
ARG CG   C N N 43  
ARG CD   C N N 44  
ARG NE   N N N 45  
ARG CZ   C N N 46  
ARG NH1  N N N 47  
ARG NH2  N N N 48  
ARG OXT  O N N 49  
ARG H    H N N 50  
ARG H2   H N N 51  
ARG HA   H N N 52  
ARG HB2  H N N 53  
ARG HB3  H N N 54  
ARG HG2  H N N 55  
ARG HG3  H N N 56  
ARG HD2  H N N 57  
ARG HD3  H N N 58  
ARG HE   H N N 59  
ARG HH11 H N N 60  
ARG HH12 H N N 61  
ARG HH21 H N N 62  
ARG HH22 H N N 63  
ARG HXT  H N N 64  
ASN N    N N N 65  
ASN CA   C N S 66  
ASN C    C N N 67  
ASN O    O N N 68  
ASN CB   C N N 69  
ASN CG   C N N 70  
ASN OD1  O N N 71  
ASN ND2  N N N 72  
ASN OXT  O N N 73  
ASN H    H N N 74  
ASN H2   H N N 75  
ASN HA   H N N 76  
ASN HB2  H N N 77  
ASN HB3  H N N 78  
ASN HD21 H N N 79  
ASN HD22 H N N 80  
ASN HXT  H N N 81  
ASP N    N N N 82  
ASP CA   C N S 83  
ASP C    C N N 84  
ASP O    O N N 85  
ASP CB   C N N 86  
ASP CG   C N N 87  
ASP OD1  O N N 88  
ASP OD2  O N N 89  
ASP OXT  O N N 90  
ASP H    H N N 91  
ASP H2   H N N 92  
ASP HA   H N N 93  
ASP HB2  H N N 94  
ASP HB3  H N N 95  
ASP HD2  H N N 96  
ASP HXT  H N N 97  
CYS N    N N N 98  
CYS CA   C N R 99  
CYS C    C N N 100 
CYS O    O N N 101 
CYS CB   C N N 102 
CYS SG   S N N 103 
CYS OXT  O N N 104 
CYS H    H N N 105 
CYS H2   H N N 106 
CYS HA   H N N 107 
CYS HB2  H N N 108 
CYS HB3  H N N 109 
CYS HG   H N N 110 
CYS HXT  H N N 111 
GLN N    N N N 112 
GLN CA   C N S 113 
GLN C    C N N 114 
GLN O    O N N 115 
GLN CB   C N N 116 
GLN CG   C N N 117 
GLN CD   C N N 118 
GLN OE1  O N N 119 
GLN NE2  N N N 120 
GLN OXT  O N N 121 
GLN H    H N N 122 
GLN H2   H N N 123 
GLN HA   H N N 124 
GLN HB2  H N N 125 
GLN HB3  H N N 126 
GLN HG2  H N N 127 
GLN HG3  H N N 128 
GLN HE21 H N N 129 
GLN HE22 H N N 130 
GLN HXT  H N N 131 
GLU N    N N N 132 
GLU CA   C N S 133 
GLU C    C N N 134 
GLU O    O N N 135 
GLU CB   C N N 136 
GLU CG   C N N 137 
GLU CD   C N N 138 
GLU OE1  O N N 139 
GLU OE2  O N N 140 
GLU OXT  O N N 141 
GLU H    H N N 142 
GLU H2   H N N 143 
GLU HA   H N N 144 
GLU HB2  H N N 145 
GLU HB3  H N N 146 
GLU HG2  H N N 147 
GLU HG3  H N N 148 
GLU HE2  H N N 149 
GLU HXT  H N N 150 
GLY N    N N N 151 
GLY CA   C N N 152 
GLY C    C N N 153 
GLY O    O N N 154 
GLY OXT  O N N 155 
GLY H    H N N 156 
GLY H2   H N N 157 
GLY HA2  H N N 158 
GLY HA3  H N N 159 
GLY HXT  H N N 160 
HIS N    N N N 161 
HIS CA   C N S 162 
HIS C    C N N 163 
HIS O    O N N 164 
HIS CB   C N N 165 
HIS CG   C Y N 166 
HIS ND1  N Y N 167 
HIS CD2  C Y N 168 
HIS CE1  C Y N 169 
HIS NE2  N Y N 170 
HIS OXT  O N N 171 
HIS H    H N N 172 
HIS H2   H N N 173 
HIS HA   H N N 174 
HIS HB2  H N N 175 
HIS HB3  H N N 176 
HIS HD1  H N N 177 
HIS HD2  H N N 178 
HIS HE1  H N N 179 
HIS HE2  H N N 180 
HIS HXT  H N N 181 
HOH O    O N N 182 
HOH H1   H N N 183 
HOH H2   H N N 184 
ILE N    N N N 185 
ILE CA   C N S 186 
ILE C    C N N 187 
ILE O    O N N 188 
ILE CB   C N S 189 
ILE CG1  C N N 190 
ILE CG2  C N N 191 
ILE CD1  C N N 192 
ILE OXT  O N N 193 
ILE H    H N N 194 
ILE H2   H N N 195 
ILE HA   H N N 196 
ILE HB   H N N 197 
ILE HG12 H N N 198 
ILE HG13 H N N 199 
ILE HG21 H N N 200 
ILE HG22 H N N 201 
ILE HG23 H N N 202 
ILE HD11 H N N 203 
ILE HD12 H N N 204 
ILE HD13 H N N 205 
ILE HXT  H N N 206 
LEU N    N N N 207 
LEU CA   C N S 208 
LEU C    C N N 209 
LEU O    O N N 210 
LEU CB   C N N 211 
LEU CG   C N N 212 
LEU CD1  C N N 213 
LEU CD2  C N N 214 
LEU OXT  O N N 215 
LEU H    H N N 216 
LEU H2   H N N 217 
LEU HA   H N N 218 
LEU HB2  H N N 219 
LEU HB3  H N N 220 
LEU HG   H N N 221 
LEU HD11 H N N 222 
LEU HD12 H N N 223 
LEU HD13 H N N 224 
LEU HD21 H N N 225 
LEU HD22 H N N 226 
LEU HD23 H N N 227 
LEU HXT  H N N 228 
LYS N    N N N 229 
LYS CA   C N S 230 
LYS C    C N N 231 
LYS O    O N N 232 
LYS CB   C N N 233 
LYS CG   C N N 234 
LYS CD   C N N 235 
LYS CE   C N N 236 
LYS NZ   N N N 237 
LYS OXT  O N N 238 
LYS H    H N N 239 
LYS H2   H N N 240 
LYS HA   H N N 241 
LYS HB2  H N N 242 
LYS HB3  H N N 243 
LYS HG2  H N N 244 
LYS HG3  H N N 245 
LYS HD2  H N N 246 
LYS HD3  H N N 247 
LYS HE2  H N N 248 
LYS HE3  H N N 249 
LYS HZ1  H N N 250 
LYS HZ2  H N N 251 
LYS HZ3  H N N 252 
LYS HXT  H N N 253 
PHE N    N N N 254 
PHE CA   C N S 255 
PHE C    C N N 256 
PHE O    O N N 257 
PHE CB   C N N 258 
PHE CG   C Y N 259 
PHE CD1  C Y N 260 
PHE CD2  C Y N 261 
PHE CE1  C Y N 262 
PHE CE2  C Y N 263 
PHE CZ   C Y N 264 
PHE OXT  O N N 265 
PHE H    H N N 266 
PHE H2   H N N 267 
PHE HA   H N N 268 
PHE HB2  H N N 269 
PHE HB3  H N N 270 
PHE HD1  H N N 271 
PHE HD2  H N N 272 
PHE HE1  H N N 273 
PHE HE2  H N N 274 
PHE HZ   H N N 275 
PHE HXT  H N N 276 
PRO N    N N N 277 
PRO CA   C N S 278 
PRO C    C N N 279 
PRO O    O N N 280 
PRO CB   C N N 281 
PRO CG   C N N 282 
PRO CD   C N N 283 
PRO OXT  O N N 284 
PRO H    H N N 285 
PRO HA   H N N 286 
PRO HB2  H N N 287 
PRO HB3  H N N 288 
PRO HG2  H N N 289 
PRO HG3  H N N 290 
PRO HD2  H N N 291 
PRO HD3  H N N 292 
PRO HXT  H N N 293 
SER N    N N N 294 
SER CA   C N S 295 
SER C    C N N 296 
SER O    O N N 297 
SER CB   C N N 298 
SER OG   O N N 299 
SER OXT  O N N 300 
SER H    H N N 301 
SER H2   H N N 302 
SER HA   H N N 303 
SER HB2  H N N 304 
SER HB3  H N N 305 
SER HG   H N N 306 
SER HXT  H N N 307 
THR N    N N N 308 
THR CA   C N S 309 
THR C    C N N 310 
THR O    O N N 311 
THR CB   C N R 312 
THR OG1  O N N 313 
THR CG2  C N N 314 
THR OXT  O N N 315 
THR H    H N N 316 
THR H2   H N N 317 
THR HA   H N N 318 
THR HB   H N N 319 
THR HG1  H N N 320 
THR HG21 H N N 321 
THR HG22 H N N 322 
THR HG23 H N N 323 
THR HXT  H N N 324 
TRP N    N N N 325 
TRP CA   C N S 326 
TRP C    C N N 327 
TRP O    O N N 328 
TRP CB   C N N 329 
TRP CG   C Y N 330 
TRP CD1  C Y N 331 
TRP CD2  C Y N 332 
TRP NE1  N Y N 333 
TRP CE2  C Y N 334 
TRP CE3  C Y N 335 
TRP CZ2  C Y N 336 
TRP CZ3  C Y N 337 
TRP CH2  C Y N 338 
TRP OXT  O N N 339 
TRP H    H N N 340 
TRP H2   H N N 341 
TRP HA   H N N 342 
TRP HB2  H N N 343 
TRP HB3  H N N 344 
TRP HD1  H N N 345 
TRP HE1  H N N 346 
TRP HE3  H N N 347 
TRP HZ2  H N N 348 
TRP HZ3  H N N 349 
TRP HH2  H N N 350 
TRP HXT  H N N 351 
TYR N    N N N 352 
TYR CA   C N S 353 
TYR C    C N N 354 
TYR O    O N N 355 
TYR CB   C N N 356 
TYR CG   C Y N 357 
TYR CD1  C Y N 358 
TYR CD2  C Y N 359 
TYR CE1  C Y N 360 
TYR CE2  C Y N 361 
TYR CZ   C Y N 362 
TYR OH   O N N 363 
TYR OXT  O N N 364 
TYR H    H N N 365 
TYR H2   H N N 366 
TYR HA   H N N 367 
TYR HB2  H N N 368 
TYR HB3  H N N 369 
TYR HD1  H N N 370 
TYR HD2  H N N 371 
TYR HE1  H N N 372 
TYR HE2  H N N 373 
TYR HH   H N N 374 
TYR HXT  H N N 375 
VAL N    N N N 376 
VAL CA   C N S 377 
VAL C    C N N 378 
VAL O    O N N 379 
VAL CB   C N N 380 
VAL CG1  C N N 381 
VAL CG2  C N N 382 
VAL OXT  O N N 383 
VAL H    H N N 384 
VAL H2   H N N 385 
VAL HA   H N N 386 
VAL HB   H N N 387 
VAL HG11 H N N 388 
VAL HG12 H N N 389 
VAL HG13 H N N 390 
VAL HG21 H N N 391 
VAL HG22 H N N 392 
VAL HG23 H N N 393 
VAL HXT  H N N 394 
# 
loop_
_chem_comp_bond.comp_id 
_chem_comp_bond.atom_id_1 
_chem_comp_bond.atom_id_2 
_chem_comp_bond.value_order 
_chem_comp_bond.pdbx_aromatic_flag 
_chem_comp_bond.pdbx_stereo_config 
_chem_comp_bond.pdbx_ordinal 
300 C1  C2   doub Y N 1   
300 C1  C6   sing Y N 2   
300 C1  H1   sing N N 3   
300 C2  C3   sing Y N 4   
300 C2  H2   sing N N 5   
300 C3  C4   doub Y N 6   
300 C3  H3   sing N N 7   
300 C4  C5   sing Y N 8   
300 C4  O12  sing N N 9   
300 C5  C6   doub Y N 10  
300 C5  O11  sing N N 11  
300 C6  C10  sing N N 12  
300 C10 O21  doub N N 13  
300 C10 H10  sing N N 14  
300 O11 P17  sing N N 15  
300 O12 C13  sing N N 16  
300 C13 H131 sing N N 17  
300 C13 H132 sing N N 18  
300 C13 H133 sing N N 19  
300 P17 O18  sing N N 20  
300 P17 O19  doub N N 21  
300 P17 O20  sing N N 22  
300 O18 H18  sing N N 23  
300 O20 H20  sing N N 24  
ALA N   CA   sing N N 25  
ALA N   H    sing N N 26  
ALA N   H2   sing N N 27  
ALA CA  C    sing N N 28  
ALA CA  CB   sing N N 29  
ALA CA  HA   sing N N 30  
ALA C   O    doub N N 31  
ALA C   OXT  sing N N 32  
ALA CB  HB1  sing N N 33  
ALA CB  HB2  sing N N 34  
ALA CB  HB3  sing N N 35  
ALA OXT HXT  sing N N 36  
ARG N   CA   sing N N 37  
ARG N   H    sing N N 38  
ARG N   H2   sing N N 39  
ARG CA  C    sing N N 40  
ARG CA  CB   sing N N 41  
ARG CA  HA   sing N N 42  
ARG C   O    doub N N 43  
ARG C   OXT  sing N N 44  
ARG CB  CG   sing N N 45  
ARG CB  HB2  sing N N 46  
ARG CB  HB3  sing N N 47  
ARG CG  CD   sing N N 48  
ARG CG  HG2  sing N N 49  
ARG CG  HG3  sing N N 50  
ARG CD  NE   sing N N 51  
ARG CD  HD2  sing N N 52  
ARG CD  HD3  sing N N 53  
ARG NE  CZ   sing N N 54  
ARG NE  HE   sing N N 55  
ARG CZ  NH1  sing N N 56  
ARG CZ  NH2  doub N N 57  
ARG NH1 HH11 sing N N 58  
ARG NH1 HH12 sing N N 59  
ARG NH2 HH21 sing N N 60  
ARG NH2 HH22 sing N N 61  
ARG OXT HXT  sing N N 62  
ASN N   CA   sing N N 63  
ASN N   H    sing N N 64  
ASN N   H2   sing N N 65  
ASN CA  C    sing N N 66  
ASN CA  CB   sing N N 67  
ASN CA  HA   sing N N 68  
ASN C   O    doub N N 69  
ASN C   OXT  sing N N 70  
ASN CB  CG   sing N N 71  
ASN CB  HB2  sing N N 72  
ASN CB  HB3  sing N N 73  
ASN CG  OD1  doub N N 74  
ASN CG  ND2  sing N N 75  
ASN ND2 HD21 sing N N 76  
ASN ND2 HD22 sing N N 77  
ASN OXT HXT  sing N N 78  
ASP N   CA   sing N N 79  
ASP N   H    sing N N 80  
ASP N   H2   sing N N 81  
ASP CA  C    sing N N 82  
ASP CA  CB   sing N N 83  
ASP CA  HA   sing N N 84  
ASP C   O    doub N N 85  
ASP C   OXT  sing N N 86  
ASP CB  CG   sing N N 87  
ASP CB  HB2  sing N N 88  
ASP CB  HB3  sing N N 89  
ASP CG  OD1  doub N N 90  
ASP CG  OD2  sing N N 91  
ASP OD2 HD2  sing N N 92  
ASP OXT HXT  sing N N 93  
CYS N   CA   sing N N 94  
CYS N   H    sing N N 95  
CYS N   H2   sing N N 96  
CYS CA  C    sing N N 97  
CYS CA  CB   sing N N 98  
CYS CA  HA   sing N N 99  
CYS C   O    doub N N 100 
CYS C   OXT  sing N N 101 
CYS CB  SG   sing N N 102 
CYS CB  HB2  sing N N 103 
CYS CB  HB3  sing N N 104 
CYS SG  HG   sing N N 105 
CYS OXT HXT  sing N N 106 
GLN N   CA   sing N N 107 
GLN N   H    sing N N 108 
GLN N   H2   sing N N 109 
GLN CA  C    sing N N 110 
GLN CA  CB   sing N N 111 
GLN CA  HA   sing N N 112 
GLN C   O    doub N N 113 
GLN C   OXT  sing N N 114 
GLN CB  CG   sing N N 115 
GLN CB  HB2  sing N N 116 
GLN CB  HB3  sing N N 117 
GLN CG  CD   sing N N 118 
GLN CG  HG2  sing N N 119 
GLN CG  HG3  sing N N 120 
GLN CD  OE1  doub N N 121 
GLN CD  NE2  sing N N 122 
GLN NE2 HE21 sing N N 123 
GLN NE2 HE22 sing N N 124 
GLN OXT HXT  sing N N 125 
GLU N   CA   sing N N 126 
GLU N   H    sing N N 127 
GLU N   H2   sing N N 128 
GLU CA  C    sing N N 129 
GLU CA  CB   sing N N 130 
GLU CA  HA   sing N N 131 
GLU C   O    doub N N 132 
GLU C   OXT  sing N N 133 
GLU CB  CG   sing N N 134 
GLU CB  HB2  sing N N 135 
GLU CB  HB3  sing N N 136 
GLU CG  CD   sing N N 137 
GLU CG  HG2  sing N N 138 
GLU CG  HG3  sing N N 139 
GLU CD  OE1  doub N N 140 
GLU CD  OE2  sing N N 141 
GLU OE2 HE2  sing N N 142 
GLU OXT HXT  sing N N 143 
GLY N   CA   sing N N 144 
GLY N   H    sing N N 145 
GLY N   H2   sing N N 146 
GLY CA  C    sing N N 147 
GLY CA  HA2  sing N N 148 
GLY CA  HA3  sing N N 149 
GLY C   O    doub N N 150 
GLY C   OXT  sing N N 151 
GLY OXT HXT  sing N N 152 
HIS N   CA   sing N N 153 
HIS N   H    sing N N 154 
HIS N   H2   sing N N 155 
HIS CA  C    sing N N 156 
HIS CA  CB   sing N N 157 
HIS CA  HA   sing N N 158 
HIS C   O    doub N N 159 
HIS C   OXT  sing N N 160 
HIS CB  CG   sing N N 161 
HIS CB  HB2  sing N N 162 
HIS CB  HB3  sing N N 163 
HIS CG  ND1  sing Y N 164 
HIS CG  CD2  doub Y N 165 
HIS ND1 CE1  doub Y N 166 
HIS ND1 HD1  sing N N 167 
HIS CD2 NE2  sing Y N 168 
HIS CD2 HD2  sing N N 169 
HIS CE1 NE2  sing Y N 170 
HIS CE1 HE1  sing N N 171 
HIS NE2 HE2  sing N N 172 
HIS OXT HXT  sing N N 173 
HOH O   H1   sing N N 174 
HOH O   H2   sing N N 175 
ILE N   CA   sing N N 176 
ILE N   H    sing N N 177 
ILE N   H2   sing N N 178 
ILE CA  C    sing N N 179 
ILE CA  CB   sing N N 180 
ILE CA  HA   sing N N 181 
ILE C   O    doub N N 182 
ILE C   OXT  sing N N 183 
ILE CB  CG1  sing N N 184 
ILE CB  CG2  sing N N 185 
ILE CB  HB   sing N N 186 
ILE CG1 CD1  sing N N 187 
ILE CG1 HG12 sing N N 188 
ILE CG1 HG13 sing N N 189 
ILE CG2 HG21 sing N N 190 
ILE CG2 HG22 sing N N 191 
ILE CG2 HG23 sing N N 192 
ILE CD1 HD11 sing N N 193 
ILE CD1 HD12 sing N N 194 
ILE CD1 HD13 sing N N 195 
ILE OXT HXT  sing N N 196 
LEU N   CA   sing N N 197 
LEU N   H    sing N N 198 
LEU N   H2   sing N N 199 
LEU CA  C    sing N N 200 
LEU CA  CB   sing N N 201 
LEU CA  HA   sing N N 202 
LEU C   O    doub N N 203 
LEU C   OXT  sing N N 204 
LEU CB  CG   sing N N 205 
LEU CB  HB2  sing N N 206 
LEU CB  HB3  sing N N 207 
LEU CG  CD1  sing N N 208 
LEU CG  CD2  sing N N 209 
LEU CG  HG   sing N N 210 
LEU CD1 HD11 sing N N 211 
LEU CD1 HD12 sing N N 212 
LEU CD1 HD13 sing N N 213 
LEU CD2 HD21 sing N N 214 
LEU CD2 HD22 sing N N 215 
LEU CD2 HD23 sing N N 216 
LEU OXT HXT  sing N N 217 
LYS N   CA   sing N N 218 
LYS N   H    sing N N 219 
LYS N   H2   sing N N 220 
LYS CA  C    sing N N 221 
LYS CA  CB   sing N N 222 
LYS CA  HA   sing N N 223 
LYS C   O    doub N N 224 
LYS C   OXT  sing N N 225 
LYS CB  CG   sing N N 226 
LYS CB  HB2  sing N N 227 
LYS CB  HB3  sing N N 228 
LYS CG  CD   sing N N 229 
LYS CG  HG2  sing N N 230 
LYS CG  HG3  sing N N 231 
LYS CD  CE   sing N N 232 
LYS CD  HD2  sing N N 233 
LYS CD  HD3  sing N N 234 
LYS CE  NZ   sing N N 235 
LYS CE  HE2  sing N N 236 
LYS CE  HE3  sing N N 237 
LYS NZ  HZ1  sing N N 238 
LYS NZ  HZ2  sing N N 239 
LYS NZ  HZ3  sing N N 240 
LYS OXT HXT  sing N N 241 
PHE N   CA   sing N N 242 
PHE N   H    sing N N 243 
PHE N   H2   sing N N 244 
PHE CA  C    sing N N 245 
PHE CA  CB   sing N N 246 
PHE CA  HA   sing N N 247 
PHE C   O    doub N N 248 
PHE C   OXT  sing N N 249 
PHE CB  CG   sing N N 250 
PHE CB  HB2  sing N N 251 
PHE CB  HB3  sing N N 252 
PHE CG  CD1  doub Y N 253 
PHE CG  CD2  sing Y N 254 
PHE CD1 CE1  sing Y N 255 
PHE CD1 HD1  sing N N 256 
PHE CD2 CE2  doub Y N 257 
PHE CD2 HD2  sing N N 258 
PHE CE1 CZ   doub Y N 259 
PHE CE1 HE1  sing N N 260 
PHE CE2 CZ   sing Y N 261 
PHE CE2 HE2  sing N N 262 
PHE CZ  HZ   sing N N 263 
PHE OXT HXT  sing N N 264 
PRO N   CA   sing N N 265 
PRO N   CD   sing N N 266 
PRO N   H    sing N N 267 
PRO CA  C    sing N N 268 
PRO CA  CB   sing N N 269 
PRO CA  HA   sing N N 270 
PRO C   O    doub N N 271 
PRO C   OXT  sing N N 272 
PRO CB  CG   sing N N 273 
PRO CB  HB2  sing N N 274 
PRO CB  HB3  sing N N 275 
PRO CG  CD   sing N N 276 
PRO CG  HG2  sing N N 277 
PRO CG  HG3  sing N N 278 
PRO CD  HD2  sing N N 279 
PRO CD  HD3  sing N N 280 
PRO OXT HXT  sing N N 281 
SER N   CA   sing N N 282 
SER N   H    sing N N 283 
SER N   H2   sing N N 284 
SER CA  C    sing N N 285 
SER CA  CB   sing N N 286 
SER CA  HA   sing N N 287 
SER C   O    doub N N 288 
SER C   OXT  sing N N 289 
SER CB  OG   sing N N 290 
SER CB  HB2  sing N N 291 
SER CB  HB3  sing N N 292 
SER OG  HG   sing N N 293 
SER OXT HXT  sing N N 294 
THR N   CA   sing N N 295 
THR N   H    sing N N 296 
THR N   H2   sing N N 297 
THR CA  C    sing N N 298 
THR CA  CB   sing N N 299 
THR CA  HA   sing N N 300 
THR C   O    doub N N 301 
THR C   OXT  sing N N 302 
THR CB  OG1  sing N N 303 
THR CB  CG2  sing N N 304 
THR CB  HB   sing N N 305 
THR OG1 HG1  sing N N 306 
THR CG2 HG21 sing N N 307 
THR CG2 HG22 sing N N 308 
THR CG2 HG23 sing N N 309 
THR OXT HXT  sing N N 310 
TRP N   CA   sing N N 311 
TRP N   H    sing N N 312 
TRP N   H2   sing N N 313 
TRP CA  C    sing N N 314 
TRP CA  CB   sing N N 315 
TRP CA  HA   sing N N 316 
TRP C   O    doub N N 317 
TRP C   OXT  sing N N 318 
TRP CB  CG   sing N N 319 
TRP CB  HB2  sing N N 320 
TRP CB  HB3  sing N N 321 
TRP CG  CD1  doub Y N 322 
TRP CG  CD2  sing Y N 323 
TRP CD1 NE1  sing Y N 324 
TRP CD1 HD1  sing N N 325 
TRP CD2 CE2  doub Y N 326 
TRP CD2 CE3  sing Y N 327 
TRP NE1 CE2  sing Y N 328 
TRP NE1 HE1  sing N N 329 
TRP CE2 CZ2  sing Y N 330 
TRP CE3 CZ3  doub Y N 331 
TRP CE3 HE3  sing N N 332 
TRP CZ2 CH2  doub Y N 333 
TRP CZ2 HZ2  sing N N 334 
TRP CZ3 CH2  sing Y N 335 
TRP CZ3 HZ3  sing N N 336 
TRP CH2 HH2  sing N N 337 
TRP OXT HXT  sing N N 338 
TYR N   CA   sing N N 339 
TYR N   H    sing N N 340 
TYR N   H2   sing N N 341 
TYR CA  C    sing N N 342 
TYR CA  CB   sing N N 343 
TYR CA  HA   sing N N 344 
TYR C   O    doub N N 345 
TYR C   OXT  sing N N 346 
TYR CB  CG   sing N N 347 
TYR CB  HB2  sing N N 348 
TYR CB  HB3  sing N N 349 
TYR CG  CD1  doub Y N 350 
TYR CG  CD2  sing Y N 351 
TYR CD1 CE1  sing Y N 352 
TYR CD1 HD1  sing N N 353 
TYR CD2 CE2  doub Y N 354 
TYR CD2 HD2  sing N N 355 
TYR CE1 CZ   doub Y N 356 
TYR CE1 HE1  sing N N 357 
TYR CE2 CZ   sing Y N 358 
TYR CE2 HE2  sing N N 359 
TYR CZ  OH   sing N N 360 
TYR OH  HH   sing N N 361 
TYR OXT HXT  sing N N 362 
VAL N   CA   sing N N 363 
VAL N   H    sing N N 364 
VAL N   H2   sing N N 365 
VAL CA  C    sing N N 366 
VAL CA  CB   sing N N 367 
VAL CA  HA   sing N N 368 
VAL C   O    doub N N 369 
VAL C   OXT  sing N N 370 
VAL CB  CG1  sing N N 371 
VAL CB  CG2  sing N N 372 
VAL CB  HB   sing N N 373 
VAL CG1 HG11 sing N N 374 
VAL CG1 HG12 sing N N 375 
VAL CG1 HG13 sing N N 376 
VAL CG2 HG21 sing N N 377 
VAL CG2 HG22 sing N N 378 
VAL CG2 HG23 sing N N 379 
VAL OXT HXT  sing N N 380 
# 
_pdbx_initial_refinement_model.id               1 
_pdbx_initial_refinement_model.entity_id_list   ? 
_pdbx_initial_refinement_model.type             'experimental model' 
_pdbx_initial_refinement_model.source_name      PDB 
_pdbx_initial_refinement_model.accession_code   1SHD 
_pdbx_initial_refinement_model.details          ? 
# 
_atom_sites.entry_id                    1O41 
_atom_sites.fract_transf_matrix[1][1]   0.02625224 
_atom_sites.fract_transf_matrix[1][2]   0.01875589 
_atom_sites.fract_transf_matrix[1][3]   -0.01982095 
_atom_sites.fract_transf_matrix[2][1]   0.01218904 
_atom_sites.fract_transf_matrix[2][2]   -0.00722299 
_atom_sites.fract_transf_matrix[2][3]   0.00930913 
_atom_sites.fract_transf_matrix[3][1]   0.00076248 
_atom_sites.fract_transf_matrix[3][2]   -0.01178806 
_atom_sites.fract_transf_matrix[3][3]   -0.01014476 
_atom_sites.fract_transf_vector[1]      0.393856 
_atom_sites.fract_transf_vector[2]      0.327301 
_atom_sites.fract_transf_vector[3]      0.313671 
# 
loop_
_atom_type.symbol 
C 
N 
O 
P 
S 
# 
loop_
_atom_site.group_PDB 
_atom_site.id 
_atom_site.type_symbol 
_atom_site.label_atom_id 
_atom_site.label_alt_id 
_atom_site.label_comp_id 
_atom_site.label_asym_id 
_atom_site.label_entity_id 
_atom_site.label_seq_id 
_atom_site.pdbx_PDB_ins_code 
_atom_site.Cartn_x 
_atom_site.Cartn_y 
_atom_site.Cartn_z 
_atom_site.occupancy 
_atom_site.B_iso_or_equiv 
_atom_site.pdbx_formal_charge 
_atom_site.auth_seq_id 
_atom_site.auth_comp_id 
_atom_site.auth_asym_id 
_atom_site.auth_atom_id 
_atom_site.pdbx_PDB_model_num 
ATOM   1    N N   . SER A 1 1   ? -9.305  9.576   10.521  1.00 57.22 ? 1   SER A N   1 
ATOM   2    C CA  . SER A 1 1   ? -8.425  8.641   11.299  1.00 56.49 ? 1   SER A CA  1 
ATOM   3    C C   . SER A 1 1   ? -7.960  7.453   10.444  1.00 54.96 ? 1   SER A C   1 
ATOM   4    O O   . SER A 1 1   ? -8.746  6.528   10.154  1.00 55.64 ? 1   SER A O   1 
ATOM   5    C CB  . SER A 1 1   ? -9.144  8.135   12.568  1.00 58.05 ? 1   SER A CB  1 
ATOM   6    O OG  . SER A 1 1   ? -8.276  7.375   13.410  1.00 59.86 ? 1   SER A OG  1 
ATOM   7    N N   . ILE A 1 2   ? -6.681  7.487   10.051  1.00 52.34 ? 2   ILE A N   1 
ATOM   8    C CA  . ILE A 1 2   ? -6.100  6.417   9.244   1.00 48.59 ? 2   ILE A CA  1 
ATOM   9    C C   . ILE A 1 2   ? -5.913  5.155   10.081  1.00 45.93 ? 2   ILE A C   1 
ATOM   10   O O   . ILE A 1 2   ? -5.865  4.062   9.549   1.00 45.85 ? 2   ILE A O   1 
ATOM   11   C CB  . ILE A 1 2   ? -4.748  6.812   8.649   1.00 47.13 ? 2   ILE A CB  1 
ATOM   12   C CG1 . ILE A 1 2   ? -3.649  6.614   9.687   1.00 47.49 ? 2   ILE A CG1 1 
ATOM   13   C CG2 . ILE A 1 2   ? -4.783  8.260   8.184   1.00 45.46 ? 2   ILE A CG2 1 
ATOM   14   C CD1 . ILE A 1 2   ? -2.285  6.591   9.098   1.00 48.95 ? 2   ILE A CD1 1 
ATOM   15   N N   . GLN A 1 3   ? -5.828  5.305   11.392  1.00 43.55 ? 3   GLN A N   1 
ATOM   16   C CA  . GLN A 1 3   ? -5.649  4.144   12.251  1.00 42.03 ? 3   GLN A CA  1 
ATOM   17   C C   . GLN A 1 3   ? -6.928  3.354   12.453  1.00 39.00 ? 3   GLN A C   1 
ATOM   18   O O   . GLN A 1 3   ? -6.905  2.207   12.909  1.00 38.95 ? 3   GLN A O   1 
ATOM   19   C CB  . GLN A 1 3   ? -5.015  4.547   13.577  1.00 47.50 ? 3   GLN A CB  1 
ATOM   20   C CG  . GLN A 1 3   ? -3.608  5.061   13.357  1.00 57.48 ? 3   GLN A CG  1 
ATOM   21   C CD  . GLN A 1 3   ? -2.859  5.248   14.636  1.00 66.06 ? 3   GLN A CD  1 
ATOM   22   O OE1 . GLN A 1 3   ? -1.839  4.592   14.879  1.00 69.86 ? 3   GLN A OE1 1 
ATOM   23   N NE2 . GLN A 1 3   ? -3.363  6.141   15.483  1.00 70.64 ? 3   GLN A NE2 1 
ATOM   24   N N   . ALA A 1 4   ? -8.044  3.967   12.092  1.00 35.02 ? 4   ALA A N   1 
ATOM   25   C CA  . ALA A 1 4   ? -9.326  3.302   12.204  1.00 32.65 ? 4   ALA A CA  1 
ATOM   26   C C   . ALA A 1 4   ? -9.466  2.316   11.027  1.00 29.04 ? 4   ALA A C   1 
ATOM   27   O O   . ALA A 1 4   ? -10.121 1.281   11.130  1.00 29.74 ? 4   ALA A O   1 
ATOM   28   C CB  . ALA A 1 4   ? -10.445 4.347   12.162  1.00 34.04 ? 4   ALA A CB  1 
ATOM   29   N N   . GLU A 1 5   ? -8.772  2.611   9.940   1.00 25.09 ? 5   GLU A N   1 
ATOM   30   C CA  . GLU A 1 5   ? -8.845  1.809   8.734   1.00 21.56 ? 5   GLU A CA  1 
ATOM   31   C C   . GLU A 1 5   ? -8.376  0.385   8.910   1.00 18.29 ? 5   GLU A C   1 
ATOM   32   O O   . GLU A 1 5   ? -7.301  0.140   9.437   1.00 15.90 ? 5   GLU A O   1 
ATOM   33   C CB  . GLU A 1 5   ? -8.026  2.480   7.645   1.00 22.83 ? 5   GLU A CB  1 
ATOM   34   C CG  . GLU A 1 5   ? -8.303  3.962   7.556   1.00 29.77 ? 5   GLU A CG  1 
ATOM   35   C CD  . GLU A 1 5   ? -9.741  4.224   7.239   1.00 30.25 ? 5   GLU A CD  1 
ATOM   36   O OE1 . GLU A 1 5   ? -10.288 5.212   7.776   1.00 33.69 ? 5   GLU A OE1 1 
ATOM   37   O OE2 . GLU A 1 5   ? -10.316 3.423   6.461   1.00 25.90 ? 5   GLU A OE2 1 
ATOM   38   N N   . GLU A 1 6   ? -9.171  -0.555  8.410   1.00 15.91 ? 6   GLU A N   1 
ATOM   39   C CA  . GLU A 1 6   ? -8.819  -1.966  8.497   1.00 14.97 ? 6   GLU A CA  1 
ATOM   40   C C   . GLU A 1 6   ? -7.580  -2.331  7.624   1.00 13.37 ? 6   GLU A C   1 
ATOM   41   O O   . GLU A 1 6   ? -6.947  -3.353  7.856   1.00 13.09 ? 6   GLU A O   1 
ATOM   42   C CB  . GLU A 1 6   ? -10.026 -2.864  8.167   1.00 13.63 ? 6   GLU A CB  1 
ATOM   43   C CG  . GLU A 1 6   ? -10.398 -2.958  6.688   1.00 14.77 ? 6   GLU A CG  1 
ATOM   44   C CD  . GLU A 1 6   ? -11.224 -1.765  6.135   1.00 14.85 ? 6   GLU A CD  1 
ATOM   45   O OE1 . GLU A 1 6   ? -11.561 -1.841  4.920   1.00 14.38 ? 6   GLU A OE1 1 
ATOM   46   O OE2 . GLU A 1 6   ? -11.518 -0.769  6.872   1.00 11.50 ? 6   GLU A OE2 1 
ATOM   47   N N   . TRP A 1 7   ? -7.271  -1.530  6.602   1.00 10.83 ? 7   TRP A N   1 
ATOM   48   C CA  . TRP A 1 7   ? -6.084  -1.781  5.775   1.00 11.15 ? 7   TRP A CA  1 
ATOM   49   C C   . TRP A 1 7   ? -4.847  -1.125  6.395   1.00 11.14 ? 7   TRP A C   1 
ATOM   50   O O   . TRP A 1 7   ? -3.752  -1.253  5.858   1.00 11.21 ? 7   TRP A O   1 
ATOM   51   C CB  . TRP A 1 7   ? -6.270  -1.284  4.323   1.00 10.11 ? 7   TRP A CB  1 
ATOM   52   C CG  . TRP A 1 7   ? -7.037  0.000   4.200   1.00 9.00  ? 7   TRP A CG  1 
ATOM   53   C CD1 . TRP A 1 7   ? -8.362  0.129   3.872   1.00 10.46 ? 7   TRP A CD1 1 
ATOM   54   C CD2 . TRP A 1 7   ? -6.533  1.332   4.376   1.00 9.15  ? 7   TRP A CD2 1 
ATOM   55   N NE1 . TRP A 1 7   ? -8.710  1.454   3.832   1.00 8.88  ? 7   TRP A NE1 1 
ATOM   56   C CE2 . TRP A 1 7   ? -7.612  2.219   4.139   1.00 7.92  ? 7   TRP A CE2 1 
ATOM   57   C CE3 . TRP A 1 7   ? -5.287  1.870   4.726   1.00 10.98 ? 7   TRP A CE3 1 
ATOM   58   C CZ2 . TRP A 1 7   ? -7.476  3.599   4.234   1.00 10.54 ? 7   TRP A CZ2 1 
ATOM   59   C CZ3 . TRP A 1 7   ? -5.155  3.254   4.824   1.00 13.57 ? 7   TRP A CZ3 1 
ATOM   60   C CH2 . TRP A 1 7   ? -6.249  4.102   4.580   1.00 12.46 ? 7   TRP A CH2 1 
ATOM   61   N N   . TYR A 1 8   ? -5.018  -0.390  7.495   1.00 11.64 ? 8   TYR A N   1 
ATOM   62   C CA  . TYR A 1 8   ? -3.869  0.252   8.147   1.00 14.29 ? 8   TYR A CA  1 
ATOM   63   C C   . TYR A 1 8   ? -3.265  -0.683  9.184   1.00 14.66 ? 8   TYR A C   1 
ATOM   64   O O   . TYR A 1 8   ? -3.861  -0.908  10.249  1.00 17.59 ? 8   TYR A O   1 
ATOM   65   C CB  . TYR A 1 8   ? -4.227  1.576   8.829   1.00 14.13 ? 8   TYR A CB  1 
ATOM   66   C CG  . TYR A 1 8   ? -2.978  2.308   9.300   1.00 15.66 ? 8   TYR A CG  1 
ATOM   67   C CD1 . TYR A 1 8   ? -2.031  2.751   8.369   1.00 18.57 ? 8   TYR A CD1 1 
ATOM   68   C CD2 . TYR A 1 8   ? -2.699  2.491   10.660  1.00 13.74 ? 8   TYR A CD2 1 
ATOM   69   C CE1 . TYR A 1 8   ? -0.841  3.340   8.769   1.00 19.43 ? 8   TYR A CE1 1 
ATOM   70   C CE2 . TYR A 1 8   ? -1.496  3.098   11.067  1.00 15.19 ? 8   TYR A CE2 1 
ATOM   71   C CZ  . TYR A 1 8   ? -0.582  3.509   10.110  1.00 15.63 ? 8   TYR A CZ  1 
ATOM   72   O OH  . TYR A 1 8   ? 0.618   4.075   10.451  1.00 18.01 ? 8   TYR A OH  1 
ATOM   73   N N   . PHE A 1 9   ? -2.084  -1.220  8.895   1.00 12.68 ? 9   PHE A N   1 
ATOM   74   C CA  . PHE A 1 9   ? -1.433  -2.149  9.826   1.00 12.47 ? 9   PHE A CA  1 
ATOM   75   C C   . PHE A 1 9   ? -0.434  -1.473  10.759  1.00 14.05 ? 9   PHE A C   1 
ATOM   76   O O   . PHE A 1 9   ? 0.204   -2.134  11.580  1.00 14.44 ? 9   PHE A O   1 
ATOM   77   C CB  . PHE A 1 9   ? -0.785  -3.316  9.078   1.00 9.85  ? 9   PHE A CB  1 
ATOM   78   C CG  . PHE A 1 9   ? -1.767  -4.333  8.564   1.00 12.86 ? 9   PHE A CG  1 
ATOM   79   C CD1 . PHE A 1 9   ? -2.939  -3.944  7.922   1.00 12.40 ? 9   PHE A CD1 1 
ATOM   80   C CD2 . PHE A 1 9   ? -1.498  -5.694  8.687   1.00 19.22 ? 9   PHE A CD2 1 
ATOM   81   C CE1 . PHE A 1 9   ? -3.831  -4.899  7.404   1.00 13.89 ? 9   PHE A CE1 1 
ATOM   82   C CE2 . PHE A 1 9   ? -2.399  -6.667  8.162   1.00 20.86 ? 9   PHE A CE2 1 
ATOM   83   C CZ  . PHE A 1 9   ? -3.558  -6.261  7.524   1.00 14.50 ? 9   PHE A CZ  1 
ATOM   84   N N   . GLY A 1 10  ? -0.289  -0.159  10.607  1.00 14.05 ? 10  GLY A N   1 
ATOM   85   C CA  . GLY A 1 10  ? 0.587   0.598   11.471  1.00 13.80 ? 10  GLY A CA  1 
ATOM   86   C C   . GLY A 1 10  ? 2.040   0.218   11.511  1.00 14.08 ? 10  GLY A C   1 
ATOM   87   O O   . GLY A 1 10  ? 2.684   0.054   10.488  1.00 13.28 ? 10  GLY A O   1 
ATOM   88   N N   . LYS A 1 11  ? 2.556   0.052   12.721  1.00 14.36 ? 11  LYS A N   1 
ATOM   89   C CA  . LYS A 1 11  ? 3.959   -0.253  12.901  1.00 14.91 ? 11  LYS A CA  1 
ATOM   90   C C   . LYS A 1 11  ? 4.322   -1.724  12.749  1.00 14.37 ? 11  LYS A C   1 
ATOM   91   O O   . LYS A 1 11  ? 4.385   -2.448  13.741  1.00 16.75 ? 11  LYS A O   1 
ATOM   92   C CB  . LYS A 1 11  ? 4.453   0.303   14.247  1.00 15.94 ? 11  LYS A CB  1 
ATOM   93   C CG  . LYS A 1 11  ? 5.971   0.351   14.394  1.00 19.31 ? 11  LYS A CG  1 
ATOM   94   C CD  . LYS A 1 11  ? 6.352   0.630   15.833  1.00 22.00 ? 11  LYS A CD  1 
ATOM   95   C CE  . LYS A 1 11  ? 7.826   0.834   15.956  1.00 22.42 ? 11  LYS A CE  1 
ATOM   96   N NZ  . LYS A 1 11  ? 8.200   0.777   17.386  1.00 23.67 ? 11  LYS A NZ  1 
ATOM   97   N N   . ILE A 1 12  ? 4.418   -2.193  11.505  1.00 13.03 ? 12  ILE A N   1 
ATOM   98   C CA  . ILE A 1 12  ? 4.873   -3.556  11.238  1.00 10.97 ? 12  ILE A CA  1 
ATOM   99   C C   . ILE A 1 12  ? 6.052   -3.405  10.281  1.00 10.75 ? 12  ILE A C   1 
ATOM   100  O O   . ILE A 1 12  ? 6.143   -2.404  9.570   1.00 11.55 ? 12  ILE A O   1 
ATOM   101  C CB  . ILE A 1 12  ? 3.801   -4.502  10.649  1.00 11.53 ? 12  ILE A CB  1 
ATOM   102  C CG1 . ILE A 1 12  ? 3.359   -4.041  9.263   1.00 10.22 ? 12  ILE A CG1 1 
ATOM   103  C CG2 . ILE A 1 12  ? 2.641   -4.639  11.625  1.00 15.00 ? 12  ILE A CG2 1 
ATOM   104  C CD1 . ILE A 1 12  ? 2.645   -5.130  8.519   1.00 11.52 ? 12  ILE A CD1 1 
ATOM   105  N N   . THR A 1 13  ? 6.990   -4.353  10.317  1.00 9.93  ? 13  THR A N   1 
ATOM   106  C CA  . THR A 1 13  ? 8.184   -4.301  9.481   1.00 8.73  ? 13  THR A CA  1 
ATOM   107  C C   . THR A 1 13  ? 7.893   -4.678  8.020   1.00 9.02  ? 13  THR A C   1 
ATOM   108  O O   . THR A 1 13  ? 6.842   -5.237  7.705   1.00 7.40  ? 13  THR A O   1 
ATOM   109  C CB  . THR A 1 13  ? 9.305   -5.268  9.997   1.00 8.37  ? 13  THR A CB  1 
ATOM   110  O OG1 . THR A 1 13  ? 8.868   -6.631  9.872   1.00 9.75  ? 13  THR A OG1 1 
ATOM   111  C CG2 . THR A 1 13  ? 9.670   -4.966  11.460  1.00 8.71  ? 13  THR A CG2 1 
ATOM   112  N N   . ARG A 1 14  ? 8.843   -4.375  7.140   1.00 9.44  ? 14  ARG A N   1 
ATOM   113  C CA  . ARG A 1 14  ? 8.695   -4.724  5.757   1.00 9.45  ? 14  ARG A CA  1 
ATOM   114  C C   . ARG A 1 14  ? 8.642   -6.250  5.626   1.00 10.35 ? 14  ARG A C   1 
ATOM   115  O O   . ARG A 1 14  ? 7.855   -6.773  4.827   1.00 9.08  ? 14  ARG A O   1 
ATOM   116  C CB  . ARG A 1 14  ? 9.840   -4.182  4.926   1.00 8.89  ? 14  ARG A CB  1 
ATOM   117  C CG  . ARG A 1 14  ? 9.712   -4.611  3.492   1.00 11.79 ? 14  ARG A CG  1 
ATOM   118  C CD  . ARG A 1 14  ? 10.560  -3.758  2.591   1.00 19.44 ? 14  ARG A CD  1 
ATOM   119  N NE  . ARG A 1 14  ? 11.969  -4.072  2.731   1.00 27.03 ? 14  ARG A NE  1 
ATOM   120  C CZ  . ARG A 1 14  ? 12.577  -5.123  2.171   1.00 31.93 ? 14  ARG A CZ  1 
ATOM   121  N NH1 . ARG A 1 14  ? 11.922  -6.000  1.418   1.00 34.75 ? 14  ARG A NH1 1 
ATOM   122  N NH2 . ARG A 1 14  ? 13.869  -5.275  2.332   1.00 32.24 ? 14  ARG A NH2 1 
ATOM   123  N N   . ARG A 1 15  ? 9.486   -6.962  6.387   1.00 8.93  ? 15  ARG A N   1 
ATOM   124  C CA  . ARG A 1 15  ? 9.522   -8.427  6.328   1.00 9.24  ? 15  ARG A CA  1 
ATOM   125  C C   . ARG A 1 15  ? 8.166   -8.999  6.750   1.00 9.10  ? 15  ARG A C   1 
ATOM   126  O O   . ARG A 1 15  ? 7.653   -9.938  6.139   1.00 8.86  ? 15  ARG A O   1 
ATOM   127  C CB  . ARG A 1 15  ? 10.642  -8.975  7.211   1.00 9.52  ? 15  ARG A CB  1 
ATOM   128  C CG  . ARG A 1 15  ? 10.701  -10.512 7.268   1.00 13.49 ? 15  ARG A CG  1 
ATOM   129  C CD  . ARG A 1 15  ? 11.936  -11.020 8.014   1.00 11.52 ? 15  ARG A CD  1 
ATOM   130  N NE  . ARG A 1 15  ? 11.932  -12.474 8.165   1.00 14.86 ? 15  ARG A NE  1 
ATOM   131  C CZ  . ARG A 1 15  ? 12.458  -13.329 7.285   1.00 17.58 ? 15  ARG A CZ  1 
ATOM   132  N NH1 . ARG A 1 15  ? 13.055  -12.893 6.179   1.00 17.28 ? 15  ARG A NH1 1 
ATOM   133  N NH2 . ARG A 1 15  ? 12.347  -14.634 7.491   1.00 19.03 ? 15  ARG A NH2 1 
ATOM   134  N N   . GLU A 1 16  ? 7.573   -8.418  7.785   1.00 9.76  ? 16  GLU A N   1 
ATOM   135  C CA  . GLU A 1 16  ? 6.250   -8.863  8.248   1.00 10.16 ? 16  GLU A CA  1 
ATOM   136  C C   . GLU A 1 16  ? 5.197   -8.596  7.151   1.00 9.36  ? 16  GLU A C   1 
ATOM   137  O O   . GLU A 1 16  ? 4.362   -9.474  6.863   1.00 9.13  ? 16  GLU A O   1 
ATOM   138  C CB  . GLU A 1 16  ? 5.852   -8.145  9.555   1.00 8.78  ? 16  GLU A CB  1 
ATOM   139  C CG  . GLU A 1 16  ? 4.453   -8.453  10.066  1.00 10.24 ? 16  GLU A CG  1 
ATOM   140  C CD  . GLU A 1 16  ? 4.210   -9.929  10.397  1.00 14.78 ? 16  GLU A CD  1 
ATOM   141  O OE1 . GLU A 1 16  ? 3.074   -10.254 10.815  1.00 17.66 ? 16  GLU A OE1 1 
ATOM   142  O OE2 . GLU A 1 16  ? 5.120   -10.773 10.250  1.00 13.74 ? 16  GLU A OE2 1 
ATOM   143  N N   . SER A 1 17  ? 5.263   -7.436  6.497   1.00 7.80  ? 17  SER A N   1 
ATOM   144  C CA  . SER A 1 17  ? 4.292   -7.154  5.442   1.00 8.12  ? 17  SER A CA  1 
ATOM   145  C C   . SER A 1 17  ? 4.447   -8.192  4.324   1.00 9.99  ? 17  SER A C   1 
ATOM   146  O O   . SER A 1 17  ? 3.455   -8.699  3.782   1.00 9.80  ? 17  SER A O   1 
ATOM   147  C CB  . SER A 1 17  ? 4.432   -5.711  4.921   1.00 8.76  ? 17  SER A CB  1 
ATOM   148  O OG  . SER A 1 17  ? 5.524   -5.546  4.047   1.00 8.37  ? 17  SER A OG  1 
ATOM   149  N N   . GLU A 1 18  ? 5.680   -8.555  3.991   1.00 8.66  ? 18  GLU A N   1 
ATOM   150  C CA  . GLU A 1 18  ? 5.876   -9.548  2.953   1.00 9.41  ? 18  GLU A CA  1 
ATOM   151  C C   . GLU A 1 18  ? 5.388   -10.910 3.400   1.00 9.69  ? 18  GLU A C   1 
ATOM   152  O O   . GLU A 1 18  ? 4.774   -11.631 2.621   1.00 10.72 ? 18  GLU A O   1 
ATOM   153  C CB  . GLU A 1 18  ? 7.324   -9.578  2.520   1.00 10.09 ? 18  GLU A CB  1 
ATOM   154  C CG  . GLU A 1 18  ? 7.715   -8.239  1.920   1.00 13.10 ? 18  GLU A CG  1 
ATOM   155  C CD  . GLU A 1 18  ? 9.158   -8.166  1.464   1.00 22.18 ? 18  GLU A CD  1 
ATOM   156  O OE1 . GLU A 1 18  ? 9.517   -7.185  0.801   1.00 14.86 ? 18  GLU A OE1 1 
ATOM   157  O OE2 . GLU A 1 18  ? 9.955   -9.076  1.774   1.00 27.72 ? 18  GLU A OE2 1 
ATOM   158  N N   . ARG A 1 19  ? 5.574   -11.241 4.671   1.00 9.34  ? 19  ARG A N   1 
ATOM   159  C CA  . ARG A 1 19  ? 5.109   -12.536 5.153   1.00 10.80 ? 19  ARG A CA  1 
ATOM   160  C C   . ARG A 1 19  ? 3.573   -12.625 5.011   1.00 10.13 ? 19  ARG A C   1 
ATOM   161  O O   . ARG A 1 19  ? 3.032   -13.637 4.574   1.00 11.33 ? 19  ARG A O   1 
ATOM   162  C CB  . ARG A 1 19  ? 5.503   -12.750 6.618   1.00 10.56 ? 19  ARG A CB  1 
ATOM   163  C CG  . ARG A 1 19  ? 5.121   -14.148 7.150   1.00 12.82 ? 19  ARG A CG  1 
ATOM   164  C CD  . ARG A 1 19  ? 5.312   -14.259 8.661   1.00 13.58 ? 19  ARG A CD  1 
ATOM   165  N NE  . ARG A 1 19  ? 4.321   -13.484 9.429   1.00 15.85 ? 19  ARG A NE  1 
ATOM   166  C CZ  . ARG A 1 19  ? 3.058   -13.865 9.659   1.00 14.26 ? 19  ARG A CZ  1 
ATOM   167  N NH1 . ARG A 1 19  ? 2.594   -15.028 9.183   1.00 17.78 ? 19  ARG A NH1 1 
ATOM   168  N NH2 . ARG A 1 19  ? 2.249   -13.062 10.337  1.00 14.06 ? 19  ARG A NH2 1 
ATOM   169  N N   . LEU A 1 20  ? 2.888   -11.551 5.353   1.00 9.64  ? 20  LEU A N   1 
ATOM   170  C CA  . LEU A 1 20  ? 1.437   -11.537 5.283   1.00 9.60  ? 20  LEU A CA  1 
ATOM   171  C C   . LEU A 1 20  ? 0.921   -11.550 3.834   1.00 10.46 ? 20  LEU A C   1 
ATOM   172  O O   . LEU A 1 20  ? -0.074  -12.238 3.503   1.00 10.05 ? 20  LEU A O   1 
ATOM   173  C CB  . LEU A 1 20  ? 0.920   -10.306 6.017   1.00 10.68 ? 20  LEU A CB  1 
ATOM   174  C CG  . LEU A 1 20  ? 1.051   -10.200 7.558   1.00 13.05 ? 20  LEU A CG  1 
ATOM   175  C CD1 . LEU A 1 20  ? 0.696   -8.790  8.012   1.00 13.93 ? 20  LEU A CD1 1 
ATOM   176  C CD2 . LEU A 1 20  ? 0.148   -11.202 8.234   1.00 14.49 ? 20  LEU A CD2 1 
ATOM   177  N N   . LEU A 1 21  ? 1.632   -10.860 2.953   1.00 9.19  ? 21  LEU A N   1 
ATOM   178  C CA  . LEU A 1 21  ? 1.211   -10.746 1.553   1.00 10.12 ? 21  LEU A CA  1 
ATOM   179  C C   . LEU A 1 21  ? 1.575   -11.933 0.652   1.00 10.61 ? 21  LEU A C   1 
ATOM   180  O O   . LEU A 1 21  ? 0.900   -12.192 -0.338  1.00 11.17 ? 21  LEU A O   1 
ATOM   181  C CB  . LEU A 1 21  ? 1.721   -9.415  0.961   1.00 9.65  ? 21  LEU A CB  1 
ATOM   182  C CG  . LEU A 1 21  ? 1.044   -8.154  1.532   1.00 10.30 ? 21  LEU A CG  1 
ATOM   183  C CD1 . LEU A 1 21  ? 1.823   -6.898  1.164   1.00 9.13  ? 21  LEU A CD1 1 
ATOM   184  C CD2 . LEU A 1 21  ? -0.381  -8.055  1.030   1.00 10.43 ? 21  LEU A CD2 1 
ATOM   185  N N   . LEU A 1 22  ? 2.588   -12.700 1.034   1.00 11.05 ? 22  LEU A N   1 
ATOM   186  C CA  . LEU A 1 22  ? 3.027   -13.844 0.244   1.00 13.09 ? 22  LEU A CA  1 
ATOM   187  C C   . LEU A 1 22  ? 2.250   -15.092 0.562   1.00 14.53 ? 22  LEU A C   1 
ATOM   188  O O   . LEU A 1 22  ? 2.808   -16.157 0.705   1.00 20.45 ? 22  LEU A O   1 
ATOM   189  C CB  . LEU A 1 22  ? 4.511   -14.100 0.449   1.00 14.35 ? 22  LEU A CB  1 
ATOM   190  C CG  . LEU A 1 22  ? 5.424   -13.090 -0.212  1.00 16.94 ? 22  LEU A CG  1 
ATOM   191  C CD1 . LEU A 1 22  ? 6.838   -13.285 0.330   1.00 19.75 ? 22  LEU A CD1 1 
ATOM   192  C CD2 . LEU A 1 22  ? 5.340   -13.236 -1.758  1.00 21.88 ? 22  LEU A CD2 1 
ATOM   193  N N   . ASN A 1 23  ? 0.957   -14.962 0.727   1.00 16.03 ? 23  ASN A N   1 
ATOM   194  C CA  . ASN A 1 23  ? 0.140   -16.118 1.005   1.00 15.02 ? 23  ASN A CA  1 
ATOM   195  C C   . ASN A 1 23  ? -0.488  -16.472 -0.350  1.00 15.83 ? 23  ASN A C   1 
ATOM   196  O O   . ASN A 1 23  ? -1.031  -15.607 -1.043  1.00 14.08 ? 23  ASN A O   1 
ATOM   197  C CB  . ASN A 1 23  ? -0.896  -15.762 2.059   1.00 15.34 ? 23  ASN A CB  1 
ATOM   198  C CG  . ASN A 1 23  ? -1.765  -16.928 2.425   1.00 22.53 ? 23  ASN A CG  1 
ATOM   199  O OD1 . ASN A 1 23  ? -2.431  -17.508 1.575   1.00 21.50 ? 23  ASN A OD1 1 
ATOM   200  N ND2 . ASN A 1 23  ? -1.786  -17.273 3.705   1.00 24.50 ? 23  ASN A ND2 1 
ATOM   201  N N   . ALA A 1 24  ? -0.308  -17.736 -0.764  1.00 15.30 ? 24  ALA A N   1 
ATOM   202  C CA  . ALA A 1 24  ? -0.823  -18.261 -2.030  1.00 15.80 ? 24  ALA A CA  1 
ATOM   203  C C   . ALA A 1 24  ? -2.290  -17.918 -2.322  1.00 13.84 ? 24  ALA A C   1 
ATOM   204  O O   . ALA A 1 24  ? -2.708  -17.915 -3.477  1.00 15.68 ? 24  ALA A O   1 
ATOM   205  C CB  . ALA A 1 24  ? -0.637  -19.788 -2.051  1.00 17.28 ? 24  ALA A CB  1 
ATOM   206  N N   . GLU A 1 25  ? -3.075  -17.700 -1.269  1.00 11.75 ? 25  GLU A N   1 
ATOM   207  C CA  . GLU A 1 25  ? -4.480  -17.363 -1.426  1.00 11.73 ? 25  GLU A CA  1 
ATOM   208  C C   . GLU A 1 25  ? -4.732  -15.905 -1.793  1.00 11.92 ? 25  GLU A C   1 
ATOM   209  O O   . GLU A 1 25  ? -5.861  -15.544 -2.153  1.00 11.17 ? 25  GLU A O   1 
ATOM   210  C CB  . GLU A 1 25  ? -5.235  -17.655 -0.140  1.00 11.97 ? 25  GLU A CB  1 
ATOM   211  C CG  . GLU A 1 25  ? -5.246  -19.116 0.191   1.00 14.66 ? 25  GLU A CG  1 
ATOM   212  C CD  . GLU A 1 25  ? -6.072  -19.406 1.432   1.00 20.83 ? 25  GLU A CD  1 
ATOM   213  O OE1 . GLU A 1 25  ? -6.192  -20.586 1.779   1.00 24.79 ? 25  GLU A OE1 1 
ATOM   214  O OE2 . GLU A 1 25  ? -6.605  -18.468 2.063   1.00 25.84 ? 25  GLU A OE2 1 
ATOM   215  N N   . ASN A 1 26  ? -3.719  -15.052 -1.648  1.00 10.92 ? 26  ASN A N   1 
ATOM   216  C CA  . ASN A 1 26  ? -3.906  -13.631 -1.955  1.00 11.02 ? 26  ASN A CA  1 
ATOM   217  C C   . ASN A 1 26  ? -3.899  -13.346 -3.457  1.00 10.40 ? 26  ASN A C   1 
ATOM   218  O O   . ASN A 1 26  ? -2.946  -13.694 -4.153  1.00 11.24 ? 26  ASN A O   1 
ATOM   219  C CB  . ASN A 1 26  ? -2.818  -12.758 -1.304  1.00 9.69  ? 26  ASN A CB  1 
ATOM   220  C CG  . ASN A 1 26  ? -2.903  -12.720 0.228   1.00 6.81  ? 26  ASN A CG  1 
ATOM   221  O OD1 . ASN A 1 26  ? -3.947  -12.962 0.807   1.00 9.61  ? 26  ASN A OD1 1 
ATOM   222  N ND2 . ASN A 1 26  ? -1.792  -12.375 0.879   1.00 8.14  ? 26  ASN A ND2 1 
ATOM   223  N N   . PRO A 1 27  ? -4.978  -12.741 -3.979  1.00 10.53 ? 27  PRO A N   1 
ATOM   224  C CA  . PRO A 1 27  ? -4.986  -12.434 -5.422  1.00 9.74  ? 27  PRO A CA  1 
ATOM   225  C C   . PRO A 1 27  ? -4.154  -11.182 -5.651  1.00 7.97  ? 27  PRO A C   1 
ATOM   226  O O   . PRO A 1 27  ? -3.787  -10.481 -4.677  1.00 8.05  ? 27  PRO A O   1 
ATOM   227  C CB  . PRO A 1 27  ? -6.472  -12.181 -5.722  1.00 12.16 ? 27  PRO A CB  1 
ATOM   228  C CG  . PRO A 1 27  ? -7.045  -11.747 -4.436  1.00 15.23 ? 27  PRO A CG  1 
ATOM   229  C CD  . PRO A 1 27  ? -6.308  -12.539 -3.367  1.00 12.74 ? 27  PRO A CD  1 
ATOM   230  N N   . ARG A 1 28  ? -3.895  -10.852 -6.909  1.00 7.34  ? 28  ARG A N   1 
ATOM   231  C CA  . ARG A 1 28  ? -3.127  -9.652  -7.218  1.00 8.86  ? 28  ARG A CA  1 
ATOM   232  C C   . ARG A 1 28  ? -3.802  -8.417  -6.608  1.00 7.76  ? 28  ARG A C   1 
ATOM   233  O O   . ARG A 1 28  ? -5.018  -8.302  -6.639  1.00 8.92  ? 28  ARG A O   1 
ATOM   234  C CB  . ARG A 1 28  ? -3.054  -9.445  -8.716  1.00 9.62  ? 28  ARG A CB  1 
ATOM   235  C CG  . ARG A 1 28  ? -2.313  -10.509 -9.488  1.00 12.09 ? 28  ARG A CG  1 
ATOM   236  C CD  . ARG A 1 28  ? -2.469  -10.205 -10.978 1.00 17.41 ? 28  ARG A CD  1 
ATOM   237  N NE  . ARG A 1 28  ? -1.724  -11.131 -11.814 1.00 22.99 ? 28  ARG A NE  1 
ATOM   238  C CZ  . ARG A 1 28  ? -2.167  -11.627 -12.975 1.00 26.51 ? 28  ARG A CZ  1 
ATOM   239  N NH1 . ARG A 1 28  ? -3.372  -11.273 -13.453 1.00 20.08 ? 28  ARG A NH1 1 
ATOM   240  N NH2 . ARG A 1 28  ? -1.418  -12.511 -13.642 1.00 26.30 ? 28  ARG A NH2 1 
ATOM   241  N N   . GLY A 1 29  ? -3.016  -7.507  -6.063  1.00 7.04  ? 29  GLY A N   1 
ATOM   242  C CA  . GLY A 1 29  ? -3.597  -6.307  -5.493  1.00 7.96  ? 29  GLY A CA  1 
ATOM   243  C C   . GLY A 1 29  ? -3.978  -6.364  -4.031  1.00 7.62  ? 29  GLY A C   1 
ATOM   244  O O   . GLY A 1 29  ? -4.519  -5.389  -3.493  1.00 8.20  ? 29  GLY A O   1 
ATOM   245  N N   . THR A 1 30  ? -3.784  -7.518  -3.397  1.00 7.72  ? 30  THR A N   1 
ATOM   246  C CA  . THR A 1 30  ? -4.035  -7.621  -1.943  1.00 7.30  ? 30  THR A CA  1 
ATOM   247  C C   . THR A 1 30  ? -3.066  -6.579  -1.331  1.00 8.36  ? 30  THR A C   1 
ATOM   248  O O   . THR A 1 30  ? -1.880  -6.488  -1.714  1.00 8.30  ? 30  THR A O   1 
ATOM   249  C CB  . THR A 1 30  ? -3.742  -9.069  -1.422  1.00 7.90  ? 30  THR A CB  1 
ATOM   250  O OG1 . THR A 1 30  ? -4.606  -9.998  -2.096  1.00 8.44  ? 30  THR A OG1 1 
ATOM   251  C CG2 . THR A 1 30  ? -3.988  -9.171  0.094   1.00 5.95  ? 30  THR A CG2 1 
ATOM   252  N N   . PHE A 1 31  ? -3.529  -5.788  -0.381  1.00 8.09  ? 31  PHE A N   1 
ATOM   253  C CA  . PHE A 1 31  ? -2.668  -4.730  0.101   1.00 6.85  ? 31  PHE A CA  1 
ATOM   254  C C   . PHE A 1 31  ? -2.829  -4.364  1.576   1.00 7.68  ? 31  PHE A C   1 
ATOM   255  O O   . PHE A 1 31  ? -3.784  -4.772  2.244   1.00 7.28  ? 31  PHE A O   1 
ATOM   256  C CB  . PHE A 1 31  ? -2.944  -3.482  -0.759  1.00 6.39  ? 31  PHE A CB  1 
ATOM   257  C CG  . PHE A 1 31  ? -4.255  -2.760  -0.403  1.00 7.63  ? 31  PHE A CG  1 
ATOM   258  C CD1 . PHE A 1 31  ? -4.256  -1.670  0.498   1.00 6.92  ? 31  PHE A CD1 1 
ATOM   259  C CD2 . PHE A 1 31  ? -5.481  -3.226  -0.892  1.00 6.40  ? 31  PHE A CD2 1 
ATOM   260  C CE1 . PHE A 1 31  ? -5.470  -1.048  0.920   1.00 6.93  ? 31  PHE A CE1 1 
ATOM   261  C CE2 . PHE A 1 31  ? -6.712  -2.620  -0.484  1.00 7.92  ? 31  PHE A CE2 1 
ATOM   262  C CZ  . PHE A 1 31  ? -6.709  -1.528  0.425   1.00 5.73  ? 31  PHE A CZ  1 
ATOM   263  N N   . LEU A 1 32  ? -1.910  -3.526  2.045   1.00 6.36  ? 32  LEU A N   1 
ATOM   264  C CA  . LEU A 1 32  ? -1.934  -2.988  3.399   1.00 7.36  ? 32  LEU A CA  1 
ATOM   265  C C   . LEU A 1 32  ? -1.080  -1.711  3.371   1.00 6.89  ? 32  LEU A C   1 
ATOM   266  O O   . LEU A 1 32  ? -0.314  -1.468  2.433   1.00 6.24  ? 32  LEU A O   1 
ATOM   267  C CB  . LEU A 1 32  ? -1.418  -4.019  4.427   1.00 4.89  ? 32  LEU A CB  1 
ATOM   268  C CG  . LEU A 1 32  ? 0.057   -4.453  4.322   1.00 6.23  ? 32  LEU A CG  1 
ATOM   269  C CD1 . LEU A 1 32  ? 0.962   -3.457  5.036   1.00 5.82  ? 32  LEU A CD1 1 
ATOM   270  C CD2 . LEU A 1 32  ? 0.238   -5.847  4.933   1.00 10.94 ? 32  LEU A CD2 1 
ATOM   271  N N   . VAL A 1 33  ? -1.286  -0.863  4.366   1.00 8.15  ? 33  VAL A N   1 
ATOM   272  C CA  . VAL A 1 33  ? -0.517  0.376   4.512   1.00 8.79  ? 33  VAL A CA  1 
ATOM   273  C C   . VAL A 1 33  ? 0.101   0.272   5.897   1.00 8.73  ? 33  VAL A C   1 
ATOM   274  O O   . VAL A 1 33  ? -0.558  -0.158  6.864   1.00 8.78  ? 33  VAL A O   1 
ATOM   275  C CB  . VAL A 1 33  ? -1.412  1.611   4.417   1.00 8.40  ? 33  VAL A CB  1 
ATOM   276  C CG1 . VAL A 1 33  ? -0.600  2.874   4.703   1.00 9.13  ? 33  VAL A CG1 1 
ATOM   277  C CG2 . VAL A 1 33  ? -2.071  1.669   3.003   1.00 9.32  ? 33  VAL A CG2 1 
ATOM   278  N N   . ARG A 1 34  ? 1.371   0.626   5.987   1.00 8.70  ? 34  ARG A N   1 
ATOM   279  C CA  . ARG A 1 34  ? 2.100   0.535   7.256   1.00 9.47  ? 34  ARG A CA  1 
ATOM   280  C C   . ARG A 1 34  ? 3.033   1.739   7.359   1.00 9.87  ? 34  ARG A C   1 
ATOM   281  O O   . ARG A 1 34  ? 3.139   2.527   6.419   1.00 9.95  ? 34  ARG A O   1 
ATOM   282  C CB  . ARG A 1 34  ? 2.925   -0.761  7.262   1.00 7.38  ? 34  ARG A CB  1 
ATOM   283  C CG  . ARG A 1 34  ? 3.991   -0.798  6.148   1.00 7.25  ? 34  ARG A CG  1 
ATOM   284  C CD  . ARG A 1 34  ? 4.800   -2.092  6.147   1.00 8.54  ? 34  ARG A CD  1 
ATOM   285  N NE  . ARG A 1 34  ? 5.650   -2.246  4.959   1.00 9.05  ? 34  ARG A NE  1 
ATOM   286  C CZ  . ARG A 1 34  ? 6.854   -1.681  4.790   1.00 11.69 ? 34  ARG A CZ  1 
ATOM   287  N NH1 . ARG A 1 34  ? 7.540   -1.912  3.677   1.00 9.63  ? 34  ARG A NH1 1 
ATOM   288  N NH2 . ARG A 1 34  ? 7.346   -0.858  5.705   1.00 11.07 ? 34  ARG A NH2 1 
ATOM   289  N N   . GLU A 1 35  ? 3.648   1.952   8.517   1.00 11.26 ? 35  GLU A N   1 
ATOM   290  C CA  . GLU A 1 35  ? 4.610   3.042   8.631   1.00 12.59 ? 35  GLU A CA  1 
ATOM   291  C C   . GLU A 1 35  ? 5.879   2.591   7.891   1.00 12.53 ? 35  GLU A C   1 
ATOM   292  O O   . GLU A 1 35  ? 6.139   1.385   7.767   1.00 12.05 ? 35  GLU A O   1 
ATOM   293  C CB  . GLU A 1 35  ? 5.028   3.243   10.070  1.00 15.60 ? 35  GLU A CB  1 
ATOM   294  C CG  . GLU A 1 35  ? 3.960   3.736   10.998  1.00 24.18 ? 35  GLU A CG  1 
ATOM   295  C CD  . GLU A 1 35  ? 4.466   3.797   12.434  1.00 30.26 ? 35  GLU A CD  1 
ATOM   296  O OE1 . GLU A 1 35  ? 3.673   4.176   13.324  1.00 30.53 ? 35  GLU A OE1 1 
ATOM   297  O OE2 . GLU A 1 35  ? 5.657   3.456   12.668  1.00 30.02 ? 35  GLU A OE2 1 
ATOM   298  N N   . SER A 1 36  ? 6.634   3.542   7.345   1.00 14.22 ? 36  SER A N   1 
ATOM   299  C CA  . SER A 1 36  ? 7.896   3.201   6.693   1.00 15.23 ? 36  SER A CA  1 
ATOM   300  C C   . SER A 1 36  ? 8.889   2.818   7.822   1.00 16.30 ? 36  SER A C   1 
ATOM   301  O O   . SER A 1 36  ? 8.848   3.390   8.919   1.00 16.28 ? 36  SER A O   1 
ATOM   302  C CB  . SER A 1 36  ? 8.433   4.414   5.934   1.00 16.29 ? 36  SER A CB  1 
ATOM   303  O OG  . SER A 1 36  ? 9.843   4.320   5.743   1.00 17.14 ? 36  SER A OG  1 
ATOM   304  N N   . GLU A 1 37  ? 9.815   1.911   7.549   1.00 17.58 ? 37  GLU A N   1 
ATOM   305  C CA  . GLU A 1 37  ? 10.791  1.509   8.566   1.00 20.21 ? 37  GLU A CA  1 
ATOM   306  C C   . GLU A 1 37  ? 11.735  2.647   8.930   1.00 22.97 ? 37  GLU A C   1 
ATOM   307  O O   . GLU A 1 37  ? 12.132  2.813   10.101  1.00 23.82 ? 37  GLU A O   1 
ATOM   308  C CB  . GLU A 1 37  ? 11.639  0.331   8.093   1.00 18.14 ? 37  GLU A CB  1 
ATOM   309  C CG  . GLU A 1 37  ? 10.884  -0.958  8.061   1.00 16.70 ? 37  GLU A CG  1 
ATOM   310  C CD  . GLU A 1 37  ? 11.785  -2.144  7.858   1.00 17.16 ? 37  GLU A CD  1 
ATOM   311  O OE1 . GLU A 1 37  ? 12.961  -1.971  7.463   1.00 18.41 ? 37  GLU A OE1 1 
ATOM   312  O OE2 . GLU A 1 37  ? 11.299  -3.269  8.076   1.00 16.55 ? 37  GLU A OE2 1 
ATOM   313  N N   . THR A 1 38  ? 12.075  3.457   7.941   1.00 24.34 ? 38  THR A N   1 
ATOM   314  C CA  . THR A 1 38  ? 13.016  4.504   8.221   1.00 27.30 ? 38  THR A CA  1 
ATOM   315  C C   . THR A 1 38  ? 12.631  5.943   7.861   1.00 29.59 ? 38  THR A C   1 
ATOM   316  O O   . THR A 1 38  ? 13.248  6.891   8.372   1.00 30.33 ? 38  THR A O   1 
ATOM   317  C CB  . THR A 1 38  ? 14.379  4.129   7.596   1.00 28.40 ? 38  THR A CB  1 
ATOM   318  O OG1 . THR A 1 38  ? 14.208  3.937   6.178   1.00 27.36 ? 38  THR A OG1 1 
ATOM   319  C CG2 . THR A 1 38  ? 14.962  2.834   8.270   1.00 22.09 ? 38  THR A CG2 1 
ATOM   320  N N   . THR A 1 39  ? 11.630  6.130   6.999   1.00 29.82 ? 39  THR A N   1 
ATOM   321  C CA  . THR A 1 39  ? 11.229  7.493   6.642   1.00 29.70 ? 39  THR A CA  1 
ATOM   322  C C   . THR A 1 39  ? 10.188  8.090   7.574   1.00 30.04 ? 39  THR A C   1 
ATOM   323  O O   . THR A 1 39  ? 9.007   7.747   7.510   1.00 29.59 ? 39  THR A O   1 
ATOM   324  C CB  . THR A 1 39  ? 10.671  7.563   5.237   1.00 29.05 ? 39  THR A CB  1 
ATOM   325  O OG1 . THR A 1 39  ? 11.630  6.998   4.339   1.00 30.55 ? 39  THR A OG1 1 
ATOM   326  C CG2 . THR A 1 39  ? 10.401  9.033   4.869   1.00 27.08 ? 39  THR A CG2 1 
ATOM   327  N N   . LYS A 1 40  ? 10.619  8.990   8.450   1.00 30.24 ? 40  LYS A N   1 
ATOM   328  C CA  . LYS A 1 40  ? 9.674   9.609   9.353   1.00 30.74 ? 40  LYS A CA  1 
ATOM   329  C C   . LYS A 1 40  ? 8.630   10.328  8.519   1.00 29.06 ? 40  LYS A C   1 
ATOM   330  O O   . LYS A 1 40  ? 8.923   10.858  7.427   1.00 27.87 ? 40  LYS A O   1 
ATOM   331  C CB  . LYS A 1 40  ? 10.353  10.607  10.315  1.00 37.47 ? 40  LYS A CB  1 
ATOM   332  C CG  . LYS A 1 40  ? 10.729  11.962  9.690   1.00 43.79 ? 40  LYS A CG  1 
ATOM   333  C CD  . LYS A 1 40  ? 11.844  11.805  8.654   1.00 51.42 ? 40  LYS A CD  1 
ATOM   334  C CE  . LYS A 1 40  ? 11.452  12.341  7.275   1.00 54.53 ? 40  LYS A CE  1 
ATOM   335  N NZ  . LYS A 1 40  ? 12.407  11.846  6.239   1.00 55.07 ? 40  LYS A NZ  1 
ATOM   336  N N   . GLY A 1 41  ? 7.396   10.216  8.985   1.00 29.18 ? 41  GLY A N   1 
ATOM   337  C CA  . GLY A 1 41  ? 6.280   10.859  8.323   1.00 29.73 ? 41  GLY A CA  1 
ATOM   338  C C   . GLY A 1 41  ? 5.765   10.191  7.064   1.00 28.80 ? 41  GLY A C   1 
ATOM   339  O O   . GLY A 1 41  ? 4.727   10.611  6.546   1.00 30.53 ? 41  GLY A O   1 
ATOM   340  N N   . ALA A 1 42  ? 6.460   9.172   6.563   1.00 26.15 ? 42  ALA A N   1 
ATOM   341  C CA  . ALA A 1 42  ? 5.989   8.507   5.361   1.00 22.32 ? 42  ALA A CA  1 
ATOM   342  C C   . ALA A 1 42  ? 5.365   7.159   5.696   1.00 20.45 ? 42  ALA A C   1 
ATOM   343  O O   . ALA A 1 42  ? 5.703   6.539   6.722   1.00 18.97 ? 42  ALA A O   1 
ATOM   344  C CB  . ALA A 1 42  ? 7.104   8.340   4.383   1.00 19.91 ? 42  ALA A CB  1 
ATOM   345  N N   . TYR A 1 43  ? 4.348   6.794   4.913   1.00 16.86 ? 43  TYR A N   1 
ATOM   346  C CA  . TYR A 1 43  ? 3.683   5.504   5.060   1.00 14.85 ? 43  TYR A CA  1 
ATOM   347  C C   . TYR A 1 43  ? 4.184   4.630   3.917   1.00 12.53 ? 43  TYR A C   1 
ATOM   348  O O   . TYR A 1 43  ? 4.895   5.103   3.029   1.00 13.55 ? 43  TYR A O   1 
ATOM   349  C CB  . TYR A 1 43  ? 2.162   5.611   4.982   1.00 13.59 ? 43  TYR A CB  1 
ATOM   350  C CG  . TYR A 1 43  ? 1.576   6.460   6.063   1.00 15.94 ? 43  TYR A CG  1 
ATOM   351  C CD1 . TYR A 1 43  ? 1.130   7.752   5.788   1.00 23.54 ? 43  TYR A CD1 1 
ATOM   352  C CD2 . TYR A 1 43  ? 1.514   5.995   7.367   1.00 19.82 ? 43  TYR A CD2 1 
ATOM   353  C CE1 . TYR A 1 43  ? 0.639   8.567   6.793   1.00 28.12 ? 43  TYR A CE1 1 
ATOM   354  C CE2 . TYR A 1 43  ? 1.030   6.788   8.376   1.00 25.44 ? 43  TYR A CE2 1 
ATOM   355  C CZ  . TYR A 1 43  ? 0.592   8.081   8.090   1.00 30.97 ? 43  TYR A CZ  1 
ATOM   356  O OH  . TYR A 1 43  ? 0.117   8.881   9.115   1.00 36.63 ? 43  TYR A OH  1 
ATOM   357  N N   . CYS A 1 44  ? 3.809   3.363   3.931   1.00 11.29 ? 44  CYS A N   1 
ATOM   358  C CA  . CYS A 1 44  ? 4.259   2.473   2.909   1.00 9.16  ? 44  CYS A CA  1 
ATOM   359  C C   . CYS A 1 44  ? 3.077   1.643   2.534   1.00 8.23  ? 44  CYS A C   1 
ATOM   360  O O   . CYS A 1 44  ? 2.373   1.177   3.405   1.00 8.62  ? 44  CYS A O   1 
ATOM   361  C CB  . CYS A 1 44  ? 5.362   1.595   3.469   1.00 14.70 ? 44  CYS A CB  1 
ATOM   362  S SG  . CYS A 1 44  ? 6.649   1.306   2.268   1.00 24.17 ? 44  CYS A SG  1 
ATOM   363  N N   . LEU A 1 45  ? 2.806   1.575   1.238   1.00 6.88  ? 45  LEU A N   1 
ATOM   364  C CA  . LEU A 1 45  ? 1.704   0.790   0.684   1.00 7.52  ? 45  LEU A CA  1 
ATOM   365  C C   . LEU A 1 45  ? 2.354   -0.476  0.164   1.00 8.41  ? 45  LEU A C   1 
ATOM   366  O O   . LEU A 1 45  ? 3.165   -0.406  -0.776  1.00 7.56  ? 45  LEU A O   1 
ATOM   367  C CB  . LEU A 1 45  ? 1.038   1.550   -0.480  1.00 7.55  ? 45  LEU A CB  1 
ATOM   368  C CG  . LEU A 1 45  ? -0.016  0.855   -1.362  1.00 8.57  ? 45  LEU A CG  1 
ATOM   369  C CD1 . LEU A 1 45  ? -1.206  0.368   -0.525  1.00 7.42  ? 45  LEU A CD1 1 
ATOM   370  C CD2 . LEU A 1 45  ? -0.472  1.820   -2.477  1.00 8.74  ? 45  LEU A CD2 1 
ATOM   371  N N   . SER A 1 46  ? 2.042   -1.608  0.792   1.00 7.35  ? 46  SER A N   1 
ATOM   372  C CA  . SER A 1 46  ? 2.615   -2.895  0.370   1.00 8.38  ? 46  SER A CA  1 
ATOM   373  C C   . SER A 1 46  ? 1.546   -3.651  -0.407  1.00 7.79  ? 46  SER A C   1 
ATOM   374  O O   . SER A 1 46  ? 0.422   -3.837  0.079   1.00 7.68  ? 46  SER A O   1 
ATOM   375  C CB  . SER A 1 46  ? 3.115   -3.669  1.595   1.00 9.55  ? 46  SER A CB  1 
ATOM   376  O OG  . SER A 1 46  ? 4.097   -2.870  2.242   1.00 8.13  ? 46  SER A OG  1 
ATOM   377  N N   . VAL A 1 47  ? 1.914   -4.119  -1.596  1.00 7.74  ? 47  VAL A N   1 
ATOM   378  C CA  . VAL A 1 47  ? 0.955   -4.741  -2.512  1.00 7.74  ? 47  VAL A CA  1 
ATOM   379  C C   . VAL A 1 47  ? 1.421   -6.062  -3.084  1.00 6.83  ? 47  VAL A C   1 
ATOM   380  O O   . VAL A 1 47  ? 2.564   -6.172  -3.532  1.00 7.85  ? 47  VAL A O   1 
ATOM   381  C CB  . VAL A 1 47  ? 0.680   -3.765  -3.720  1.00 8.65  ? 47  VAL A CB  1 
ATOM   382  C CG1 . VAL A 1 47  ? -0.440  -4.327  -4.646  1.00 9.12  ? 47  VAL A CG1 1 
ATOM   383  C CG2 . VAL A 1 47  ? 0.317   -2.338  -3.229  1.00 9.22  ? 47  VAL A CG2 1 
ATOM   384  N N   . SER A 1 48  ? 0.530   -7.047  -3.132  1.00 6.57  ? 48  SER A N   1 
ATOM   385  C CA  . SER A 1 48  ? 0.917   -8.336  -3.700  1.00 8.58  ? 48  SER A CA  1 
ATOM   386  C C   . SER A 1 48  ? 0.684   -8.315  -5.210  1.00 9.62  ? 48  SER A C   1 
ATOM   387  O O   . SER A 1 48  ? -0.181  -7.562  -5.735  1.00 9.92  ? 48  SER A O   1 
ATOM   388  C CB  . SER A 1 48  ? 0.167   -9.517  -3.049  1.00 8.74  ? 48  SER A CB  1 
ATOM   389  O OG  . SER A 1 48  ? -1.200  -9.581  -3.423  1.00 9.25  ? 48  SER A OG  1 
ATOM   390  N N   . ASP A 1 49  ? 1.496   -9.101  -5.902  1.00 10.58 ? 49  ASP A N   1 
ATOM   391  C CA  . ASP A 1 49  ? 1.400   -9.238  -7.341  1.00 10.44 ? 49  ASP A CA  1 
ATOM   392  C C   . ASP A 1 49  ? 1.678   -10.687 -7.676  1.00 11.64 ? 49  ASP A C   1 
ATOM   393  O O   . ASP A 1 49  ? 2.095   -11.476 -6.813  1.00 10.52 ? 49  ASP A O   1 
ATOM   394  C CB  . ASP A 1 49  ? 2.411   -8.348  -8.069  1.00 12.52 ? 49  ASP A CB  1 
ATOM   395  C CG  . ASP A 1 49  ? 2.026   -8.100  -9.547  1.00 16.73 ? 49  ASP A CG  1 
ATOM   396  O OD1 . ASP A 1 49  ? 0.909   -8.506  -9.997  1.00 15.35 ? 49  ASP A OD1 1 
ATOM   397  O OD2 . ASP A 1 49  ? 2.833   -7.466  -10.254 1.00 15.48 ? 49  ASP A OD2 1 
ATOM   398  N N   . PHE A 1 50  ? 1.379   -11.044 -8.920  1.00 11.70 ? 50  PHE A N   1 
ATOM   399  C CA  . PHE A 1 50  ? 1.601   -12.388 -9.404  1.00 14.01 ? 50  PHE A CA  1 
ATOM   400  C C   . PHE A 1 50  ? 1.767   -12.387 -10.926 1.00 15.02 ? 50  PHE A C   1 
ATOM   401  O O   . PHE A 1 50  ? 1.080   -11.644 -11.647 1.00 15.54 ? 50  PHE A O   1 
ATOM   402  C CB  . PHE A 1 50  ? 0.420   -13.306 -9.023  1.00 12.57 ? 50  PHE A CB  1 
ATOM   403  C CG  . PHE A 1 50  ? 0.578   -14.724 -9.523  1.00 14.42 ? 50  PHE A CG  1 
ATOM   404  C CD1 . PHE A 1 50  ? 0.256   -15.053 -10.841 1.00 13.02 ? 50  PHE A CD1 1 
ATOM   405  C CD2 . PHE A 1 50  ? 1.144   -15.698 -8.714  1.00 14.79 ? 50  PHE A CD2 1 
ATOM   406  C CE1 . PHE A 1 50  ? 0.508   -16.330 -11.352 1.00 16.69 ? 50  PHE A CE1 1 
ATOM   407  C CE2 . PHE A 1 50  ? 1.399   -16.975 -9.218  1.00 15.42 ? 50  PHE A CE2 1 
ATOM   408  C CZ  . PHE A 1 50  ? 1.081   -17.285 -10.544 1.00 13.32 ? 50  PHE A CZ  1 
ATOM   409  N N   . ASP A 1 51  ? 2.751   -13.142 -11.396 1.00 16.29 ? 51  ASP A N   1 
ATOM   410  C CA  . ASP A 1 51  ? 2.917   -13.333 -12.825 1.00 16.66 ? 51  ASP A CA  1 
ATOM   411  C C   . ASP A 1 51  ? 3.688   -14.608 -13.041 1.00 18.48 ? 51  ASP A C   1 
ATOM   412  O O   . ASP A 1 51  ? 4.156   -15.229 -12.067 1.00 17.24 ? 51  ASP A O   1 
ATOM   413  C CB  . ASP A 1 51  ? 3.452   -12.106 -13.589 1.00 18.96 ? 51  ASP A CB  1 
ATOM   414  C CG  . ASP A 1 51  ? 4.867   -11.725 -13.231 1.00 22.68 ? 51  ASP A CG  1 
ATOM   415  O OD1 . ASP A 1 51  ? 5.148   -10.505 -13.207 1.00 24.72 ? 51  ASP A OD1 1 
ATOM   416  O OD2 . ASP A 1 51  ? 5.705   -12.614 -13.041 1.00 21.91 ? 51  ASP A OD2 1 
ATOM   417  N N   . ASN A 1 52  ? 3.744   -15.064 -14.288 1.00 18.28 ? 52  ASN A N   1 
ATOM   418  C CA  . ASN A 1 52  ? 4.443   -16.300 -14.583 1.00 21.08 ? 52  ASN A CA  1 
ATOM   419  C C   . ASN A 1 52  ? 5.945   -16.154 -14.470 1.00 22.77 ? 52  ASN A C   1 
ATOM   420  O O   . ASN A 1 52  ? 6.635   -17.155 -14.273 1.00 23.89 ? 52  ASN A O   1 
ATOM   421  C CB  . ASN A 1 52  ? 4.047   -16.861 -15.962 1.00 21.93 ? 52  ASN A CB  1 
ATOM   422  C CG  . ASN A 1 52  ? 2.592   -17.291 -16.018 1.00 23.70 ? 52  ASN A CG  1 
ATOM   423  O OD1 . ASN A 1 52  ? 1.968   -17.545 -14.977 1.00 24.89 ? 52  ASN A OD1 1 
ATOM   424  N ND2 . ASN A 1 52  ? 2.029   -17.351 -17.219 1.00 17.52 ? 52  ASN A ND2 1 
ATOM   425  N N   . ALA A 1 53  ? 6.454   -14.922 -14.570 1.00 22.34 ? 53  ALA A N   1 
ATOM   426  C CA  . ALA A 1 53  ? 7.904   -14.691 -14.463 1.00 24.29 ? 53  ALA A CA  1 
ATOM   427  C C   . ALA A 1 53  ? 8.380   -14.777 -13.005 1.00 24.20 ? 53  ALA A C   1 
ATOM   428  O O   . ALA A 1 53  ? 9.264   -15.560 -12.663 1.00 25.55 ? 53  ALA A O   1 
ATOM   429  C CB  . ALA A 1 53  ? 8.297   -13.317 -15.067 1.00 22.27 ? 53  ALA A CB  1 
ATOM   430  N N   . LYS A 1 54  ? 7.764   -13.964 -12.163 1.00 23.59 ? 54  LYS A N   1 
ATOM   431  C CA  . LYS A 1 54  ? 8.084   -13.877 -10.742 1.00 24.00 ? 54  LYS A CA  1 
ATOM   432  C C   . LYS A 1 54  ? 7.215   -14.725 -9.811  1.00 23.53 ? 54  LYS A C   1 
ATOM   433  O O   . LYS A 1 54  ? 7.604   -14.959 -8.654  1.00 24.85 ? 54  LYS A O   1 
ATOM   434  C CB  . LYS A 1 54  ? 7.946   -12.425 -10.275 1.00 22.58 ? 54  LYS A CB  1 
ATOM   435  C CG  . LYS A 1 54  ? 8.696   -11.431 -11.105 1.00 24.60 ? 54  LYS A CG  1 
ATOM   436  C CD  . LYS A 1 54  ? 8.659   -10.075 -10.456 1.00 26.88 ? 54  LYS A CD  1 
ATOM   437  C CE  . LYS A 1 54  ? 9.656   -9.161  -11.134 1.00 29.26 ? 54  LYS A CE  1 
ATOM   438  N NZ  . LYS A 1 54  ? 10.472  -8.447  -10.121 1.00 31.91 ? 54  LYS A NZ  1 
ATOM   439  N N   . GLY A 1 55  ? 6.060   -15.186 -10.294 1.00 20.68 ? 55  GLY A N   1 
ATOM   440  C CA  . GLY A 1 55  ? 5.168   -15.916 -9.419  1.00 18.55 ? 55  GLY A CA  1 
ATOM   441  C C   . GLY A 1 55  ? 4.619   -14.864 -8.451  1.00 16.52 ? 55  GLY A C   1 
ATOM   442  O O   . GLY A 1 55  ? 4.591   -13.667 -8.793  1.00 15.02 ? 55  GLY A O   1 
ATOM   443  N N   . LEU A 1 56  ? 4.205   -15.297 -7.256  1.00 15.10 ? 56  LEU A N   1 
ATOM   444  C CA  . LEU A 1 56  ? 3.659   -14.401 -6.218  1.00 15.25 ? 56  LEU A CA  1 
ATOM   445  C C   . LEU A 1 56  ? 4.784   -13.510 -5.648  1.00 15.11 ? 56  LEU A C   1 
ATOM   446  O O   . LEU A 1 56  ? 5.827   -14.024 -5.228  1.00 15.89 ? 56  LEU A O   1 
ATOM   447  C CB  . LEU A 1 56  ? 3.006   -15.248 -5.117  1.00 16.01 ? 56  LEU A CB  1 
ATOM   448  C CG  . LEU A 1 56  ? 2.289   -14.577 -3.934  1.00 19.20 ? 56  LEU A CG  1 
ATOM   449  C CD1 . LEU A 1 56  ? 1.222   -13.663 -4.402  1.00 15.95 ? 56  LEU A CD1 1 
ATOM   450  C CD2 . LEU A 1 56  ? 1.710   -15.646 -3.022  1.00 20.49 ? 56  LEU A CD2 1 
ATOM   451  N N   . ASN A 1 57  ? 4.601   -12.192 -5.630  1.00 12.19 ? 57  ASN A N   1 
ATOM   452  C CA  . ASN A 1 57  ? 5.652   -11.324 -5.141  1.00 11.05 ? 57  ASN A CA  1 
ATOM   453  C C   . ASN A 1 57  ? 5.044   -10.066 -4.561  1.00 10.85 ? 57  ASN A C   1 
ATOM   454  O O   . ASN A 1 57  ? 3.857   -9.838  -4.727  1.00 10.59 ? 57  ASN A O   1 
ATOM   455  C CB  . ASN A 1 57  ? 6.667   -11.002 -6.259  1.00 11.09 ? 57  ASN A CB  1 
ATOM   456  C CG  . ASN A 1 57  ? 6.039   -10.239 -7.421  1.00 14.17 ? 57  ASN A CG  1 
ATOM   457  O OD1 . ASN A 1 57  ? 6.200   -9.019  -7.539  1.00 13.98 ? 57  ASN A OD1 1 
ATOM   458  N ND2 . ASN A 1 57  ? 5.295   -10.948 -8.263  1.00 13.21 ? 57  ASN A ND2 1 
ATOM   459  N N   . VAL A 1 58  ? 5.868   -9.231  -3.921  1.00 10.61 ? 58  VAL A N   1 
ATOM   460  C CA  . VAL A 1 58  ? 5.380   -8.020  -3.259  1.00 9.59  ? 58  VAL A CA  1 
ATOM   461  C C   . VAL A 1 58  ? 6.119   -6.733  -3.681  1.00 10.53 ? 58  VAL A C   1 
ATOM   462  O O   . VAL A 1 58  ? 7.343   -6.737  -3.845  1.00 10.00 ? 58  VAL A O   1 
ATOM   463  C CB  . VAL A 1 58  ? 5.477   -8.190  -1.720  1.00 9.88  ? 58  VAL A CB  1 
ATOM   464  C CG1 . VAL A 1 58  ? 4.925   -6.954  -1.005  1.00 9.90  ? 58  VAL A CG1 1 
ATOM   465  C CG2 . VAL A 1 58  ? 4.744   -9.456  -1.275  1.00 8.21  ? 58  VAL A CG2 1 
ATOM   466  N N   . LYS A 1 59  ? 5.359   -5.649  -3.838  1.00 8.51  ? 59  LYS A N   1 
ATOM   467  C CA  . LYS A 1 59  ? 5.881   -4.346  -4.207  1.00 9.07  ? 59  LYS A CA  1 
ATOM   468  C C   . LYS A 1 59  ? 5.556   -3.388  -3.076  1.00 9.51  ? 59  LYS A C   1 
ATOM   469  O O   . LYS A 1 59  ? 4.578   -3.596  -2.362  1.00 10.12 ? 59  LYS A O   1 
ATOM   470  C CB  . LYS A 1 59  ? 5.217   -3.843  -5.488  1.00 12.11 ? 59  LYS A CB  1 
ATOM   471  C CG  . LYS A 1 59  ? 5.657   -4.561  -6.760  1.00 18.37 ? 59  LYS A CG  1 
ATOM   472  C CD  . LYS A 1 59  ? 7.150   -4.393  -7.006  1.00 26.50 ? 59  LYS A CD  1 
ATOM   473  C CE  . LYS A 1 59  ? 7.592   -5.034  -8.325  1.00 32.80 ? 59  LYS A CE  1 
ATOM   474  N NZ  . LYS A 1 59  ? 9.083   -5.290  -8.423  1.00 35.18 ? 59  LYS A NZ  1 
ATOM   475  N N   . HIS A 1 60  ? 6.437   -2.405  -2.854  1.00 8.87  ? 60  HIS A N   1 
ATOM   476  C CA  . HIS A 1 60  ? 6.250   -1.391  -1.811  1.00 8.75  ? 60  HIS A CA  1 
ATOM   477  C C   . HIS A 1 60  ? 6.318   -0.006  -2.432  1.00 8.15  ? 60  HIS A C   1 
ATOM   478  O O   . HIS A 1 60  ? 7.220   0.263   -3.220  1.00 9.18  ? 60  HIS A O   1 
ATOM   479  C CB  . HIS A 1 60  ? 7.329   -1.528  -0.708  1.00 7.76  ? 60  HIS A CB  1 
ATOM   480  C CG  . HIS A 1 60  ? 7.393   -2.900  -0.093  1.00 8.49  ? 60  HIS A CG  1 
ATOM   481  N ND1 . HIS A 1 60  ? 6.517   -3.315  0.880   1.00 6.04  ? 60  HIS A ND1 1 
ATOM   482  C CD2 . HIS A 1 60  ? 8.219   -3.945  -0.332  1.00 8.62  ? 60  HIS A CD2 1 
ATOM   483  C CE1 . HIS A 1 60  ? 6.791   -4.564  1.218   1.00 7.55  ? 60  HIS A CE1 1 
ATOM   484  N NE2 . HIS A 1 60  ? 7.824   -4.973  0.490   1.00 7.78  ? 60  HIS A NE2 1 
ATOM   485  N N   . TYR A 1 61  ? 5.415   0.888   -2.031  1.00 7.50  ? 61  TYR A N   1 
ATOM   486  C CA  . TYR A 1 61  ? 5.346   2.257   -2.567  1.00 8.89  ? 61  TYR A CA  1 
ATOM   487  C C   . TYR A 1 61  ? 5.297   3.246   -1.420  1.00 8.75  ? 61  TYR A C   1 
ATOM   488  O O   . TYR A 1 61  ? 4.501   3.109   -0.513  1.00 9.52  ? 61  TYR A O   1 
ATOM   489  C CB  . TYR A 1 61  ? 4.072   2.430   -3.410  1.00 9.45  ? 61  TYR A CB  1 
ATOM   490  C CG  . TYR A 1 61  ? 3.985   1.420   -4.519  1.00 9.49  ? 61  TYR A CG  1 
ATOM   491  C CD1 . TYR A 1 61  ? 3.278   0.221   -4.355  1.00 8.41  ? 61  TYR A CD1 1 
ATOM   492  C CD2 . TYR A 1 61  ? 4.671   1.614   -5.719  1.00 7.44  ? 61  TYR A CD2 1 
ATOM   493  C CE1 . TYR A 1 61  ? 3.259   -0.754  -5.347  1.00 8.36  ? 61  TYR A CE1 1 
ATOM   494  C CE2 . TYR A 1 61  ? 4.654   0.642   -6.725  1.00 9.38  ? 61  TYR A CE2 1 
ATOM   495  C CZ  . TYR A 1 61  ? 3.945   -0.535  -6.526  1.00 9.35  ? 61  TYR A CZ  1 
ATOM   496  O OH  . TYR A 1 61  ? 3.914   -1.471  -7.519  1.00 8.78  ? 61  TYR A OH  1 
ATOM   497  N N   . LYS A 1 62  ? 6.184   4.221   -1.426  1.00 8.94  ? 62  LYS A N   1 
ATOM   498  C CA  . LYS A 1 62  ? 6.187   5.187   -0.346  1.00 9.92  ? 62  LYS A CA  1 
ATOM   499  C C   . LYS A 1 62  ? 5.082   6.243   -0.527  1.00 9.84  ? 62  LYS A C   1 
ATOM   500  O O   . LYS A 1 62  ? 4.889   6.769   -1.598  1.00 10.41 ? 62  LYS A O   1 
ATOM   501  C CB  . LYS A 1 62  ? 7.548   5.859   -0.248  1.00 12.85 ? 62  LYS A CB  1 
ATOM   502  C CG  . LYS A 1 62  ? 7.621   6.799   0.951   1.00 24.25 ? 62  LYS A CG  1 
ATOM   503  C CD  . LYS A 1 62  ? 9.047   7.171   1.294   1.00 32.63 ? 62  LYS A CD  1 
ATOM   504  C CE  . LYS A 1 62  ? 9.798   5.978   1.828   1.00 38.09 ? 62  LYS A CE  1 
ATOM   505  N NZ  . LYS A 1 62  ? 11.258  6.266   1.762   1.00 48.79 ? 62  LYS A NZ  1 
ATOM   506  N N   . ILE A 1 63  ? 4.333   6.494   0.525   1.00 10.43 ? 63  ILE A N   1 
ATOM   507  C CA  . ILE A 1 63  ? 3.288   7.495   0.490   1.00 11.25 ? 63  ILE A CA  1 
ATOM   508  C C   . ILE A 1 63  ? 3.780   8.697   1.320   1.00 12.51 ? 63  ILE A C   1 
ATOM   509  O O   . ILE A 1 63  ? 4.048   8.566   2.515   1.00 12.50 ? 63  ILE A O   1 
ATOM   510  C CB  . ILE A 1 63  ? 1.996   6.979   1.140   1.00 10.95 ? 63  ILE A CB  1 
ATOM   511  C CG1 . ILE A 1 63  ? 1.393   5.824   0.328   1.00 11.48 ? 63  ILE A CG1 1 
ATOM   512  C CG2 . ILE A 1 63  ? 1.015   8.142   1.340   1.00 10.66 ? 63  ILE A CG2 1 
ATOM   513  C CD1 . ILE A 1 63  ? 0.179   5.134   1.025   1.00 7.65  ? 63  ILE A CD1 1 
ATOM   514  N N   . ARG A 1 64  ? 3.929   9.847   0.680   1.00 12.88 ? 64  ARG A N   1 
ATOM   515  C CA  . ARG A 1 64  ? 4.357   11.053  1.374   1.00 14.58 ? 64  ARG A CA  1 
ATOM   516  C C   . ARG A 1 64  ? 3.132   11.823  1.864   1.00 16.27 ? 64  ARG A C   1 
ATOM   517  O O   . ARG A 1 64  ? 2.038   11.745  1.284   1.00 12.36 ? 64  ARG A O   1 
ATOM   518  C CB  . ARG A 1 64  ? 5.154   11.970  0.432   1.00 17.10 ? 64  ARG A CB  1 
ATOM   519  C CG  . ARG A 1 64  ? 6.363   11.333  -0.285  1.00 26.32 ? 64  ARG A CG  1 
ATOM   520  C CD  . ARG A 1 64  ? 7.261   10.516  0.651   1.00 36.06 ? 64  ARG A CD  1 
ATOM   521  N NE  . ARG A 1 64  ? 7.385   11.062  2.010   1.00 48.93 ? 64  ARG A NE  1 
ATOM   522  C CZ  . ARG A 1 64  ? 8.534   11.409  2.598   1.00 54.05 ? 64  ARG A CZ  1 
ATOM   523  N NH1 . ARG A 1 64  ? 9.688   11.289  1.944   1.00 54.71 ? 64  ARG A NH1 1 
ATOM   524  N NH2 . ARG A 1 64  ? 8.542   11.795  3.878   1.00 53.51 ? 64  ARG A NH2 1 
ATOM   525  N N   . LYS A 1 65  ? 3.331   12.562  2.948   1.00 18.62 ? 65  LYS A N   1 
ATOM   526  C CA  . LYS A 1 65  ? 2.287   13.405  3.500   1.00 23.27 ? 65  LYS A CA  1 
ATOM   527  C C   . LYS A 1 65  ? 2.970   14.733  3.730   1.00 27.23 ? 65  LYS A C   1 
ATOM   528  O O   . LYS A 1 65  ? 3.984   14.801  4.430   1.00 27.54 ? 65  LYS A O   1 
ATOM   529  C CB  . LYS A 1 65  ? 1.741   12.856  4.815   1.00 25.94 ? 65  LYS A CB  1 
ATOM   530  C CG  . LYS A 1 65  ? 1.071   13.928  5.714   1.00 33.76 ? 65  LYS A CG  1 
ATOM   531  C CD  . LYS A 1 65  ? -0.040  14.779  5.036   1.00 37.89 ? 65  LYS A CD  1 
ATOM   532  C CE  . LYS A 1 65  ? -0.743  15.704  6.038   1.00 39.83 ? 65  LYS A CE  1 
ATOM   533  N NZ  . LYS A 1 65  ? -1.398  14.886  7.119   1.00 47.17 ? 65  LYS A NZ  1 
ATOM   534  N N   . LEU A 1 66  ? 2.420   15.771  3.113   1.00 29.50 ? 66  LEU A N   1 
ATOM   535  C CA  . LEU A 1 66  ? 2.917   17.138  3.220   1.00 33.33 ? 66  LEU A CA  1 
ATOM   536  C C   . LEU A 1 66  ? 2.319   17.877  4.416   1.00 35.68 ? 66  LEU A C   1 
ATOM   537  O O   . LEU A 1 66  ? 1.166   17.635  4.781   1.00 34.99 ? 66  LEU A O   1 
ATOM   538  C CB  . LEU A 1 66  ? 2.505   17.909  1.966   1.00 33.36 ? 66  LEU A CB  1 
ATOM   539  C CG  . LEU A 1 66  ? 2.951   17.348  0.623   1.00 30.91 ? 66  LEU A CG  1 
ATOM   540  C CD1 . LEU A 1 66  ? 2.333   18.166  -0.501  1.00 28.78 ? 66  LEU A CD1 1 
ATOM   541  C CD2 . LEU A 1 66  ? 4.461   17.368  0.547   1.00 31.02 ? 66  LEU A CD2 1 
ATOM   542  N N   . ASP A 1 67  ? 3.087   18.792  5.012   1.00 38.41 ? 67  ASP A N   1 
ATOM   543  C CA  . ASP A 1 67  ? 2.558   19.619  6.103   1.00 42.30 ? 67  ASP A CA  1 
ATOM   544  C C   . ASP A 1 67  ? 1.503   20.492  5.425   1.00 43.20 ? 67  ASP A C   1 
ATOM   545  O O   . ASP A 1 67  ? 0.527   20.952  6.027   1.00 44.09 ? 67  ASP A O   1 
ATOM   546  C CB  . ASP A 1 67  ? 3.643   20.527  6.669   1.00 49.16 ? 67  ASP A CB  1 
ATOM   547  C CG  . ASP A 1 67  ? 4.775   19.751  7.296   1.00 59.88 ? 67  ASP A CG  1 
ATOM   548  O OD1 . ASP A 1 67  ? 4.533   19.051  8.318   1.00 66.68 ? 67  ASP A OD1 1 
ATOM   549  O OD2 . ASP A 1 67  ? 5.905   19.839  6.756   1.00 65.79 ? 67  ASP A OD2 1 
ATOM   550  N N   . SER A 1 68  ? 1.749   20.715  4.143   1.00 43.86 ? 68  SER A N   1 
ATOM   551  C CA  . SER A 1 68  ? 0.886   21.482  3.266   1.00 44.51 ? 68  SER A CA  1 
ATOM   552  C C   . SER A 1 68  ? -0.433  20.731  3.035   1.00 43.60 ? 68  SER A C   1 
ATOM   553  O O   . SER A 1 68  ? -1.306  21.213  2.302   1.00 45.61 ? 68  SER A O   1 
ATOM   554  C CB  . SER A 1 68  ? 1.618   21.693  1.949   1.00 47.41 ? 68  SER A CB  1 
ATOM   555  O OG  . SER A 1 68  ? 3.022   21.621  2.192   1.00 52.70 ? 68  SER A OG  1 
ATOM   556  N N   . GLY A 1 69  ? -0.505  19.490  3.518   1.00 41.40 ? 69  GLY A N   1 
ATOM   557  C CA  . GLY A 1 69  ? -1.747  18.743  3.435   1.00 37.47 ? 69  GLY A CA  1 
ATOM   558  C C   . GLY A 1 69  ? -1.947  17.523  2.572   1.00 33.97 ? 69  GLY A C   1 
ATOM   559  O O   . GLY A 1 69  ? -2.652  16.598  2.989   1.00 35.54 ? 69  GLY A O   1 
ATOM   560  N N   . GLY A 1 70  ? -1.304  17.466  1.413   1.00 30.44 ? 70  GLY A N   1 
ATOM   561  C CA  . GLY A 1 70  ? -1.549  16.339  0.535   1.00 24.73 ? 70  GLY A CA  1 
ATOM   562  C C   . GLY A 1 70  ? -0.810  15.061  0.798   1.00 20.72 ? 70  GLY A C   1 
ATOM   563  O O   . GLY A 1 70  ? 0.242   15.088  1.399   1.00 21.55 ? 70  GLY A O   1 
ATOM   564  N N   . PHE A 1 71  ? -1.426  13.953  0.403   1.00 17.20 ? 71  PHE A N   1 
ATOM   565  C CA  . PHE A 1 71  ? -0.857  12.601  0.483   1.00 13.87 ? 71  PHE A CA  1 
ATOM   566  C C   . PHE A 1 71  ? -0.629  12.188  -0.977  1.00 11.71 ? 71  PHE A C   1 
ATOM   567  O O   . PHE A 1 71  ? -1.456  12.500  -1.851  1.00 10.90 ? 71  PHE A O   1 
ATOM   568  C CB  . PHE A 1 71  ? -1.855  11.588  1.061   1.00 13.48 ? 71  PHE A CB  1 
ATOM   569  C CG  . PHE A 1 71  ? -2.125  11.769  2.496   1.00 15.00 ? 71  PHE A CG  1 
ATOM   570  C CD1 . PHE A 1 71  ? -3.034  12.736  2.929   1.00 17.06 ? 71  PHE A CD1 1 
ATOM   571  C CD2 . PHE A 1 71  ? -1.468  10.989  3.426   1.00 14.73 ? 71  PHE A CD2 1 
ATOM   572  C CE1 . PHE A 1 71  ? -3.282  12.925  4.291   1.00 19.49 ? 71  PHE A CE1 1 
ATOM   573  C CE2 . PHE A 1 71  ? -1.706  11.168  4.788   1.00 20.83 ? 71  PHE A CE2 1 
ATOM   574  C CZ  . PHE A 1 71  ? -2.617  12.142  5.219   1.00 18.70 ? 71  PHE A CZ  1 
ATOM   575  N N   . TYR A 1 72  ? 0.460   11.482  -1.250  1.00 10.15 ? 72  TYR A N   1 
ATOM   576  C CA  . TYR A 1 72  ? 0.722   11.030  -2.604  1.00 7.23  ? 72  TYR A CA  1 
ATOM   577  C C   . TYR A 1 72  ? 1.869   10.048  -2.666  1.00 7.56  ? 72  TYR A C   1 
ATOM   578  O O   . TYR A 1 72  ? 2.655   9.935   -1.712  1.00 7.51  ? 72  TYR A O   1 
ATOM   579  C CB  . TYR A 1 72  ? 1.073   12.223  -3.503  1.00 5.13  ? 72  TYR A CB  1 
ATOM   580  C CG  . TYR A 1 72  ? 2.334   12.956  -3.105  1.00 9.80  ? 72  TYR A CG  1 
ATOM   581  C CD1 . TYR A 1 72  ? 3.592   12.523  -3.538  1.00 8.42  ? 72  TYR A CD1 1 
ATOM   582  C CD2 . TYR A 1 72  ? 2.267   14.084  -2.313  1.00 16.89 ? 72  TYR A CD2 1 
ATOM   583  C CE1 . TYR A 1 72  ? 4.750   13.205  -3.192  1.00 13.14 ? 72  TYR A CE1 1 
ATOM   584  C CE2 . TYR A 1 72  ? 3.413   14.781  -1.966  1.00 20.51 ? 72  TYR A CE2 1 
ATOM   585  C CZ  . TYR A 1 72  ? 4.641   14.337  -2.411  1.00 18.66 ? 72  TYR A CZ  1 
ATOM   586  O OH  . TYR A 1 72  ? 5.742   15.076  -2.087  1.00 23.09 ? 72  TYR A OH  1 
ATOM   587  N N   . ILE A 1 73  ? 1.881   9.286   -3.764  1.00 6.98  ? 73  ILE A N   1 
ATOM   588  C CA  . ILE A 1 73  ? 2.965   8.382   -4.097  1.00 8.33  ? 73  ILE A CA  1 
ATOM   589  C C   . ILE A 1 73  ? 3.758   9.248   -5.106  1.00 8.76  ? 73  ILE A C   1 
ATOM   590  O O   . ILE A 1 73  ? 4.975   9.400   -4.963  1.00 10.29 ? 73  ILE A O   1 
ATOM   591  C CB  . ILE A 1 73  ? 2.462   7.075   -4.698  1.00 7.42  ? 73  ILE A CB  1 
ATOM   592  C CG1 . ILE A 1 73  ? 1.668   6.312   -3.632  1.00 7.75  ? 73  ILE A CG1 1 
ATOM   593  C CG2 . ILE A 1 73  ? 3.661   6.246   -5.211  1.00 8.10  ? 73  ILE A CG2 1 
ATOM   594  C CD1 . ILE A 1 73  ? 1.113   5.008   -4.087  1.00 6.66  ? 73  ILE A CD1 1 
ATOM   595  N N   . THR A 1 74  ? 3.088   9.777   -6.136  1.00 8.83  ? 74  THR A N   1 
ATOM   596  C CA  . THR A 1 74  ? 3.742   10.709  -7.078  1.00 8.10  ? 74  THR A CA  1 
ATOM   597  C C   . THR A 1 74  ? 3.185   12.121  -6.813  1.00 9.21  ? 74  THR A C   1 
ATOM   598  O O   . THR A 1 74  ? 1.988   12.284  -6.600  1.00 8.10  ? 74  THR A O   1 
ATOM   599  C CB  . THR A 1 74  ? 3.566   10.339  -8.565  1.00 5.96  ? 74  THR A CB  1 
ATOM   600  O OG1 . THR A 1 74  ? 4.078   11.405  -9.381  1.00 9.91  ? 74  THR A OG1 1 
ATOM   601  C CG2 . THR A 1 74  ? 2.117   10.088  -8.911  1.00 8.17  ? 74  THR A CG2 1 
ATOM   602  N N   . SER A 1 75  ? 4.060   13.128  -6.804  1.00 9.97  ? 75  SER A N   1 
ATOM   603  C CA  . SER A 1 75  ? 3.670   14.500  -6.531  1.00 11.19 ? 75  SER A CA  1 
ATOM   604  C C   . SER A 1 75  ? 2.649   15.055  -7.508  1.00 10.86 ? 75  SER A C   1 
ATOM   605  O O   . SER A 1 75  ? 1.944   16.005  -7.170  1.00 10.77 ? 75  SER A O   1 
ATOM   606  C CB  . SER A 1 75  ? 4.901   15.423  -6.475  1.00 12.45 ? 75  SER A CB  1 
ATOM   607  O OG  . SER A 1 75  ? 5.514   15.559  -7.745  1.00 13.99 ? 75  SER A OG  1 
ATOM   608  N N   . ARG A 1 76  ? 2.569   14.453  -8.694  1.00 11.38 ? 76  ARG A N   1 
ATOM   609  C CA  . ARG A 1 76  ? 1.628   14.867  -9.741  1.00 12.87 ? 76  ARG A CA  1 
ATOM   610  C C   . ARG A 1 76  ? 0.208   14.443  -9.431  1.00 13.50 ? 76  ARG A C   1 
ATOM   611  O O   . ARG A 1 76  ? -0.724  15.040  -9.965  1.00 15.31 ? 76  ARG A O   1 
ATOM   612  C CB  . ARG A 1 76  ? 2.021   14.280  -11.107 1.00 15.71 ? 76  ARG A CB  1 
ATOM   613  C CG  . ARG A 1 76  ? 3.161   15.031  -11.870 1.00 29.52 ? 76  ARG A CG  1 
ATOM   614  C CD  . ARG A 1 76  ? 2.688   16.355  -12.511 1.00 44.59 ? 76  ARG A CD  1 
ATOM   615  N NE  . ARG A 1 76  ? 1.599   16.094  -13.518 1.00 56.13 ? 76  ARG A NE  1 
ATOM   616  C CZ  . ARG A 1 76  ? 1.037   17.040  -14.314 1.00 64.31 ? 76  ARG A CZ  1 
ATOM   617  N NH1 . ARG A 1 76  ? 1.409   18.321  -14.292 1.00 67.73 ? 76  ARG A NH1 1 
ATOM   618  N NH2 . ARG A 1 76  ? 0.146   16.624  -15.219 1.00 67.68 ? 76  ARG A NH2 1 
ATOM   619  N N   . THR A 1 77  ? 0.038   13.475  -8.522  1.00 11.51 ? 77  THR A N   1 
ATOM   620  C CA  . THR A 1 77  ? -1.276  12.930  -8.171  1.00 11.22 ? 77  THR A CA  1 
ATOM   621  C C   . THR A 1 77  ? -1.512  12.904  -6.655  1.00 10.17 ? 77  THR A C   1 
ATOM   622  O O   . THR A 1 77  ? -1.224  11.919  -5.986  1.00 10.82 ? 77  THR A O   1 
ATOM   623  C CB  . THR A 1 77  ? -1.379  11.534  -8.812  1.00 10.66 ? 77  THR A CB  1 
ATOM   624  O OG1 . THR A 1 77  ? -1.022  11.683  -10.191 1.00 10.50 ? 77  THR A OG1 1 
ATOM   625  C CG2 . THR A 1 77  ? -2.801  10.926  -8.700  1.00 8.84  ? 77  THR A CG2 1 
ATOM   626  N N   . GLN A 1 78  ? -2.069  13.993  -6.129  1.00 9.88  ? 78  GLN A N   1 
ATOM   627  C CA  . GLN A 1 78  ? -2.272  14.148  -4.690  1.00 9.68  ? 78  GLN A CA  1 
ATOM   628  C C   . GLN A 1 78  ? -3.706  14.025  -4.228  1.00 9.83  ? 78  GLN A C   1 
ATOM   629  O O   . GLN A 1 78  ? -4.625  14.246  -5.014  1.00 10.81 ? 78  GLN A O   1 
ATOM   630  C CB  . GLN A 1 78  ? -1.703  15.492  -4.260  1.00 10.73 ? 78  GLN A CB  1 
ATOM   631  C CG  . GLN A 1 78  ? -0.237  15.621  -4.635  1.00 14.12 ? 78  GLN A CG  1 
ATOM   632  C CD  . GLN A 1 78  ? 0.459   16.825  -4.001  1.00 17.56 ? 78  GLN A CD  1 
ATOM   633  O OE1 . GLN A 1 78  ? 1.495   17.278  -4.492  1.00 17.57 ? 78  GLN A OE1 1 
ATOM   634  N NE2 . GLN A 1 78  ? -0.076  17.320  -2.899  1.00 16.13 ? 78  GLN A NE2 1 
ATOM   635  N N   . PHE A 1 79  ? -3.869  13.687  -2.951  1.00 9.22  ? 79  PHE A N   1 
ATOM   636  C CA  . PHE A 1 79  ? -5.163  13.498  -2.306  1.00 11.31 ? 79  PHE A CA  1 
ATOM   637  C C   . PHE A 1 79  ? -5.205  14.207  -0.945  1.00 12.96 ? 79  PHE A C   1 
ATOM   638  O O   . PHE A 1 79  ? -4.162  14.473  -0.343  1.00 12.00 ? 79  PHE A O   1 
ATOM   639  C CB  . PHE A 1 79  ? -5.429  12.000  -2.138  1.00 10.78 ? 79  PHE A CB  1 
ATOM   640  C CG  . PHE A 1 79  ? -5.339  11.240  -3.429  1.00 10.46 ? 79  PHE A CG  1 
ATOM   641  C CD1 . PHE A 1 79  ? -4.142  10.637  -3.820  1.00 9.38  ? 79  PHE A CD1 1 
ATOM   642  C CD2 . PHE A 1 79  ? -6.409  11.233  -4.318  1.00 9.43  ? 79  PHE A CD2 1 
ATOM   643  C CE1 . PHE A 1 79  ? -4.019  10.046  -5.109  1.00 12.19 ? 79  PHE A CE1 1 
ATOM   644  C CE2 . PHE A 1 79  ? -6.288  10.644  -5.599  1.00 8.84  ? 79  PHE A CE2 1 
ATOM   645  C CZ  . PHE A 1 79  ? -5.102  10.061  -5.989  1.00 7.05  ? 79  PHE A CZ  1 
ATOM   646  N N   . ASN A 1 80  ? -6.409  14.543  -0.487  1.00 13.79 ? 80  ASN A N   1 
ATOM   647  C CA  . ASN A 1 80  ? -6.588  15.209  0.798   1.00 15.65 ? 80  ASN A CA  1 
ATOM   648  C C   . ASN A 1 80  ? -6.506  14.230  1.977   1.00 15.97 ? 80  ASN A C   1 
ATOM   649  O O   . ASN A 1 80  ? -6.377  14.649  3.120   1.00 16.81 ? 80  ASN A O   1 
ATOM   650  C CB  . ASN A 1 80  ? -7.925  15.954  0.827   1.00 17.35 ? 80  ASN A CB  1 
ATOM   651  C CG  . ASN A 1 80  ? -8.039  16.977  -0.290  1.00 19.75 ? 80  ASN A CG  1 
ATOM   652  O OD1 . ASN A 1 80  ? -7.038  17.548  -0.703  1.00 20.62 ? 80  ASN A OD1 1 
ATOM   653  N ND2 . ASN A 1 80  ? -9.253  17.166  -0.829  1.00 23.14 ? 80  ASN A ND2 1 
ATOM   654  N N   . SER A 1 81  ? -6.608  12.931  1.710   1.00 13.80 ? 81  SER A N   1 
ATOM   655  C CA  . SER A 1 81  ? -6.527  11.957  2.781   1.00 14.78 ? 81  SER A CA  1 
ATOM   656  C C   . SER A 1 81  ? -5.957  10.652  2.261   1.00 13.50 ? 81  SER A C   1 
ATOM   657  O O   . SER A 1 81  ? -6.000  10.376  1.068   1.00 12.69 ? 81  SER A O   1 
ATOM   658  C CB  . SER A 1 81  ? -7.920  11.680  3.375   1.00 13.32 ? 81  SER A CB  1 
ATOM   659  O OG  . SER A 1 81  ? -8.730  10.970  2.453   1.00 11.34 ? 81  SER A OG  1 
ATOM   660  N N   . LEU A 1 82  ? -5.436  9.852   3.180   1.00 13.96 ? 82  LEU A N   1 
ATOM   661  C CA  . LEU A 1 82  ? -4.894  8.529   2.881   1.00 12.68 ? 82  LEU A CA  1 
ATOM   662  C C   . LEU A 1 82  ? -6.045  7.646   2.316   1.00 12.68 ? 82  LEU A C   1 
ATOM   663  O O   . LEU A 1 82  ? -5.882  6.867   1.372   1.00 10.68 ? 82  LEU A O   1 
ATOM   664  C CB  . LEU A 1 82  ? -4.351  7.936   4.177   1.00 14.05 ? 82  LEU A CB  1 
ATOM   665  C CG  . LEU A 1 82  ? -3.360  6.797   4.088   1.00 20.78 ? 82  LEU A CG  1 
ATOM   666  C CD1 . LEU A 1 82  ? -2.199  7.158   3.164   1.00 20.30 ? 82  LEU A CD1 1 
ATOM   667  C CD2 . LEU A 1 82  ? -2.829  6.531   5.488   1.00 26.74 ? 82  LEU A CD2 1 
ATOM   668  N N   . GLN A 1 83  ? -7.228  7.802   2.903   1.00 12.10 ? 83  GLN A N   1 
ATOM   669  C CA  . GLN A 1 83  ? -8.395  7.042   2.488   1.00 12.85 ? 83  GLN A CA  1 
ATOM   670  C C   . GLN A 1 83  ? -8.752  7.313   1.014   1.00 12.65 ? 83  GLN A C   1 
ATOM   671  O O   . GLN A 1 83  ? -9.030  6.388   0.252   1.00 10.86 ? 83  GLN A O   1 
ATOM   672  C CB  . GLN A 1 83  ? -9.558  7.351   3.434   1.00 16.22 ? 83  GLN A CB  1 
ATOM   673  C CG  . GLN A 1 83  ? -9.268  6.919   4.911   1.00 24.12 ? 83  GLN A CG  1 
ATOM   674  C CD  . GLN A 1 83  ? -8.601  7.985   5.836   1.00 27.10 ? 83  GLN A CD  1 
ATOM   675  O OE1 . GLN A 1 83  ? -8.640  7.876   7.076   1.00 32.53 ? 83  GLN A OE1 1 
ATOM   676  N NE2 . GLN A 1 83  ? -8.036  9.006   5.253   1.00 21.80 ? 83  GLN A NE2 1 
ATOM   677  N N   . GLN A 1 84  ? -8.690  8.576   0.598   1.00 12.91 ? 84  GLN A N   1 
ATOM   678  C CA  . GLN A 1 84  ? -8.976  8.936   -0.803  1.00 13.51 ? 84  GLN A CA  1 
ATOM   679  C C   . GLN A 1 84  ? -7.922  8.367   -1.739  1.00 10.47 ? 84  GLN A C   1 
ATOM   680  O O   . GLN A 1 84  ? -8.221  7.970   -2.859  1.00 10.93 ? 84  GLN A O   1 
ATOM   681  C CB  . GLN A 1 84  ? -9.051  10.466  -0.951  1.00 18.73 ? 84  GLN A CB  1 
ATOM   682  C CG  . GLN A 1 84  ? -10.304 11.009  -0.320  1.00 29.43 ? 84  GLN A CG  1 
ATOM   683  C CD  . GLN A 1 84  ? -10.242 12.494  -0.067  1.00 38.66 ? 84  GLN A CD  1 
ATOM   684  O OE1 . GLN A 1 84  ? -9.318  13.011  0.578   1.00 41.42 ? 84  GLN A OE1 1 
ATOM   685  N NE2 . GLN A 1 84  ? -11.213 13.195  -0.587  1.00 40.39 ? 84  GLN A NE2 1 
ATOM   686  N N   . LEU A 1 85  ? -6.676  8.361   -1.272  1.00 10.20 ? 85  LEU A N   1 
ATOM   687  C CA  . LEU A 1 85  ? -5.575  7.814   -2.058  1.00 8.59  ? 85  LEU A CA  1 
ATOM   688  C C   . LEU A 1 85  ? -5.847  6.337   -2.281  1.00 8.89  ? 85  LEU A C   1 
ATOM   689  O O   . LEU A 1 85  ? -5.808  5.853   -3.420  1.00 9.18  ? 85  LEU A O   1 
ATOM   690  C CB  . LEU A 1 85  ? -4.238  8.019   -1.341  1.00 6.40  ? 85  LEU A CB  1 
ATOM   691  C CG  . LEU A 1 85  ? -2.984  7.530   -2.088  1.00 7.60  ? 85  LEU A CG  1 
ATOM   692  C CD1 . LEU A 1 85  ? -1.793  8.397   -1.689  1.00 8.54  ? 85  LEU A CD1 1 
ATOM   693  C CD2 . LEU A 1 85  ? -2.713  6.058   -1.763  1.00 7.07  ? 85  LEU A CD2 1 
ATOM   694  N N   . VAL A 1 86  ? -6.188  5.634   -1.209  1.00 8.68  ? 86  VAL A N   1 
ATOM   695  C CA  . VAL A 1 86  ? -6.468  4.219   -1.321  1.00 9.30  ? 86  VAL A CA  1 
ATOM   696  C C   . VAL A 1 86  ? -7.637  3.986   -2.273  1.00 9.80  ? 86  VAL A C   1 
ATOM   697  O O   . VAL A 1 86  ? -7.540  3.141   -3.166  1.00 10.47 ? 86  VAL A O   1 
ATOM   698  C CB  . VAL A 1 86  ? -6.719  3.595   0.085   1.00 9.28  ? 86  VAL A CB  1 
ATOM   699  C CG1 . VAL A 1 86  ? -7.342  2.189   -0.026  1.00 9.89  ? 86  VAL A CG1 1 
ATOM   700  C CG2 . VAL A 1 86  ? -5.411  3.518   0.854   1.00 9.34  ? 86  VAL A CG2 1 
ATOM   701  N N   . ALA A 1 87  ? -8.684  4.806   -2.176  1.00 8.49  ? 87  ALA A N   1 
ATOM   702  C CA  . ALA A 1 87  ? -9.837  4.632   -3.059  1.00 8.36  ? 87  ALA A CA  1 
ATOM   703  C C   . ALA A 1 87  ? -9.465  4.857   -4.514  1.00 8.08  ? 87  ALA A C   1 
ATOM   704  O O   . ALA A 1 87  ? -9.904  4.110   -5.399  1.00 10.66 ? 87  ALA A O   1 
ATOM   705  C CB  . ALA A 1 87  ? -10.990 5.551   -2.651  1.00 8.85  ? 87  ALA A CB  1 
ATOM   706  N N   . TYR A 1 88  ? -8.647  5.867   -4.790  1.00 8.35  ? 88  TYR A N   1 
ATOM   707  C CA  . TYR A 1 88  ? -8.234  6.154   -6.180  1.00 7.79  ? 88  TYR A CA  1 
ATOM   708  C C   . TYR A 1 88  ? -7.454  4.982   -6.799  1.00 8.86  ? 88  TYR A C   1 
ATOM   709  O O   . TYR A 1 88  ? -7.709  4.583   -7.940  1.00 8.39  ? 88  TYR A O   1 
ATOM   710  C CB  . TYR A 1 88  ? -7.379  7.423   -6.214  1.00 5.53  ? 88  TYR A CB  1 
ATOM   711  C CG  . TYR A 1 88  ? -6.769  7.736   -7.552  1.00 8.28  ? 88  TYR A CG  1 
ATOM   712  C CD1 . TYR A 1 88  ? -7.392  8.622   -8.448  1.00 11.09 ? 88  TYR A CD1 1 
ATOM   713  C CD2 . TYR A 1 88  ? -5.534  7.188   -7.915  1.00 9.34  ? 88  TYR A CD2 1 
ATOM   714  C CE1 . TYR A 1 88  ? -6.770  8.953   -9.693  1.00 13.53 ? 88  TYR A CE1 1 
ATOM   715  C CE2 . TYR A 1 88  ? -4.927  7.496   -9.127  1.00 11.21 ? 88  TYR A CE2 1 
ATOM   716  C CZ  . TYR A 1 88  ? -5.533  8.368   -10.012 1.00 13.86 ? 88  TYR A CZ  1 
ATOM   717  O OH  . TYR A 1 88  ? -4.894  8.625   -11.221 1.00 11.92 ? 88  TYR A OH  1 
ATOM   718  N N   . TYR A 1 89  ? -6.492  4.451   -6.039  1.00 9.02  ? 89  TYR A N   1 
ATOM   719  C CA  . TYR A 1 89  ? -5.672  3.331   -6.499  1.00 8.90  ? 89  TYR A CA  1 
ATOM   720  C C   . TYR A 1 89  ? -6.397  1.991   -6.520  1.00 8.11  ? 89  TYR A C   1 
ATOM   721  O O   . TYR A 1 89  ? -5.878  0.997   -7.019  1.00 8.08  ? 89  TYR A O   1 
ATOM   722  C CB  . TYR A 1 89  ? -4.335  3.296   -5.744  1.00 8.48  ? 89  TYR A CB  1 
ATOM   723  C CG  . TYR A 1 89  ? -3.431  4.419   -6.195  1.00 8.54  ? 89  TYR A CG  1 
ATOM   724  C CD1 . TYR A 1 89  ? -3.080  5.447   -5.325  1.00 7.06  ? 89  TYR A CD1 1 
ATOM   725  C CD2 . TYR A 1 89  ? -2.941  4.466   -7.512  1.00 9.97  ? 89  TYR A CD2 1 
ATOM   726  C CE1 . TYR A 1 89  ? -2.258  6.500   -5.738  1.00 7.97  ? 89  TYR A CE1 1 
ATOM   727  C CE2 . TYR A 1 89  ? -2.121  5.523   -7.946  1.00 8.08  ? 89  TYR A CE2 1 
ATOM   728  C CZ  . TYR A 1 89  ? -1.787  6.533   -7.041  1.00 8.09  ? 89  TYR A CZ  1 
ATOM   729  O OH  . TYR A 1 89  ? -0.971  7.578   -7.427  1.00 9.23  ? 89  TYR A OH  1 
ATOM   730  N N   . SER A 1 90  ? -7.614  1.975   -5.990  1.00 9.89  ? 90  SER A N   1 
ATOM   731  C CA  . SER A 1 90  ? -8.436  0.780   -6.037  1.00 11.22 ? 90  SER A CA  1 
ATOM   732  C C   . SER A 1 90  ? -9.155  0.748   -7.376  1.00 13.53 ? 90  SER A C   1 
ATOM   733  O O   . SER A 1 90  ? -9.767  -0.260  -7.716  1.00 16.51 ? 90  SER A O   1 
ATOM   734  C CB  . SER A 1 90  ? -9.436  0.769   -4.891  1.00 10.54 ? 90  SER A CB  1 
ATOM   735  O OG  . SER A 1 90  ? -8.742  0.641   -3.673  1.00 13.42 ? 90  SER A OG  1 
ATOM   736  N N   . LYS A 1 91  ? -9.096  1.863   -8.120  1.00 13.55 ? 91  LYS A N   1 
ATOM   737  C CA  . LYS A 1 91  ? -9.711  2.007   -9.452  1.00 14.05 ? 91  LYS A CA  1 
ATOM   738  C C   . LYS A 1 91  ? -8.669  2.190   -10.558 1.00 13.62 ? 91  LYS A C   1 
ATOM   739  O O   . LYS A 1 91  ? -8.893  1.812   -11.706 1.00 13.99 ? 91  LYS A O   1 
ATOM   740  C CB  . LYS A 1 91  ? -10.663 3.220   -9.499  1.00 16.67 ? 91  LYS A CB  1 
ATOM   741  C CG  . LYS A 1 91  ? -11.764 3.230   -8.435  1.00 23.69 ? 91  LYS A CG  1 
ATOM   742  C CD  . LYS A 1 91  ? -12.786 2.101   -8.624  1.00 30.42 ? 91  LYS A CD  1 
ATOM   743  C CE  . LYS A 1 91  ? -13.509 2.236   -9.964  1.00 38.18 ? 91  LYS A CE  1 
ATOM   744  N NZ  . LYS A 1 91  ? -14.514 1.151   -10.215 1.00 41.62 ? 91  LYS A NZ  1 
ATOM   745  N N   . HIS A 1 92  ? -7.534  2.792   -10.234 1.00 12.54 ? 92  HIS A N   1 
ATOM   746  C CA  . HIS A 1 92  ? -6.509  3.031   -11.251 1.00 11.53 ? 92  HIS A CA  1 
ATOM   747  C C   . HIS A 1 92  ? -5.234  2.306   -10.892 1.00 10.66 ? 92  HIS A C   1 
ATOM   748  O O   . HIS A 1 92  ? -4.741  2.444   -9.766  1.00 10.25 ? 92  HIS A O   1 
ATOM   749  C CB  . HIS A 1 92  ? -6.180  4.538   -11.361 1.00 14.40 ? 92  HIS A CB  1 
ATOM   750  C CG  . HIS A 1 92  ? -7.391  5.421   -11.467 1.00 16.83 ? 92  HIS A CG  1 
ATOM   751  N ND1 . HIS A 1 92  ? -7.793  6.010   -12.646 1.00 18.56 ? 92  HIS A ND1 1 
ATOM   752  C CD2 . HIS A 1 92  ? -8.312  5.778   -10.535 1.00 15.07 ? 92  HIS A CD2 1 
ATOM   753  C CE1 . HIS A 1 92  ? -8.908  6.683   -12.448 1.00 11.42 ? 92  HIS A CE1 1 
ATOM   754  N NE2 . HIS A 1 92  ? -9.250  6.558   -11.174 1.00 18.48 ? 92  HIS A NE2 1 
ATOM   755  N N   . ALA A 1 93  ? -4.681  1.557   -11.836 1.00 9.92  ? 93  ALA A N   1 
ATOM   756  C CA  . ALA A 1 93  ? -3.422  0.884   -11.539 1.00 10.81 ? 93  ALA A CA  1 
ATOM   757  C C   . ALA A 1 93  ? -2.302  1.938   -11.667 1.00 10.57 ? 93  ALA A C   1 
ATOM   758  O O   . ALA A 1 93  ? -1.362  1.944   -10.867 1.00 11.40 ? 93  ALA A O   1 
ATOM   759  C CB  . ALA A 1 93  ? -3.172  -0.285  -12.513 1.00 10.20 ? 93  ALA A CB  1 
ATOM   760  N N   . ASP A 1 94  ? -2.439  2.846   -12.651 1.00 9.63  ? 94  ASP A N   1 
ATOM   761  C CA  . ASP A 1 94  ? -1.429  3.869   -12.941 1.00 8.58  ? 94  ASP A CA  1 
ATOM   762  C C   . ASP A 1 94  ? -0.037  3.222   -12.958 1.00 9.04  ? 94  ASP A C   1 
ATOM   763  O O   . ASP A 1 94  ? 0.199   2.320   -13.750 1.00 9.40  ? 94  ASP A O   1 
ATOM   764  C CB  . ASP A 1 94  ? -1.518  5.051   -11.958 1.00 8.36  ? 94  ASP A CB  1 
ATOM   765  C CG  . ASP A 1 94  ? -2.687  5.996   -12.261 1.00 10.08 ? 94  ASP A CG  1 
ATOM   766  O OD1 . ASP A 1 94  ? -3.489  5.709   -13.176 1.00 11.14 ? 94  ASP A OD1 1 
ATOM   767  O OD2 . ASP A 1 94  ? -2.804  7.038   -11.589 1.00 10.13 ? 94  ASP A OD2 1 
ATOM   768  N N   . GLY A 1 95  ? 0.869   3.643   -12.081 1.00 9.15  ? 95  GLY A N   1 
ATOM   769  C CA  . GLY A 1 95  ? 2.207   3.068   -12.058 1.00 9.14  ? 95  GLY A CA  1 
ATOM   770  C C   . GLY A 1 95  ? 2.403   1.897   -11.110 1.00 9.06  ? 95  GLY A C   1 
ATOM   771  O O   . GLY A 1 95  ? 3.503   1.339   -11.027 1.00 10.34 ? 95  GLY A O   1 
ATOM   772  N N   . LEU A 1 96  ? 1.360   1.528   -10.369 1.00 7.89  ? 96  LEU A N   1 
ATOM   773  C CA  . LEU A 1 96  ? 1.439   0.414   -9.408  1.00 8.50  ? 96  LEU A CA  1 
ATOM   774  C C   . LEU A 1 96  ? 1.443   -0.957  -10.086 1.00 8.24  ? 96  LEU A C   1 
ATOM   775  O O   . LEU A 1 96  ? 0.960   -1.115  -11.208 1.00 9.56  ? 96  LEU A O   1 
ATOM   776  C CB  . LEU A 1 96  ? 0.249   0.471   -8.446  1.00 7.68  ? 96  LEU A CB  1 
ATOM   777  C CG  . LEU A 1 96  ? -0.022  1.751   -7.631  1.00 7.36  ? 96  LEU A CG  1 
ATOM   778  C CD1 . LEU A 1 96  ? -1.089  1.444   -6.589  1.00 8.63  ? 96  LEU A CD1 1 
ATOM   779  C CD2 . LEU A 1 96  ? 1.249   2.290   -6.994  1.00 7.38  ? 96  LEU A CD2 1 
ATOM   780  N N   . CYS A 1 97  ? 1.930   -1.969  -9.386  1.00 8.24  ? 97  CYS A N   1 
ATOM   781  C CA  . CYS A 1 97  ? 1.965   -3.311  -9.968  1.00 9.44  ? 97  CYS A CA  1 
ATOM   782  C C   . CYS A 1 97  ? 0.550   -3.859  -10.329 1.00 9.87  ? 97  CYS A C   1 
ATOM   783  O O   . CYS A 1 97  ? 0.406   -4.702  -11.239 1.00 10.73 ? 97  CYS A O   1 
ATOM   784  C CB  . CYS A 1 97  ? 2.718   -4.263  -9.013  1.00 8.57  ? 97  CYS A CB  1 
ATOM   785  S SG  . CYS A 1 97  ? 1.995   -4.431  -7.358  1.00 9.32  ? 97  CYS A SG  1 
ATOM   786  N N   . HIS A 1 98  ? -0.489  -3.309  -9.682  1.00 10.30 ? 98  HIS A N   1 
ATOM   787  C CA  . HIS A 1 98  ? -1.888  -3.712  -9.875  1.00 8.99  ? 98  HIS A CA  1 
ATOM   788  C C   . HIS A 1 98  ? -2.758  -2.738  -9.101  1.00 8.82  ? 98  HIS A C   1 
ATOM   789  O O   . HIS A 1 98  ? -2.274  -2.095  -8.165  1.00 10.34 ? 98  HIS A O   1 
ATOM   790  C CB  . HIS A 1 98  ? -2.096  -5.093  -9.251  1.00 8.49  ? 98  HIS A CB  1 
ATOM   791  C CG  . HIS A 1 98  ? -3.316  -5.814  -9.721  1.00 7.69  ? 98  HIS A CG  1 
ATOM   792  N ND1 . HIS A 1 98  ? -4.563  -5.631  -9.159  1.00 8.92  ? 98  HIS A ND1 1 
ATOM   793  C CD2 . HIS A 1 98  ? -3.478  -6.741  -10.691 1.00 10.35 ? 98  HIS A CD2 1 
ATOM   794  C CE1 . HIS A 1 98  ? -5.437  -6.407  -9.772  1.00 10.66 ? 98  HIS A CE1 1 
ATOM   795  N NE2 . HIS A 1 98  ? -4.806  -7.089  -10.699 1.00 11.65 ? 98  HIS A NE2 1 
ATOM   796  N N   . ARG A 1 99  ? -4.029  -2.613  -9.474  1.00 9.43  ? 99  ARG A N   1 
ATOM   797  C CA  . ARG A 1 99  ? -4.928  -1.752  -8.700  1.00 10.06 ? 99  ARG A CA  1 
ATOM   798  C C   . ARG A 1 99  ? -5.121  -2.467  -7.356  1.00 8.10  ? 99  ARG A C   1 
ATOM   799  O O   . ARG A 1 99  ? -4.977  -3.700  -7.286  1.00 8.07  ? 99  ARG A O   1 
ATOM   800  C CB  . ARG A 1 99  ? -6.299  -1.577  -9.388  1.00 13.12 ? 99  ARG A CB  1 
ATOM   801  C CG  . ARG A 1 99  ? -7.240  -2.741  -9.252  1.00 16.98 ? 99  ARG A CG  1 
ATOM   802  C CD  . ARG A 1 99  ? -8.666  -2.424  -9.714  1.00 19.07 ? 99  ARG A CD  1 
ATOM   803  N NE  . ARG A 1 99  ? -9.495  -3.618  -9.569  1.00 19.05 ? 99  ARG A NE  1 
ATOM   804  C CZ  . ARG A 1 99  ? -10.384 -3.828  -8.601  1.00 18.61 ? 99  ARG A CZ  1 
ATOM   805  N NH1 . ARG A 1 99  ? -10.628 -2.909  -7.672  1.00 22.29 ? 99  ARG A NH1 1 
ATOM   806  N NH2 . ARG A 1 99  ? -10.898 -5.042  -8.451  1.00 18.07 ? 99  ARG A NH2 1 
ATOM   807  N N   . LEU A 1 100 ? -5.383  -1.709  -6.301  1.00 9.20  ? 100 LEU A N   1 
ATOM   808  C CA  . LEU A 1 100 ? -5.628  -2.291  -4.970  1.00 9.90  ? 100 LEU A CA  1 
ATOM   809  C C   . LEU A 1 100 ? -6.962  -3.047  -5.039  1.00 10.83 ? 100 LEU A C   1 
ATOM   810  O O   . LEU A 1 100 ? -7.952  -2.514  -5.549  1.00 11.20 ? 100 LEU A O   1 
ATOM   811  C CB  . LEU A 1 100 ? -5.670  -1.195  -3.887  1.00 9.12  ? 100 LEU A CB  1 
ATOM   812  C CG  . LEU A 1 100 ? -4.440  -0.274  -3.981  1.00 7.14  ? 100 LEU A CG  1 
ATOM   813  C CD1 . LEU A 1 100 ? -4.514  0.880   -2.972  1.00 9.55  ? 100 LEU A CD1 1 
ATOM   814  C CD2 . LEU A 1 100 ? -3.155  -1.127  -3.827  1.00 4.59  ? 100 LEU A CD2 1 
ATOM   815  N N   . THR A 1 101 ? -6.973  -4.283  -4.552  1.00 9.44  ? 101 THR A N   1 
ATOM   816  C CA  . THR A 1 101 ? -8.169  -5.119  -4.580  1.00 10.92 ? 101 THR A CA  1 
ATOM   817  C C   . THR A 1 101 ? -8.773  -5.413  -3.205  1.00 12.76 ? 101 THR A C   1 
ATOM   818  O O   . THR A 1 101 ? -9.819  -4.880  -2.858  1.00 17.26 ? 101 THR A O   1 
ATOM   819  C CB  . THR A 1 101 ? -7.910  -6.454  -5.373  1.00 10.82 ? 101 THR A CB  1 
ATOM   820  O OG1 . THR A 1 101 ? -6.749  -7.112  -4.857  1.00 9.55  ? 101 THR A OG1 1 
ATOM   821  C CG2 . THR A 1 101 ? -7.659  -6.165  -6.863  1.00 7.64  ? 101 THR A CG2 1 
ATOM   822  N N   . THR A 1 102 ? -8.122  -6.229  -2.392  1.00 12.89 ? 102 THR A N   1 
ATOM   823  C CA  . THR A 1 102 ? -8.686  -6.507  -1.077  1.00 12.80 ? 102 THR A CA  1 
ATOM   824  C C   . THR A 1 102 ? -7.643  -6.342  0.005   1.00 9.71  ? 102 THR A C   1 
ATOM   825  O O   . THR A 1 102 ? -6.448  -6.414  -0.255  1.00 8.93  ? 102 THR A O   1 
ATOM   826  C CB  . THR A 1 102 ? -9.357  -7.915  -1.009  1.00 15.76 ? 102 THR A CB  1 
ATOM   827  O OG1 . THR A 1 102 ? -8.374  -8.940  -1.178  1.00 18.17 ? 102 THR A OG1 1 
ATOM   828  C CG2 . THR A 1 102 ? -10.443 -8.050  -2.109  1.00 22.50 ? 102 THR A CG2 1 
ATOM   829  N N   . VAL A 1 103 ? -8.114  -6.063  1.204   1.00 9.53  ? 103 VAL A N   1 
ATOM   830  C CA  . VAL A 1 103 ? -7.248  -5.877  2.349   1.00 9.64  ? 103 VAL A CA  1 
ATOM   831  C C   . VAL A 1 103 ? -6.580  -7.196  2.727   1.00 9.16  ? 103 VAL A C   1 
ATOM   832  O O   . VAL A 1 103 ? -7.225  -8.253  2.779   1.00 8.75  ? 103 VAL A O   1 
ATOM   833  C CB  . VAL A 1 103 ? -8.034  -5.297  3.545   1.00 9.79  ? 103 VAL A CB  1 
ATOM   834  C CG1 . VAL A 1 103 ? -7.094  -4.962  4.693   1.00 11.43 ? 103 VAL A CG1 1 
ATOM   835  C CG2 . VAL A 1 103 ? -8.812  -4.043  3.090   1.00 16.18 ? 103 VAL A CG2 1 
ATOM   836  N N   . CYS A 1 104 ? -5.283  -7.125  2.985   1.00 8.81  ? 104 CYS A N   1 
ATOM   837  C CA  . CYS A 1 104 ? -4.520  -8.295  3.355   1.00 9.21  ? 104 CYS A CA  1 
ATOM   838  C C   . CYS A 1 104 ? -5.077  -8.943  4.611   1.00 10.63 ? 104 CYS A C   1 
ATOM   839  O O   . CYS A 1 104 ? -5.295  -8.282  5.621   1.00 10.07 ? 104 CYS A O   1 
ATOM   840  C CB  . CYS A 1 104 ? -3.079  -7.929  3.664   1.00 9.65  ? 104 CYS A CB  1 
ATOM   841  S SG  . CYS A 1 104 ? -2.047  -9.359  3.848   1.00 12.93 ? 104 CYS A SG  1 
ATOM   842  N N   . PRO A 1 105 ? -5.338  -10.243 4.544   1.00 11.13 ? 105 PRO A N   1 
ATOM   843  C CA  . PRO A 1 105 ? -5.861  -10.962 5.698   1.00 14.12 ? 105 PRO A CA  1 
ATOM   844  C C   . PRO A 1 105 ? -4.771  -11.061 6.766   1.00 17.58 ? 105 PRO A C   1 
ATOM   845  O O   . PRO A 1 105 ? -3.579  -11.075 6.456   1.00 15.74 ? 105 PRO A O   1 
ATOM   846  C CB  . PRO A 1 105 ? -6.099  -12.356 5.146   1.00 16.47 ? 105 PRO A CB  1 
ATOM   847  C CG  . PRO A 1 105 ? -6.277  -12.141 3.692   1.00 17.80 ? 105 PRO A CG  1 
ATOM   848  C CD  . PRO A 1 105 ? -5.251  -11.128 3.372   1.00 13.56 ? 105 PRO A CD  1 
ATOM   849  N N   . THR A 1 106 ? -5.189  -11.116 8.018   1.00 21.65 ? 106 THR A N   1 
ATOM   850  C CA  . THR A 1 106 ? -4.293  -11.317 9.146   1.00 27.91 ? 106 THR A CA  1 
ATOM   851  C C   . THR A 1 106 ? -3.807  -12.796 9.187   1.00 31.45 ? 106 THR A C   1 
ATOM   852  O O   . THR A 1 106 ? -4.505  -13.699 8.652   1.00 36.73 ? 106 THR A O   1 
ATOM   853  C CB  . THR A 1 106 ? -5.032  -10.927 10.438  1.00 30.02 ? 106 THR A CB  1 
ATOM   854  O OG1 . THR A 1 106 ? -4.937  -9.512  10.602  1.00 38.18 ? 106 THR A OG1 1 
ATOM   855  C CG2 . THR A 1 106 ? -4.473  -11.653 11.673  1.00 35.07 ? 106 THR A CG2 1 
HETATM 856  C C1  . 300 B 2 .   ? 8.789   1.839   -0.528  1.00 22.47 ? 300 300 A C1  1 
HETATM 857  C C2  . 300 B 2 .   ? 9.682   1.179   -1.398  1.00 21.55 ? 300 300 A C2  1 
HETATM 858  C C3  . 300 B 2 .   ? 10.525  0.180   -0.858  1.00 20.86 ? 300 300 A C3  1 
HETATM 859  C C4  . 300 B 2 .   ? 10.454  -0.205  0.516   1.00 23.24 ? 300 300 A C4  1 
HETATM 860  C C5  . 300 B 2 .   ? 9.551   0.492   1.390   1.00 22.57 ? 300 300 A C5  1 
HETATM 861  C C6  . 300 B 2 .   ? 8.730   1.568   0.889   1.00 25.25 ? 300 300 A C6  1 
HETATM 862  C C10 . 300 B 2 .   ? 7.873   2.555   1.648   1.00 27.18 ? 300 300 A C10 1 
HETATM 863  O O11 . 300 B 2 .   ? 9.472   0.028   2.738   1.00 20.14 ? 300 300 A O11 1 
HETATM 864  O O12 . 300 B 2 .   ? 11.207  -1.310  0.961   1.00 22.11 ? 300 300 A O12 1 
HETATM 865  C C13 . 300 B 2 .   ? 11.669  -2.255  -0.015  1.00 26.24 ? 300 300 A C13 1 
HETATM 866  P P17 . 300 B 2 .   ? 10.374  0.647   3.836   1.00 20.81 ? 300 300 A P17 1 
HETATM 867  O O18 . 300 B 2 .   ? 9.774   0.286   5.180   1.00 18.42 ? 300 300 A O18 1 
HETATM 868  O O19 . 300 B 2 .   ? 10.288  2.178   3.594   1.00 22.26 ? 300 300 A O19 1 
HETATM 869  O O20 . 300 B 2 .   ? 11.793  0.178   3.727   1.00 23.70 ? 300 300 A O20 1 
HETATM 870  O O21 . 300 B 2 .   ? 8.144   3.316   2.205   1.00 28.94 ? 300 300 A O21 1 
HETATM 871  O O   . HOH C 3 .   ? -6.911  -9.495  -8.350  1.00 10.05 ? 301 HOH A O   1 
HETATM 872  O O   . HOH C 3 .   ? 2.515   -5.419  -12.793 1.00 13.00 ? 302 HOH A O   1 
HETATM 873  O O   . HOH C 3 .   ? -0.638  7.790   -10.240 1.00 11.90 ? 303 HOH A O   1 
HETATM 874  O O   . HOH C 3 .   ? 6.502   -6.431  12.369  1.00 10.67 ? 304 HOH A O   1 
HETATM 875  O O   . HOH C 3 .   ? -0.865  -11.327 -5.570  1.00 10.66 ? 305 HOH A O   1 
HETATM 876  O O   . HOH C 3 .   ? -1.669  -14.416 -6.366  1.00 11.99 ? 306 HOH A O   1 
HETATM 877  O O   . HOH C 3 .   ? -11.791 0.784   4.119   1.00 19.26 ? 307 HOH A O   1 
HETATM 878  O O   . HOH C 3 .   ? 14.055  -3.891  6.165   1.00 31.59 ? 308 HOH A O   1 
HETATM 879  O O   . HOH C 3 .   ? 6.471   8.077   -3.324  1.00 11.27 ? 309 HOH A O   1 
HETATM 880  O O   . HOH C 3 .   ? 15.185  -0.765  8.083   1.00 10.15 ? 310 HOH A O   1 
HETATM 881  O O   . HOH C 3 .   ? -3.111  13.237  -11.506 1.00 14.39 ? 311 HOH A O   1 
HETATM 882  O O   . HOH C 3 .   ? -5.061  11.314  -11.629 1.00 18.35 ? 312 HOH A O   1 
HETATM 883  O O   . HOH C 3 .   ? -12.534 3.074   -5.086  1.00 17.14 ? 313 HOH A O   1 
HETATM 884  O O   . HOH C 3 .   ? -0.003  9.949   -11.864 1.00 11.36 ? 314 HOH A O   1 
HETATM 885  O O   . HOH C 3 .   ? 4.381   -1.112  -12.230 1.00 15.41 ? 315 HOH A O   1 
HETATM 886  O O   . HOH C 3 .   ? 4.293   -15.879 3.646   1.00 22.20 ? 316 HOH A O   1 
HETATM 887  O O   . HOH C 3 .   ? -10.536 -1.148  -2.143  1.00 29.71 ? 317 HOH A O   1 
HETATM 888  O O   . HOH C 3 .   ? 8.595   -10.287 -3.456  1.00 18.09 ? 318 HOH A O   1 
HETATM 889  O O   . HOH C 3 .   ? 10.497  -11.243 3.209   1.00 22.79 ? 319 HOH A O   1 
HETATM 890  O O   . HOH C 3 .   ? 8.749   -12.573 4.892   1.00 21.17 ? 320 HOH A O   1 
HETATM 891  O O   . HOH C 3 .   ? 7.709   -0.270  9.141   1.00 28.79 ? 321 HOH A O   1 
HETATM 892  O O   . HOH C 3 .   ? -10.697 -2.635  -4.642  1.00 20.46 ? 322 HOH A O   1 
HETATM 893  O O   . HOH C 3 .   ? -12.646 8.876   -2.955  1.00 22.61 ? 323 HOH A O   1 
HETATM 894  O O   . HOH C 3 .   ? 8.038   -0.227  11.672  1.00 25.05 ? 324 HOH A O   1 
HETATM 895  O O   . HOH C 3 .   ? 8.139   2.406   11.784  1.00 26.34 ? 325 HOH A O   1 
HETATM 896  O O   . HOH C 3 .   ? 2.936   -8.394  -12.980 1.00 32.41 ? 326 HOH A O   1 
HETATM 897  O O   . HOH C 3 .   ? -11.995 -4.950  4.082   1.00 33.05 ? 327 HOH A O   1 
HETATM 898  O O   . HOH C 3 .   ? 8.875   5.930   10.739  1.00 54.68 ? 328 HOH A O   1 
HETATM 899  O O   . HOH C 3 .   ? 7.987   -10.755 10.578  1.00 22.05 ? 329 HOH A O   1 
HETATM 900  O O   . HOH C 3 .   ? -2.204  -13.035 5.056   1.00 17.56 ? 330 HOH A O   1 
HETATM 901  O O   . HOH C 3 .   ? 1.082   -15.501 5.178   1.00 26.62 ? 331 HOH A O   1 
HETATM 902  O O   . HOH C 3 .   ? -11.076 3.848   3.640   1.00 26.30 ? 332 HOH A O   1 
HETATM 903  O O   . HOH C 3 .   ? 5.431   -7.006  -9.266  1.00 21.87 ? 333 HOH A O   1 
HETATM 904  O O   . HOH C 3 .   ? -7.233  -7.915  7.396   1.00 19.31 ? 334 HOH A O   1 
HETATM 905  O O   . HOH C 3 .   ? -7.905  -5.001  -11.906 1.00 17.54 ? 335 HOH A O   1 
HETATM 906  O O   . HOH C 3 .   ? 8.674   9.452   -2.065  1.00 22.86 ? 336 HOH A O   1 
HETATM 907  O O   . HOH C 3 .   ? 9.792   -5.523  -3.532  1.00 29.67 ? 337 HOH A O   1 
HETATM 908  O O   . HOH C 3 .   ? -5.936  -15.916 3.109   1.00 27.23 ? 338 HOH A O   1 
HETATM 909  O O   . HOH C 3 .   ? -10.828 4.577   1.170   1.00 27.61 ? 339 HOH A O   1 
HETATM 910  O O   . HOH C 3 .   ? 9.418   11.722  -0.647  1.00 47.81 ? 340 HOH A O   1 
HETATM 911  O O   . HOH C 3 .   ? -11.359 -5.852  1.371   1.00 21.42 ? 341 HOH A O   1 
HETATM 912  O O   . HOH C 3 .   ? 0.818   -19.825 1.078   1.00 35.46 ? 342 HOH A O   1 
HETATM 913  O O   . HOH C 3 .   ? 8.399   -7.947  -6.456  1.00 20.42 ? 343 HOH A O   1 
HETATM 914  O O   . HOH C 3 .   ? -10.995 -6.341  6.090   1.00 56.37 ? 344 HOH A O   1 
HETATM 915  O O   . HOH C 3 .   ? -7.747  -5.856  9.051   1.00 26.07 ? 345 HOH A O   1 
HETATM 916  O O   . HOH C 3 .   ? 7.894   11.349  -13.545 1.00 28.48 ? 346 HOH A O   1 
HETATM 917  O O   . HOH C 3 .   ? -8.532  -7.736  -10.254 1.00 38.86 ? 347 HOH A O   1 
HETATM 918  O O   . HOH C 3 .   ? -9.489  -8.879  4.831   1.00 32.46 ? 348 HOH A O   1 
HETATM 919  O O   . HOH C 3 .   ? 5.740   14.519  -16.652 1.00 29.10 ? 349 HOH A O   1 
HETATM 920  O O   . HOH C 3 .   ? 4.486   5.207   -8.434  1.00 48.60 ? 350 HOH A O   1 
HETATM 921  O O   . HOH C 3 .   ? -10.506 14.646  3.251   1.00 36.38 ? 351 HOH A O   1 
HETATM 922  O O   . HOH C 3 .   ? 4.716   17.906  -9.246  1.00 41.76 ? 352 HOH A O   1 
HETATM 923  O O   . HOH C 3 .   ? -3.099  -0.673  13.060  1.00 39.97 ? 353 HOH A O   1 
HETATM 924  O O   . HOH C 3 .   ? -4.405  -6.315  -13.660 1.00 17.33 ? 354 HOH A O   1 
HETATM 925  O O   . HOH C 3 .   ? 9.006   -1.016  -5.870  1.00 40.21 ? 355 HOH A O   1 
HETATM 926  O O   . HOH C 3 .   ? 5.509   -3.334  16.050  1.00 73.18 ? 356 HOH A O   1 
HETATM 927  O O   . HOH C 3 .   ? 14.984  -1.336  0.311   1.00 65.39 ? 357 HOH A O   1 
HETATM 928  O O   . HOH C 3 .   ? 4.142   5.845   -10.796 1.00 53.22 ? 358 HOH A O   1 
HETATM 929  O O   . HOH C 3 .   ? 0.333   18.330  -8.336  1.00 26.87 ? 359 HOH A O   1 
HETATM 930  O O   . HOH C 3 .   ? -1.891  17.354  -11.733 1.00 36.48 ? 360 HOH A O   1 
HETATM 931  O O   . HOH C 3 .   ? -10.926 13.401  5.691   1.00 81.19 ? 361 HOH A O   1 
HETATM 932  O O   . HOH C 3 .   ? -3.714  -14.502 3.094   1.00 21.41 ? 362 HOH A O   1 
HETATM 933  O O   . HOH C 3 .   ? -10.426 -6.524  8.818   1.00 28.07 ? 363 HOH A O   1 
HETATM 934  O O   . HOH C 3 .   ? 1.051   -8.299  12.041  1.00 34.03 ? 364 HOH A O   1 
HETATM 935  O O   . HOH C 3 .   ? 7.494   4.333   14.647  1.00 26.21 ? 365 HOH A O   1 
HETATM 936  O O   . HOH C 3 .   ? -7.881  -11.165 9.199   1.00 42.02 ? 366 HOH A O   1 
HETATM 937  O O   . HOH C 3 .   ? -4.695  -4.463  11.601  1.00 50.00 ? 367 HOH A O   1 
HETATM 938  O O   . HOH C 3 .   ? 9.032   -13.167 9.646   1.00 22.14 ? 368 HOH A O   1 
HETATM 939  O O   . HOH C 3 .   ? 7.682   -6.639  -10.834 1.00 75.36 ? 369 HOH A O   1 
HETATM 940  O O   . HOH C 3 .   ? -0.025  -15.494 -15.088 1.00 46.90 ? 370 HOH A O   1 
HETATM 941  O O   . HOH C 3 .   ? 4.047   3.619   16.301  1.00 35.54 ? 371 HOH A O   1 
HETATM 942  O O   . HOH C 3 .   ? 5.000   7.270   14.138  1.00 80.84 ? 372 HOH A O   1 
HETATM 943  O O   . HOH C 3 .   ? 8.093   -0.101  -8.874  1.00 37.13 ? 373 HOH A O   1 
HETATM 944  O O   . HOH C 3 .   ? -1.999  -20.240 2.046   1.00 44.05 ? 374 HOH A O   1 
HETATM 945  O O   . HOH C 3 .   ? 11.234  -16.639 -14.519 1.00 57.57 ? 375 HOH A O   1 
HETATM 946  O O   . HOH C 3 .   ? -2.682  16.110  -7.831  1.00 11.45 ? 376 HOH A O   1 
HETATM 947  O O   . HOH C 3 .   ? 14.783  -4.922  -1.093  1.00 54.28 ? 377 HOH A O   1 
HETATM 948  O O   . HOH C 3 .   ? 10.311  -2.580  -7.741  1.00 50.64 ? 378 HOH A O   1 
HETATM 949  O O   . HOH C 3 .   ? 5.635   -1.602  -9.687  1.00 25.79 ? 379 HOH A O   1 
HETATM 950  O O   . HOH C 3 .   ? -5.421  5.308   -15.073 1.00 34.38 ? 380 HOH A O   1 
HETATM 951  O O   . HOH C 3 .   ? -1.386  -16.985 -5.505  1.00 23.87 ? 381 HOH A O   1 
HETATM 952  O O   . HOH C 3 .   ? -6.588  -12.956 0.455   1.00 28.27 ? 382 HOH A O   1 
HETATM 953  O O   . HOH C 3 .   ? 3.969   -17.353 7.845   1.00 34.93 ? 383 HOH A O   1 
HETATM 954  O O   . HOH C 3 .   ? 7.759   4.344   -3.550  1.00 21.83 ? 384 HOH A O   1 
HETATM 955  O O   . HOH C 3 .   ? -5.420  -9.194  -12.453 1.00 17.42 ? 385 HOH A O   1 
HETATM 956  O O   . HOH C 3 .   ? 0.871   0.482   14.939  1.00 40.87 ? 386 HOH A O   1 
HETATM 957  O O   . HOH C 3 .   ? 1.071   4.207   12.972  1.00 26.71 ? 387 HOH A O   1 
HETATM 958  O O   . HOH C 3 .   ? 7.585   -2.032  17.451  1.00 34.34 ? 388 HOH A O   1 
HETATM 959  O O   . HOH C 3 .   ? 3.555   -18.180 -6.695  1.00 24.13 ? 389 HOH A O   1 
HETATM 960  O O   . HOH C 3 .   ? -7.535  14.446  -4.827  1.00 8.00  ? 390 HOH A O   1 
HETATM 961  O O   . HOH C 3 .   ? -8.462  -16.063 -2.561  1.00 15.57 ? 391 HOH A O   1 
HETATM 962  O O   . HOH C 3 .   ? 4.445   -9.831  -10.784 1.00 23.37 ? 392 HOH A O   1 
HETATM 963  O O   . HOH C 3 .   ? 2.228   -13.362 -16.579 1.00 31.78 ? 393 HOH A O   1 
HETATM 964  O O   . HOH C 3 .   ? 9.258   -2.643  -3.932  1.00 17.02 ? 394 HOH A O   1 
HETATM 965  O O   . HOH C 3 .   ? 0.129   9.712   -5.946  1.00 8.07  ? 395 HOH A O   1 
HETATM 966  O O   . HOH C 3 .   ? -5.763  10.532  6.116   1.00 15.85 ? 396 HOH A O   1 
HETATM 967  O O   . HOH C 3 .   ? -13.346 11.868  -1.792  1.00 44.38 ? 397 HOH A O   1 
HETATM 968  O O   . HOH C 3 .   ? 1.639   0.044   -13.557 1.00 6.67  ? 398 HOH A O   1 
HETATM 969  O O   . HOH C 3 .   ? -0.532  -4.798  12.561  1.00 42.73 ? 399 HOH A O   1 
HETATM 970  O O   . HOH C 3 .   ? 8.775   -14.124 7.063   1.00 22.59 ? 400 HOH A O   1 
HETATM 971  O O   . HOH C 3 .   ? -5.627  -22.627 0.349   1.00 52.64 ? 401 HOH A O   1 
HETATM 972  O O   . HOH C 3 .   ? 5.214   7.149   9.493   1.00 52.40 ? 402 HOH A O   1 
HETATM 973  O O   . HOH C 3 .   ? 5.732   12.094  4.252   1.00 34.40 ? 403 HOH A O   1 
HETATM 974  O O   . HOH C 3 .   ? 7.966   2.437   -5.382  1.00 51.68 ? 404 HOH A O   1 
HETATM 975  O O   . HOH C 3 .   ? -8.651  13.898  -1.831  1.00 28.96 ? 405 HOH A O   1 
HETATM 976  O O   . HOH C 3 .   ? -5.902  -8.820  -15.075 1.00 32.72 ? 406 HOH A O   1 
HETATM 977  O O   . HOH C 3 .   ? -0.422  -14.894 10.235  1.00 31.37 ? 407 HOH A O   1 
HETATM 978  O O   . HOH C 3 .   ? -0.294  -7.436  -12.251 1.00 23.13 ? 408 HOH A O   1 
HETATM 979  O O   . HOH C 3 .   ? -11.027 10.122  5.774   1.00 63.46 ? 409 HOH A O   1 
HETATM 980  O O   . HOH C 3 .   ? 2.848   1.486   18.264  1.00 68.13 ? 410 HOH A O   1 
HETATM 981  O O   . HOH C 3 .   ? -7.900  -7.051  -14.560 1.00 38.43 ? 411 HOH A O   1 
HETATM 982  O O   . HOH C 3 .   ? 18.358  4.127   6.457   1.00 42.24 ? 412 HOH A O   1 
HETATM 983  O O   . HOH C 3 .   ? -6.470  6.219   -17.568 1.00 27.06 ? 413 HOH A O   1 
HETATM 984  O O   . HOH C 3 .   ? 10.794  -11.422 -7.916  1.00 62.30 ? 414 HOH A O   1 
HETATM 985  O O   . HOH C 3 .   ? 5.160   -18.317 -11.989 1.00 41.62 ? 415 HOH A O   1 
HETATM 986  O O   . HOH C 3 .   ? -1.572  -24.415 -1.454  1.00 62.19 ? 416 HOH A O   1 
HETATM 987  O O   . HOH C 3 .   ? 4.707   -5.883  16.444  1.00 64.36 ? 417 HOH A O   1 
HETATM 988  O O   . HOH C 3 .   ? 2.928   -7.805  19.847  1.00 77.53 ? 418 HOH A O   1 
HETATM 989  O O   . HOH C 3 .   ? -1.011  -11.607 11.673  1.00 72.04 ? 419 HOH A O   1 
HETATM 990  O O   . HOH C 3 .   ? 5.995   -17.061 -3.504  1.00 44.26 ? 420 HOH A O   1 
HETATM 991  O O   . HOH C 3 .   ? 8.737   -14.588 3.125   1.00 69.83 ? 421 HOH A O   1 
HETATM 992  O O   . HOH C 3 .   ? 8.285   -16.728 6.592   1.00 42.97 ? 422 HOH A O   1 
HETATM 993  O O   . HOH C 3 .   ? 7.441   -15.362 11.312  1.00 57.96 ? 423 HOH A O   1 
HETATM 994  O O   . HOH C 3 .   ? 0.087   -22.068 3.505   1.00 48.70 ? 424 HOH A O   1 
HETATM 995  O O   . HOH C 3 .   ? -2.979  -21.901 0.002   1.00 74.85 ? 425 HOH A O   1 
HETATM 996  O O   . HOH C 3 .   ? 12.481  -12.727 -10.084 1.00 59.08 ? 426 HOH A O   1 
HETATM 997  O O   . HOH C 3 .   ? -6.836  13.576  5.988   1.00 43.04 ? 427 HOH A O   1 
HETATM 998  O O   . HOH C 3 .   ? -11.603 10.714  3.061   1.00 45.85 ? 428 HOH A O   1 
HETATM 999  O O   . HOH C 3 .   ? -10.287 -11.176 -1.669  1.00 27.98 ? 429 HOH A O   1 
HETATM 1000 O O   . HOH C 3 .   ? 1.258   5.772   -10.082 1.00 18.06 ? 430 HOH A O   1 
HETATM 1001 O O   . HOH C 3 .   ? -3.811  -8.741  -16.924 1.00 26.71 ? 431 HOH A O   1 
HETATM 1002 O O   . HOH C 3 .   ? 15.158  -7.421  1.447   1.00 39.67 ? 432 HOH A O   1 
HETATM 1003 O O   . HOH C 3 .   ? 1.542   -25.077 5.991   1.00 40.44 ? 433 HOH A O   1 
HETATM 1004 O O   . HOH C 3 .   ? 11.813  -1.426  -2.946  1.00 47.32 ? 434 HOH A O   1 
HETATM 1005 O O   . HOH C 3 .   ? 12.675  3.941   3.582   1.00 46.42 ? 435 HOH A O   1 
HETATM 1006 O O   . HOH C 3 .   ? -10.587 1.938   2.010   1.00 47.59 ? 436 HOH A O   1 
HETATM 1007 O O   . HOH C 3 .   ? 13.406  0.776   1.213   1.00 49.02 ? 437 HOH A O   1 
HETATM 1008 O O   . HOH C 3 .   ? 13.098  -2.053  4.368   1.00 30.71 ? 438 HOH A O   1 
HETATM 1009 O O   . HOH C 3 .   ? 13.839  1.419   5.217   1.00 41.15 ? 439 HOH A O   1 
HETATM 1010 O O   . HOH C 3 .   ? -7.037  -9.047  -3.142  1.00 44.35 ? 440 HOH A O   1 
HETATM 1011 O O   . HOH C 3 .   ? 6.120   15.609  -14.116 1.00 26.96 ? 441 HOH A O   1 
HETATM 1012 O O   . HOH C 3 .   ? 7.087   -17.095 0.197   1.00 57.09 ? 442 HOH A O   1 
HETATM 1013 O O   . HOH C 3 .   ? 6.494   13.065  -12.585 1.00 46.97 ? 443 HOH A O   1 
# 
